data_6N3P
#
_entry.id   6N3P
#
_cell.length_a   65.136
_cell.length_b   136.185
_cell.length_c   152.272
_cell.angle_alpha   90.000
_cell.angle_beta   90.000
_cell.angle_gamma   90.000
#
_symmetry.space_group_name_H-M   'P 21 21 21'
#
loop_
_entity.id
_entity.type
_entity.pdbx_description
1 polymer '3-hydroxyacyl-[acyl-carrier-protein] dehydratase FabZ'
2 polymer 'Acyl carrier protein'
3 non-polymer N~3~-{(2R)-4-[(dihydroxyphosphanyl)oxy]-2-hydroxy-3,3-dimethylbutanoyl}-N-(3-{[(1Z)-pent-1-en-1-yl]sulfonyl}propyl)-beta-alaninamide
4 water water
#
loop_
_entity_poly.entity_id
_entity_poly.type
_entity_poly.pdbx_seq_one_letter_code
_entity_poly.pdbx_strand_id
1 'polypeptide(L)'
;SNAMTTNTHTLQIEEILELLPHRFPFLLVDRVLDFEEGRFLRAVKNVSVNEPFFQGHFPGKPIFPGVLILEAMAQATGIL
AFKSVGKLEPGELYYFAGIDEARFKRPVVPGDQMIMEVTFEKTRRGLTRFKGVALVDGKVVCEATMMCARSREA
;
A,B,C,D,E,F
2 'polypeptide(L)' SNASTIEERVKKIIGEQLGVKQEEVTNNASFVEDLGADSLDTVELVMALEEEFDTEIPDEEAEKITTVQAAIDYINGHQA G,H,I,J,K,L
#
loop_
_chem_comp.id
_chem_comp.type
_chem_comp.name
_chem_comp.formula
XLN non-polymer N~3~-{(2R)-4-[(dihydroxyphosphanyl)oxy]-2-hydroxy-3,3-dimethylbutanoyl}-N-(3-{[(1Z)-pent-1-en-1-yl]sulfonyl}propyl)-beta-alaninamide 'C17 H33 N2 O8 P S'
#
# COMPACT_ATOMS: atom_id res chain seq x y z
N HIS A 9 -20.64 -22.80 -15.16
CA HIS A 9 -20.60 -22.78 -13.71
C HIS A 9 -19.74 -21.62 -13.22
N THR A 10 -20.08 -21.07 -12.05
CA THR A 10 -19.36 -19.93 -11.51
C THR A 10 -18.18 -20.34 -10.63
N LEU A 11 -17.27 -19.38 -10.46
CA LEU A 11 -16.13 -19.50 -9.57
C LEU A 11 -16.06 -18.24 -8.73
N GLN A 12 -16.10 -18.41 -7.42
CA GLN A 12 -15.92 -17.31 -6.50
C GLN A 12 -14.44 -17.06 -6.32
N ILE A 13 -14.12 -16.10 -5.46
CA ILE A 13 -12.74 -15.63 -5.34
C ILE A 13 -11.86 -16.68 -4.68
N GLU A 14 -12.41 -17.58 -3.86
CA GLU A 14 -11.58 -18.63 -3.27
C GLU A 14 -11.05 -19.60 -4.32
N GLU A 15 -11.91 -20.04 -5.23
CA GLU A 15 -11.47 -20.93 -6.29
C GLU A 15 -10.47 -20.24 -7.21
N ILE A 16 -10.70 -18.95 -7.46
CA ILE A 16 -9.75 -18.16 -8.25
C ILE A 16 -8.40 -18.13 -7.54
N LEU A 17 -8.42 -17.93 -6.22
CA LEU A 17 -7.17 -17.91 -5.46
C LEU A 17 -6.43 -19.23 -5.58
N GLU A 18 -7.17 -20.34 -5.66
CA GLU A 18 -6.52 -21.64 -5.79
C GLU A 18 -5.93 -21.84 -7.18
N LEU A 19 -6.51 -21.21 -8.20
CA LEU A 19 -6.03 -21.37 -9.56
C LEU A 19 -4.94 -20.36 -9.94
N LEU A 20 -5.15 -19.07 -9.62
CA LEU A 20 -4.12 -18.10 -10.00
C LEU A 20 -3.16 -17.86 -8.86
N PRO A 21 -1.88 -17.65 -9.16
CA PRO A 21 -0.92 -17.29 -8.10
C PRO A 21 -0.86 -15.80 -7.77
N HIS A 22 -1.49 -14.93 -8.55
CA HIS A 22 -1.41 -13.50 -8.34
C HIS A 22 -2.11 -13.09 -7.05
N ARG A 23 -1.56 -12.09 -6.38
CA ARG A 23 -2.08 -11.57 -5.12
C ARG A 23 -2.12 -10.04 -5.16
N PHE A 24 -2.55 -9.43 -4.07
CA PHE A 24 -2.65 -7.97 -4.03
C PHE A 24 -1.27 -7.35 -4.30
N PRO A 25 -1.20 -6.28 -5.12
CA PRO A 25 -2.32 -5.57 -5.69
C PRO A 25 -2.48 -5.87 -7.15
N PHE A 26 -2.14 -7.08 -7.57
CA PHE A 26 -2.08 -7.37 -8.99
C PHE A 26 -2.94 -8.56 -9.40
N LEU A 27 -3.86 -8.99 -8.54
CA LEU A 27 -4.93 -9.90 -8.90
C LEU A 27 -6.17 -9.09 -9.34
N LEU A 28 -6.59 -9.30 -10.58
CA LEU A 28 -7.55 -8.45 -11.25
C LEU A 28 -8.74 -9.22 -11.80
N VAL A 29 -9.07 -10.37 -11.23
CA VAL A 29 -10.28 -11.08 -11.59
C VAL A 29 -11.06 -11.26 -10.30
N ASP A 30 -12.26 -10.68 -10.24
CA ASP A 30 -13.06 -10.79 -9.03
C ASP A 30 -14.01 -11.98 -9.05
N ARG A 31 -14.51 -12.39 -10.23
CA ARG A 31 -15.42 -13.52 -10.28
C ARG A 31 -15.42 -14.14 -11.69
N VAL A 32 -15.82 -15.41 -11.79
CA VAL A 32 -16.00 -16.10 -13.08
C VAL A 32 -17.47 -16.48 -13.22
N LEU A 33 -18.15 -15.90 -14.21
CA LEU A 33 -19.60 -16.10 -14.37
C LEU A 33 -19.93 -17.40 -15.10
N ASP A 34 -19.17 -17.74 -16.13
CA ASP A 34 -19.41 -18.97 -16.87
C ASP A 34 -18.14 -19.26 -17.65
N PHE A 35 -17.98 -20.52 -18.04
CA PHE A 35 -16.84 -20.88 -18.88
C PHE A 35 -17.07 -22.26 -19.47
N GLU A 36 -16.44 -22.48 -20.62
CA GLU A 36 -16.33 -23.79 -21.24
C GLU A 36 -14.89 -24.16 -21.58
N GLU A 37 -14.47 -25.33 -21.11
CA GLU A 37 -13.09 -25.76 -21.30
C GLU A 37 -12.77 -25.78 -22.79
N GLY A 38 -11.65 -25.17 -23.14
CA GLY A 38 -11.21 -25.13 -24.52
C GLY A 38 -11.96 -24.18 -25.44
N ARG A 39 -12.90 -23.38 -24.93
CA ARG A 39 -13.62 -22.49 -25.82
C ARG A 39 -13.67 -21.05 -25.31
N PHE A 40 -14.32 -20.80 -24.18
CA PHE A 40 -14.49 -19.43 -23.72
C PHE A 40 -14.60 -19.35 -22.21
N LEU A 41 -14.45 -18.13 -21.70
CA LEU A 41 -14.65 -17.82 -20.30
C LEU A 41 -15.18 -16.39 -20.17
N ARG A 42 -16.16 -16.19 -19.29
CA ARG A 42 -16.70 -14.87 -18.96
C ARG A 42 -16.37 -14.56 -17.51
N ALA A 43 -15.67 -13.45 -17.27
CA ALA A 43 -15.26 -13.08 -15.91
C ALA A 43 -15.64 -11.63 -15.61
N VAL A 44 -15.55 -11.25 -14.33
CA VAL A 44 -15.96 -9.92 -13.88
C VAL A 44 -14.83 -9.30 -13.09
N LYS A 45 -14.48 -8.06 -13.46
CA LYS A 45 -13.63 -7.18 -12.67
C LYS A 45 -14.48 -5.99 -12.21
N ASN A 46 -14.66 -5.87 -10.88
CA ASN A 46 -15.35 -4.73 -10.28
C ASN A 46 -14.36 -3.58 -10.14
N VAL A 47 -14.67 -2.43 -10.74
CA VAL A 47 -13.79 -1.28 -10.68
C VAL A 47 -14.30 -0.37 -9.59
N SER A 48 -13.53 -0.24 -8.51
CA SER A 48 -13.85 0.62 -7.39
C SER A 48 -12.82 1.73 -7.26
N VAL A 49 -13.24 2.84 -6.66
CA VAL A 49 -12.29 3.91 -6.45
C VAL A 49 -11.28 3.54 -5.38
N ASN A 50 -11.56 2.49 -4.58
CA ASN A 50 -10.68 2.09 -3.50
C ASN A 50 -9.55 1.17 -3.99
N GLU A 51 -9.11 1.34 -5.28
CA GLU A 51 -7.99 0.57 -5.76
C GLU A 51 -6.72 1.43 -5.79
N PRO A 52 -5.56 0.81 -5.52
CA PRO A 52 -4.36 1.63 -5.24
C PRO A 52 -3.88 2.46 -6.42
N PHE A 53 -3.91 1.91 -7.64
CA PHE A 53 -3.43 2.65 -8.81
C PHE A 53 -4.22 3.94 -9.05
N PHE A 54 -5.46 4.03 -8.56
CA PHE A 54 -6.23 5.24 -8.77
C PHE A 54 -5.63 6.45 -8.07
N GLN A 55 -4.81 6.25 -7.03
CA GLN A 55 -4.20 7.45 -6.48
C GLN A 55 -3.00 7.90 -7.30
N GLY A 56 -2.56 7.11 -8.27
CA GLY A 56 -1.35 7.41 -9.01
C GLY A 56 -1.53 7.80 -10.47
N HIS A 57 -2.41 7.13 -11.19
CA HIS A 57 -2.67 7.47 -12.59
C HIS A 57 -3.71 8.59 -12.60
N PHE A 58 -3.30 9.77 -13.08
CA PHE A 58 -4.07 11.01 -13.12
C PHE A 58 -4.83 11.24 -11.82
N PRO A 59 -4.16 11.65 -10.76
CA PRO A 59 -4.87 11.96 -9.51
C PRO A 59 -5.88 13.07 -9.70
N GLY A 60 -7.13 12.80 -9.30
CA GLY A 60 -8.25 13.70 -9.45
C GLY A 60 -9.26 13.28 -10.49
N LYS A 61 -8.83 12.59 -11.55
CA LYS A 61 -9.73 12.07 -12.57
C LYS A 61 -9.54 10.56 -12.68
N PRO A 62 -10.14 9.79 -11.79
CA PRO A 62 -9.90 8.34 -11.75
C PRO A 62 -10.43 7.67 -13.00
N ILE A 63 -9.52 7.04 -13.75
CA ILE A 63 -9.85 6.24 -14.92
C ILE A 63 -8.97 5.01 -14.94
N PHE A 64 -9.58 3.85 -15.11
CA PHE A 64 -8.86 2.57 -15.09
C PHE A 64 -7.84 2.49 -16.23
N PRO A 65 -6.57 2.25 -15.95
CA PRO A 65 -5.55 2.19 -17.01
C PRO A 65 -5.80 1.05 -17.99
N GLY A 66 -5.56 1.33 -19.28
CA GLY A 66 -5.87 0.33 -20.29
C GLY A 66 -5.02 -0.92 -20.20
N VAL A 67 -3.74 -0.75 -19.83
CA VAL A 67 -2.84 -1.90 -19.66
C VAL A 67 -3.35 -2.79 -18.54
N LEU A 68 -4.12 -2.25 -17.60
CA LEU A 68 -4.70 -3.10 -16.58
C LEU A 68 -5.93 -3.84 -17.09
N ILE A 69 -6.63 -3.29 -18.09
CA ILE A 69 -7.65 -4.10 -18.77
C ILE A 69 -6.98 -5.28 -19.46
N LEU A 70 -5.86 -5.01 -20.13
CA LEU A 70 -5.15 -6.10 -20.78
C LEU A 70 -4.69 -7.15 -19.77
N GLU A 71 -4.13 -6.72 -18.63
CA GLU A 71 -3.68 -7.69 -17.63
C GLU A 71 -4.85 -8.51 -17.08
N ALA A 72 -6.00 -7.88 -16.85
CA ALA A 72 -7.16 -8.61 -16.36
C ALA A 72 -7.62 -9.66 -17.37
N MET A 73 -7.61 -9.30 -18.66
CA MET A 73 -7.97 -10.28 -19.68
C MET A 73 -6.96 -11.43 -19.75
N ALA A 74 -5.67 -11.13 -19.59
CA ALA A 74 -4.67 -12.21 -19.63
C ALA A 74 -4.85 -13.14 -18.44
N GLN A 75 -5.20 -12.61 -17.27
CA GLN A 75 -5.47 -13.48 -16.13
C GLN A 75 -6.72 -14.33 -16.36
N ALA A 76 -7.72 -13.77 -17.02
CA ALA A 76 -8.88 -14.57 -17.37
C ALA A 76 -8.50 -15.73 -18.29
N THR A 77 -7.67 -15.46 -19.32
CA THR A 77 -7.21 -16.55 -20.18
C THR A 77 -6.40 -17.56 -19.38
N GLY A 78 -5.68 -17.08 -18.35
CA GLY A 78 -4.96 -18.01 -17.50
C GLY A 78 -5.89 -18.97 -16.78
N ILE A 79 -6.99 -18.47 -16.24
CA ILE A 79 -7.98 -19.35 -15.61
C ILE A 79 -8.51 -20.36 -16.62
N LEU A 80 -8.86 -19.88 -17.82
CA LEU A 80 -9.40 -20.78 -18.83
C LEU A 80 -8.40 -21.88 -19.16
N ALA A 81 -7.11 -21.53 -19.30
CA ALA A 81 -6.09 -22.51 -19.63
C ALA A 81 -5.92 -23.53 -18.53
N PHE A 82 -5.89 -23.08 -17.28
CA PHE A 82 -5.72 -24.01 -16.17
C PHE A 82 -6.91 -24.95 -16.05
N LYS A 83 -8.08 -24.51 -16.47
CA LYS A 83 -9.23 -25.39 -16.43
C LYS A 83 -9.30 -26.30 -17.65
N SER A 84 -8.71 -25.89 -18.77
CA SER A 84 -8.78 -26.64 -20.02
C SER A 84 -7.66 -27.65 -20.20
N VAL A 85 -6.42 -27.26 -19.89
CA VAL A 85 -5.25 -28.10 -20.08
C VAL A 85 -4.62 -28.55 -18.77
N GLY A 86 -5.09 -28.05 -17.64
CA GLY A 86 -4.52 -28.45 -16.38
C GLY A 86 -3.92 -27.29 -15.61
N LYS A 87 -3.88 -27.44 -14.29
CA LYS A 87 -3.38 -26.39 -13.42
C LYS A 87 -1.88 -26.21 -13.57
N LEU A 88 -1.39 -25.12 -13.00
CA LEU A 88 0.04 -24.85 -12.97
C LEU A 88 0.69 -25.84 -12.03
N GLU A 89 1.48 -26.75 -12.53
CA GLU A 89 2.23 -27.55 -11.58
C GLU A 89 3.40 -26.73 -11.06
N PRO A 90 3.93 -27.07 -9.89
CA PRO A 90 5.05 -26.29 -9.33
C PRO A 90 6.22 -26.23 -10.30
N GLY A 91 6.70 -25.01 -10.53
CA GLY A 91 7.78 -24.74 -11.45
C GLY A 91 7.36 -24.30 -12.84
N GLU A 92 6.07 -24.06 -13.06
CA GLU A 92 5.56 -23.57 -14.32
C GLU A 92 5.16 -22.12 -14.17
N LEU A 93 5.44 -21.34 -15.20
CA LEU A 93 5.03 -19.96 -15.26
C LEU A 93 4.02 -19.81 -16.39
N TYR A 94 3.14 -18.83 -16.24
CA TYR A 94 2.20 -18.48 -17.29
C TYR A 94 2.55 -17.05 -17.69
N TYR A 95 3.09 -16.90 -18.89
CA TYR A 95 3.70 -15.67 -19.38
C TYR A 95 2.80 -14.97 -20.39
N PHE A 96 2.90 -13.64 -20.39
CA PHE A 96 2.36 -12.82 -21.47
C PHE A 96 3.40 -12.82 -22.59
N ALA A 97 3.08 -13.39 -23.75
CA ALA A 97 4.04 -13.42 -24.84
C ALA A 97 3.83 -12.34 -25.90
N GLY A 98 2.59 -11.95 -26.18
CA GLY A 98 2.39 -10.93 -27.19
C GLY A 98 0.98 -10.36 -27.19
N ILE A 99 0.84 -9.22 -27.80
CA ILE A 99 -0.42 -8.53 -27.91
C ILE A 99 -0.56 -8.03 -29.31
N ASP A 100 -1.72 -8.23 -29.90
CA ASP A 100 -1.97 -7.71 -31.22
C ASP A 100 -3.32 -7.06 -31.25
N GLU A 101 -3.46 -6.06 -32.10
CA GLU A 101 -4.74 -5.41 -32.32
C GLU A 101 -5.50 -4.97 -31.10
N ALA A 102 -4.85 -4.34 -30.15
CA ALA A 102 -5.55 -3.88 -28.98
C ALA A 102 -6.13 -2.53 -29.23
N ARG A 103 -7.35 -2.31 -28.81
CA ARG A 103 -8.03 -1.04 -28.98
C ARG A 103 -8.67 -0.65 -27.65
N PHE A 104 -8.43 0.57 -27.17
CA PHE A 104 -9.15 1.06 -26.00
C PHE A 104 -10.17 2.08 -26.50
N LYS A 105 -11.45 1.72 -26.41
CA LYS A 105 -12.53 2.41 -27.12
C LYS A 105 -13.36 3.34 -26.25
N ARG A 106 -13.47 3.06 -24.95
CA ARG A 106 -14.29 3.78 -24.01
C ARG A 106 -13.55 3.75 -22.68
N PRO A 107 -13.48 4.86 -21.95
CA PRO A 107 -12.81 4.84 -20.64
C PRO A 107 -13.64 4.08 -19.61
N VAL A 108 -12.96 3.38 -18.72
CA VAL A 108 -13.63 2.62 -17.65
C VAL A 108 -13.39 3.34 -16.33
N VAL A 109 -14.47 3.59 -15.59
CA VAL A 109 -14.45 4.50 -14.44
C VAL A 109 -14.89 3.73 -13.19
N PRO A 110 -14.62 4.28 -12.00
CA PRO A 110 -15.11 3.64 -10.77
C PRO A 110 -16.62 3.51 -10.78
N GLY A 111 -17.10 2.41 -10.22
CA GLY A 111 -18.50 2.09 -10.31
C GLY A 111 -18.85 1.19 -11.47
N ASP A 112 -17.97 1.08 -12.46
CA ASP A 112 -18.20 0.23 -13.61
C ASP A 112 -17.91 -1.24 -13.28
N GLN A 113 -18.74 -2.11 -13.80
CA GLN A 113 -18.54 -3.54 -13.66
C GLN A 113 -18.12 -4.04 -15.02
N MET A 114 -16.84 -4.39 -15.15
CA MET A 114 -16.26 -4.76 -16.42
C MET A 114 -16.40 -6.27 -16.63
N ILE A 115 -17.13 -6.66 -17.67
CA ILE A 115 -17.34 -8.05 -18.03
C ILE A 115 -16.38 -8.42 -19.16
N MET A 116 -15.54 -9.42 -18.92
CA MET A 116 -14.53 -9.86 -19.88
C MET A 116 -14.93 -11.20 -20.47
N GLU A 117 -14.81 -11.32 -21.78
CA GLU A 117 -15.03 -12.57 -22.47
C GLU A 117 -13.75 -12.87 -23.21
N VAL A 118 -13.11 -13.98 -22.85
CA VAL A 118 -11.91 -14.44 -23.53
C VAL A 118 -12.27 -15.72 -24.29
N THR A 119 -11.81 -15.80 -25.52
CA THR A 119 -12.15 -16.89 -26.42
C THR A 119 -10.86 -17.52 -26.93
N PHE A 120 -10.77 -18.82 -26.73
CA PHE A 120 -9.61 -19.60 -27.13
C PHE A 120 -9.59 -19.72 -28.65
N GLU A 121 -8.45 -19.44 -29.27
CA GLU A 121 -8.29 -19.62 -30.71
C GLU A 121 -7.46 -20.84 -31.04
N LYS A 122 -6.20 -20.85 -30.63
CA LYS A 122 -5.28 -21.88 -31.07
C LYS A 122 -4.22 -22.09 -29.99
N THR A 123 -3.62 -23.27 -29.99
CA THR A 123 -2.54 -23.65 -29.10
C THR A 123 -1.49 -24.41 -29.89
N ARG A 124 -0.23 -24.12 -29.62
CA ARG A 124 0.85 -24.85 -30.26
C ARG A 124 2.11 -24.66 -29.44
N ARG A 125 2.63 -25.76 -28.88
CA ARG A 125 3.86 -25.78 -28.09
C ARG A 125 3.80 -24.82 -26.90
N GLY A 126 2.70 -24.90 -26.13
CA GLY A 126 2.54 -24.07 -24.97
C GLY A 126 2.18 -22.63 -25.23
N LEU A 127 2.18 -22.18 -26.48
CA LEU A 127 1.73 -20.84 -26.82
C LEU A 127 0.25 -20.91 -27.20
N THR A 128 -0.53 -19.98 -26.65
CA THR A 128 -1.97 -19.98 -26.87
C THR A 128 -2.41 -18.57 -27.26
N ARG A 129 -3.18 -18.49 -28.34
CA ARG A 129 -3.74 -17.22 -28.81
C ARG A 129 -5.19 -17.12 -28.36
N PHE A 130 -5.54 -15.98 -27.77
CA PHE A 130 -6.89 -15.71 -27.31
C PHE A 130 -7.36 -14.39 -27.91
N LYS A 131 -8.68 -14.26 -28.03
CA LYS A 131 -9.30 -12.97 -28.29
C LYS A 131 -10.11 -12.55 -27.07
N GLY A 132 -9.87 -11.36 -26.57
CA GLY A 132 -10.56 -10.85 -25.39
C GLY A 132 -11.38 -9.63 -25.73
N VAL A 133 -12.57 -9.54 -25.14
CA VAL A 133 -13.41 -8.34 -25.24
C VAL A 133 -13.86 -7.96 -23.84
N ALA A 134 -13.69 -6.71 -23.49
CA ALA A 134 -14.18 -6.20 -22.21
C ALA A 134 -15.29 -5.19 -22.49
N LEU A 135 -16.42 -5.39 -21.80
CA LEU A 135 -17.62 -4.59 -21.93
C LEU A 135 -18.04 -4.01 -20.58
N VAL A 136 -18.65 -2.83 -20.64
CA VAL A 136 -19.27 -2.18 -19.50
C VAL A 136 -20.68 -1.80 -19.90
N ASP A 137 -21.67 -2.34 -19.20
CA ASP A 137 -23.08 -2.09 -19.49
C ASP A 137 -23.40 -2.42 -20.95
N GLY A 138 -22.83 -3.53 -21.43
CA GLY A 138 -23.06 -4.05 -22.76
C GLY A 138 -22.36 -3.35 -23.90
N LYS A 139 -21.67 -2.27 -23.66
CA LYS A 139 -20.92 -1.61 -24.72
C LYS A 139 -19.46 -2.01 -24.63
N VAL A 140 -18.86 -2.29 -25.77
CA VAL A 140 -17.46 -2.70 -25.81
C VAL A 140 -16.57 -1.53 -25.41
N VAL A 141 -15.75 -1.75 -24.40
CA VAL A 141 -14.78 -0.75 -23.95
C VAL A 141 -13.37 -1.12 -24.40
N CYS A 142 -13.11 -2.39 -24.64
CA CYS A 142 -11.77 -2.79 -25.05
C CYS A 142 -11.83 -4.14 -25.78
N GLU A 143 -10.91 -4.34 -26.70
CA GLU A 143 -10.78 -5.63 -27.36
C GLU A 143 -9.34 -5.82 -27.81
N ALA A 144 -8.86 -7.04 -27.70
CA ALA A 144 -7.45 -7.31 -27.99
C ALA A 144 -7.28 -8.77 -28.41
N THR A 145 -6.20 -9.05 -29.12
CA THR A 145 -5.79 -10.42 -29.40
C THR A 145 -4.52 -10.63 -28.58
N MET A 146 -4.50 -11.66 -27.75
CA MET A 146 -3.37 -11.87 -26.85
C MET A 146 -2.76 -13.24 -27.07
N MET A 147 -1.49 -13.37 -26.72
CA MET A 147 -0.78 -14.65 -26.77
C MET A 147 -0.07 -14.85 -25.45
N CYS A 148 -0.37 -15.97 -24.81
CA CYS A 148 0.21 -16.31 -23.52
C CYS A 148 0.91 -17.64 -23.64
N ALA A 149 2.00 -17.78 -22.89
CA ALA A 149 2.81 -18.99 -22.98
C ALA A 149 2.95 -19.62 -21.61
N ARG A 150 3.07 -20.93 -21.61
CA ARG A 150 3.37 -21.73 -20.44
C ARG A 150 4.74 -22.33 -20.70
N SER A 151 5.62 -22.34 -19.70
CA SER A 151 6.99 -22.78 -19.94
C SER A 151 7.73 -22.94 -18.62
N ARG A 152 8.96 -23.44 -18.74
CA ARG A 152 9.84 -23.77 -17.63
C ARG A 152 9.11 -24.60 -16.58
N THR B 8 23.32 16.11 -25.76
CA THR B 8 22.43 15.23 -25.00
C THR B 8 21.57 16.01 -24.00
N HIS B 9 20.26 15.86 -24.12
CA HIS B 9 19.26 16.64 -23.39
C HIS B 9 18.62 15.71 -22.37
N THR B 10 19.21 15.64 -21.18
CA THR B 10 18.66 14.79 -20.14
C THR B 10 17.59 15.52 -19.36
N LEU B 11 16.73 14.74 -18.71
CA LEU B 11 15.69 15.27 -17.84
C LEU B 11 15.69 14.45 -16.55
N GLN B 12 15.83 15.14 -15.41
CA GLN B 12 15.79 14.50 -14.12
C GLN B 12 14.36 14.32 -13.66
N ILE B 13 14.18 13.74 -12.47
CA ILE B 13 12.83 13.36 -12.04
C ILE B 13 11.97 14.60 -11.73
N GLU B 14 12.57 15.73 -11.38
CA GLU B 14 11.77 16.94 -11.15
C GLU B 14 11.13 17.44 -12.44
N GLU B 15 11.90 17.47 -13.53
CA GLU B 15 11.31 17.88 -14.79
C GLU B 15 10.23 16.90 -15.23
N ILE B 16 10.46 15.60 -15.02
CA ILE B 16 9.43 14.63 -15.38
C ILE B 16 8.17 14.89 -14.57
N LEU B 17 8.30 15.12 -13.27
CA LEU B 17 7.13 15.41 -12.44
C LEU B 17 6.39 16.63 -12.96
N GLU B 18 7.12 17.62 -13.51
CA GLU B 18 6.48 18.78 -14.11
C GLU B 18 5.83 18.47 -15.46
N LEU B 19 6.30 17.45 -16.17
CA LEU B 19 5.70 17.11 -17.46
C LEU B 19 4.57 16.09 -17.35
N LEU B 20 4.74 15.03 -16.58
CA LEU B 20 3.72 13.98 -16.48
C LEU B 20 2.86 14.19 -15.24
N PRO B 21 1.54 13.93 -15.29
CA PRO B 21 0.74 13.99 -14.07
C PRO B 21 0.76 12.72 -13.21
N HIS B 22 1.30 11.62 -13.69
CA HIS B 22 1.25 10.37 -12.93
C HIS B 22 2.06 10.49 -11.66
N ARG B 23 1.59 9.85 -10.61
CA ARG B 23 2.25 9.81 -9.32
C ARG B 23 2.23 8.36 -8.82
N PHE B 24 2.79 8.16 -7.63
CA PHE B 24 2.89 6.83 -7.06
C PHE B 24 1.51 6.21 -6.90
N PRO B 25 1.32 4.93 -7.26
CA PRO B 25 2.35 4.00 -7.72
C PRO B 25 2.34 3.71 -9.22
N PHE B 26 2.04 4.71 -10.05
CA PHE B 26 1.91 4.45 -11.47
C PHE B 26 2.77 5.37 -12.33
N LEU B 27 3.76 6.04 -11.72
CA LEU B 27 4.77 6.78 -12.48
C LEU B 27 5.95 5.87 -12.77
N LEU B 28 6.26 5.65 -14.03
CA LEU B 28 7.20 4.60 -14.38
C LEU B 28 8.34 5.08 -15.25
N VAL B 29 8.69 6.36 -15.21
CA VAL B 29 9.84 6.87 -15.94
C VAL B 29 10.74 7.56 -14.92
N ASP B 30 11.94 7.01 -14.72
CA ASP B 30 12.86 7.58 -13.75
C ASP B 30 13.79 8.62 -14.36
N ARG B 31 14.16 8.47 -15.62
CA ARG B 31 15.09 9.44 -16.18
C ARG B 31 14.89 9.50 -17.69
N VAL B 32 15.29 10.63 -18.27
CA VAL B 32 15.28 10.82 -19.71
C VAL B 32 16.71 11.08 -20.13
N LEU B 33 17.27 10.20 -20.97
CA LEU B 33 18.66 10.32 -21.40
C LEU B 33 18.81 11.32 -22.55
N ASP B 34 17.87 11.32 -23.49
CA ASP B 34 17.98 12.19 -24.65
C ASP B 34 16.61 12.27 -25.31
N PHE B 35 16.43 13.28 -26.15
CA PHE B 35 15.19 13.42 -26.91
C PHE B 35 15.39 14.48 -27.99
N GLU B 36 14.66 14.34 -29.08
CA GLU B 36 14.57 15.34 -30.13
C GLU B 36 13.10 15.61 -30.45
N GLU B 37 12.71 16.88 -30.43
CA GLU B 37 11.31 17.22 -30.59
C GLU B 37 10.74 16.65 -31.88
N GLY B 38 9.62 15.94 -31.78
CA GLY B 38 8.97 15.36 -32.92
C GLY B 38 9.65 14.15 -33.51
N ARG B 39 10.73 13.65 -32.89
CA ARG B 39 11.48 12.55 -33.48
C ARG B 39 11.60 11.37 -32.52
N PHE B 40 12.30 11.53 -31.39
CA PHE B 40 12.50 10.42 -30.47
C PHE B 40 12.73 10.91 -29.06
N LEU B 41 12.63 9.96 -28.11
CA LEU B 41 12.99 10.13 -26.71
C LEU B 41 13.52 8.81 -26.16
N ARG B 42 14.60 8.88 -25.40
CA ARG B 42 15.18 7.72 -24.71
C ARG B 42 15.06 7.94 -23.22
N ALA B 43 14.46 6.99 -22.52
CA ALA B 43 14.26 7.12 -21.09
C ALA B 43 14.74 5.86 -20.38
N VAL B 44 14.80 5.94 -19.06
CA VAL B 44 15.29 4.88 -18.19
C VAL B 44 14.26 4.60 -17.13
N LYS B 45 13.97 3.30 -16.93
CA LYS B 45 13.22 2.76 -15.80
C LYS B 45 14.15 1.90 -14.97
N ASN B 46 14.37 2.27 -13.71
CA ASN B 46 15.12 1.44 -12.78
C ASN B 46 14.16 0.41 -12.17
N VAL B 47 14.48 -0.87 -12.29
CA VAL B 47 13.61 -1.91 -11.76
C VAL B 47 14.13 -2.37 -10.41
N SER B 48 13.38 -2.07 -9.34
CA SER B 48 13.76 -2.48 -8.01
C SER B 48 12.72 -3.44 -7.46
N VAL B 49 13.16 -4.31 -6.56
CA VAL B 49 12.25 -5.27 -5.92
C VAL B 49 11.31 -4.61 -4.92
N ASN B 50 11.59 -3.35 -4.53
CA ASN B 50 10.79 -2.61 -3.58
C ASN B 50 9.63 -1.91 -4.31
N GLU B 51 9.17 -2.47 -5.39
CA GLU B 51 8.00 -1.83 -5.98
C GLU B 51 6.75 -2.61 -5.66
N PRO B 52 5.61 -1.93 -5.53
CA PRO B 52 4.44 -2.59 -4.91
C PRO B 52 3.91 -3.77 -5.70
N PHE B 53 3.86 -3.68 -7.03
CA PHE B 53 3.33 -4.80 -7.80
C PHE B 53 4.11 -6.09 -7.58
N PHE B 54 5.39 -6.00 -7.19
CA PHE B 54 6.18 -7.21 -6.94
C PHE B 54 5.65 -8.03 -5.77
N GLN B 55 4.86 -7.48 -4.87
CA GLN B 55 4.29 -8.39 -3.89
C GLN B 55 3.07 -9.14 -4.41
N GLY B 56 2.58 -8.78 -5.59
CA GLY B 56 1.36 -9.38 -6.11
C GLY B 56 1.52 -10.26 -7.32
N HIS B 57 2.34 -9.88 -8.29
CA HIS B 57 2.49 -10.69 -9.49
C HIS B 57 3.47 -11.80 -9.18
N PHE B 58 2.99 -13.05 -9.22
CA PHE B 58 3.73 -14.27 -8.90
C PHE B 58 4.60 -14.03 -7.67
N PRO B 59 4.03 -13.98 -6.48
CA PRO B 59 4.85 -13.81 -5.28
C PRO B 59 5.85 -14.94 -5.14
N GLY B 60 7.12 -14.57 -4.97
CA GLY B 60 8.21 -15.50 -4.83
C GLY B 60 9.15 -15.56 -6.03
N LYS B 61 8.63 -15.30 -7.23
CA LYS B 61 9.44 -15.26 -8.44
C LYS B 61 9.23 -13.90 -9.08
N PRO B 62 9.91 -12.86 -8.58
CA PRO B 62 9.64 -11.49 -9.05
C PRO B 62 10.09 -11.27 -10.49
N ILE B 63 9.13 -10.92 -11.35
CA ILE B 63 9.36 -10.62 -12.75
C ILE B 63 8.51 -9.43 -13.15
N PHE B 64 9.13 -8.42 -13.76
CA PHE B 64 8.42 -7.20 -14.12
C PHE B 64 7.32 -7.47 -15.15
N PRO B 65 6.06 -7.12 -14.86
CA PRO B 65 4.97 -7.40 -15.81
C PRO B 65 5.11 -6.66 -17.14
N GLY B 66 4.76 -7.35 -18.23
CA GLY B 66 4.94 -6.75 -19.55
C GLY B 66 4.03 -5.56 -19.79
N VAL B 67 2.79 -5.62 -19.28
CA VAL B 67 1.87 -4.51 -19.49
C VAL B 67 2.40 -3.23 -18.86
N LEU B 68 3.23 -3.34 -17.82
CA LEU B 68 3.86 -2.16 -17.23
C LEU B 68 5.03 -1.68 -18.09
N ILE B 69 5.69 -2.57 -18.84
CA ILE B 69 6.66 -2.11 -19.82
C ILE B 69 5.97 -1.25 -20.86
N LEU B 70 4.81 -1.71 -21.34
CA LEU B 70 4.04 -0.91 -22.29
C LEU B 70 3.62 0.42 -21.69
N GLU B 71 3.18 0.42 -20.42
CA GLU B 71 2.81 1.69 -19.80
C GLU B 71 4.00 2.64 -19.68
N ALA B 72 5.20 2.10 -19.37
CA ALA B 72 6.37 2.97 -19.30
C ALA B 72 6.71 3.57 -20.66
N MET B 73 6.60 2.77 -21.72
CA MET B 73 6.80 3.32 -23.06
C MET B 73 5.76 4.38 -23.39
N ALA B 74 4.51 4.16 -22.99
CA ALA B 74 3.46 5.14 -23.25
C ALA B 74 3.74 6.45 -22.50
N GLN B 75 4.22 6.35 -21.26
CA GLN B 75 4.57 7.58 -20.55
C GLN B 75 5.74 8.29 -21.22
N ALA B 76 6.70 7.52 -21.76
CA ALA B 76 7.81 8.13 -22.49
C ALA B 76 7.30 8.90 -23.72
N THR B 77 6.39 8.30 -24.49
CA THR B 77 5.80 9.06 -25.61
C THR B 77 5.01 10.27 -25.12
N GLY B 78 4.40 10.17 -23.93
CA GLY B 78 3.73 11.33 -23.35
C GLY B 78 4.68 12.48 -23.13
N ILE B 79 5.87 12.19 -22.59
CA ILE B 79 6.88 13.22 -22.41
C ILE B 79 7.27 13.80 -23.76
N LEU B 80 7.54 12.93 -24.73
CA LEU B 80 7.97 13.38 -26.05
C LEU B 80 6.94 14.29 -26.69
N ALA B 81 5.65 13.93 -26.58
CA ALA B 81 4.58 14.75 -27.15
C ALA B 81 4.47 16.09 -26.43
N PHE B 82 4.53 16.10 -25.10
CA PHE B 82 4.45 17.37 -24.40
C PHE B 82 5.63 18.24 -24.75
N LYS B 83 6.77 17.65 -25.06
CA LYS B 83 7.90 18.47 -25.44
C LYS B 83 7.84 18.92 -26.89
N SER B 84 7.16 18.16 -27.76
CA SER B 84 7.12 18.49 -29.19
C SER B 84 5.96 19.41 -29.53
N VAL B 85 4.81 19.16 -28.92
CA VAL B 85 3.64 20.00 -29.04
C VAL B 85 3.52 20.58 -27.64
N GLY B 86 2.53 21.41 -27.38
CA GLY B 86 2.38 21.96 -26.04
C GLY B 86 2.10 20.91 -24.98
N LYS B 87 2.35 21.30 -23.74
CA LYS B 87 1.92 20.47 -22.63
C LYS B 87 0.39 20.54 -22.52
N LEU B 88 -0.18 19.75 -21.62
CA LEU B 88 -1.63 19.58 -21.55
C LEU B 88 -2.31 20.90 -21.17
N GLU B 89 -3.11 21.45 -22.10
CA GLU B 89 -3.95 22.60 -21.82
C GLU B 89 -5.15 22.16 -20.98
N PRO B 90 -5.80 23.09 -20.27
CA PRO B 90 -6.93 22.72 -19.42
C PRO B 90 -7.99 21.93 -20.19
N GLY B 91 -8.33 20.76 -19.67
CA GLY B 91 -9.26 19.86 -20.28
C GLY B 91 -8.62 18.78 -21.11
N GLU B 92 -7.40 18.99 -21.60
CA GLU B 92 -6.75 17.99 -22.45
C GLU B 92 -6.28 16.81 -21.62
N LEU B 93 -6.54 15.62 -22.13
CA LEU B 93 -6.03 14.39 -21.55
C LEU B 93 -5.17 13.67 -22.58
N TYR B 94 -4.25 12.82 -22.11
CA TYR B 94 -3.39 12.04 -23.00
C TYR B 94 -3.72 10.55 -22.84
N TYR B 95 -4.28 9.96 -23.88
CA TYR B 95 -4.84 8.61 -23.79
C TYR B 95 -3.97 7.60 -24.54
N PHE B 96 -3.87 6.41 -23.95
CA PHE B 96 -3.40 5.22 -24.65
C PHE B 96 -4.58 4.77 -25.48
N ALA B 97 -4.46 4.88 -26.80
CA ALA B 97 -5.56 4.51 -27.67
C ALA B 97 -5.42 3.09 -28.21
N GLY B 98 -4.22 2.64 -28.48
CA GLY B 98 -4.09 1.31 -29.03
C GLY B 98 -2.68 0.79 -28.98
N ILE B 99 -2.58 -0.52 -29.12
CA ILE B 99 -1.31 -1.25 -29.15
C ILE B 99 -1.37 -2.22 -30.30
N ASP B 100 -0.27 -2.33 -30.97
CA ASP B 100 -0.13 -3.24 -32.05
C ASP B 100 1.26 -3.82 -32.19
N GLU B 101 1.35 -5.03 -32.69
CA GLU B 101 2.61 -5.67 -32.95
C GLU B 101 3.56 -5.69 -31.79
N ALA B 102 3.05 -6.05 -30.63
CA ALA B 102 3.84 -6.10 -29.43
C ALA B 102 4.33 -7.48 -29.08
N ARG B 103 5.60 -7.57 -28.76
CA ARG B 103 6.29 -8.81 -28.44
C ARG B 103 7.13 -8.62 -27.17
N PHE B 104 7.00 -9.56 -26.22
CA PHE B 104 7.84 -9.63 -25.02
C PHE B 104 8.87 -10.72 -25.20
N LYS B 105 10.15 -10.32 -25.27
CA LYS B 105 11.19 -11.24 -25.71
C LYS B 105 12.07 -11.82 -24.60
N ARG B 106 12.29 -11.09 -23.51
CA ARG B 106 13.18 -11.55 -22.46
C ARG B 106 12.61 -11.02 -21.15
N PRO B 107 12.59 -11.83 -20.09
CA PRO B 107 11.99 -11.34 -18.84
C PRO B 107 12.90 -10.30 -18.19
N VAL B 108 12.29 -9.29 -17.58
CA VAL B 108 13.02 -8.25 -16.85
C VAL B 108 12.83 -8.48 -15.36
N VAL B 109 13.94 -8.50 -14.62
CA VAL B 109 13.94 -8.87 -13.21
C VAL B 109 14.50 -7.70 -12.42
N PRO B 110 14.26 -7.68 -11.11
CA PRO B 110 14.87 -6.63 -10.27
C PRO B 110 16.39 -6.62 -10.39
N GLY B 111 16.95 -5.41 -10.31
CA GLY B 111 18.34 -5.15 -10.58
C GLY B 111 18.61 -4.67 -11.99
N ASP B 112 17.65 -4.87 -12.90
CA ASP B 112 17.78 -4.46 -14.29
C ASP B 112 17.48 -2.98 -14.49
N GLN B 113 18.20 -2.37 -15.41
CA GLN B 113 17.93 -1.01 -15.84
C GLN B 113 17.41 -1.05 -17.27
N MET B 114 16.12 -0.81 -17.44
CA MET B 114 15.50 -0.89 -18.75
C MET B 114 15.57 0.46 -19.46
N ILE B 115 16.28 0.49 -20.61
CA ILE B 115 16.43 1.67 -21.46
C ILE B 115 15.41 1.57 -22.57
N MET B 116 14.57 2.59 -22.71
CA MET B 116 13.50 2.66 -23.70
C MET B 116 13.79 3.72 -24.73
N GLU B 117 13.53 3.39 -25.99
CA GLU B 117 13.57 4.35 -27.08
C GLU B 117 12.23 4.36 -27.77
N VAL B 118 11.56 5.51 -27.71
CA VAL B 118 10.29 5.72 -28.41
C VAL B 118 10.53 6.75 -29.51
N THR B 119 9.98 6.46 -30.67
CA THR B 119 10.19 7.23 -31.88
C THR B 119 8.86 7.48 -32.58
N PHE B 120 8.64 8.72 -32.99
CA PHE B 120 7.42 9.11 -33.68
C PHE B 120 7.36 8.57 -35.12
N GLU B 121 6.19 8.04 -35.54
CA GLU B 121 5.97 7.55 -36.90
C GLU B 121 5.08 8.44 -37.76
N LYS B 122 3.82 8.62 -37.36
CA LYS B 122 2.83 9.33 -38.17
C LYS B 122 1.89 10.08 -37.22
N THR B 123 1.24 11.14 -37.71
CA THR B 123 0.30 11.92 -36.89
C THR B 123 -0.88 12.39 -37.73
N ARG B 124 -2.07 12.35 -37.16
CA ARG B 124 -3.21 12.86 -37.83
C ARG B 124 -4.19 13.32 -36.80
N ARG B 125 -4.20 14.63 -36.59
CA ARG B 125 -5.08 15.31 -35.65
C ARG B 125 -5.09 14.87 -34.21
N GLY B 126 -3.94 14.82 -33.58
CA GLY B 126 -3.93 14.46 -32.18
C GLY B 126 -3.75 12.99 -31.96
N LEU B 127 -3.96 12.22 -32.99
CA LEU B 127 -3.70 10.78 -32.91
C LEU B 127 -2.30 10.55 -33.43
N THR B 128 -1.47 9.86 -32.64
CA THR B 128 -0.06 9.70 -32.96
C THR B 128 0.38 8.27 -32.77
N ARG B 129 1.05 7.73 -33.79
CA ARG B 129 1.59 6.38 -33.77
C ARG B 129 3.07 6.45 -33.42
N PHE B 130 3.50 5.61 -32.48
CA PHE B 130 4.87 5.52 -32.05
C PHE B 130 5.40 4.10 -32.21
N LYS B 131 6.72 4.00 -32.31
CA LYS B 131 7.44 2.75 -32.21
C LYS B 131 8.23 2.78 -30.90
N GLY B 132 8.07 1.76 -30.08
CA GLY B 132 8.79 1.65 -28.83
C GLY B 132 9.65 0.41 -28.82
N VAL B 133 10.86 0.54 -28.29
CA VAL B 133 11.73 -0.61 -28.05
C VAL B 133 12.36 -0.47 -26.68
N ALA B 134 12.34 -1.55 -25.89
CA ALA B 134 12.93 -1.60 -24.57
C ALA B 134 14.08 -2.61 -24.54
N LEU B 135 15.22 -2.18 -23.99
CA LEU B 135 16.45 -2.96 -23.91
C LEU B 135 16.94 -3.05 -22.47
N VAL B 136 17.58 -4.17 -22.15
CA VAL B 136 18.25 -4.39 -20.88
C VAL B 136 19.62 -4.99 -21.17
N ASP B 137 20.67 -4.29 -20.79
CA ASP B 137 22.04 -4.79 -21.01
C ASP B 137 22.28 -5.14 -22.47
N GLY B 138 21.83 -4.27 -23.37
CA GLY B 138 22.06 -4.48 -24.78
C GLY B 138 21.21 -5.52 -25.47
N LYS B 139 20.33 -6.21 -24.76
CA LYS B 139 19.42 -7.16 -25.39
C LYS B 139 18.01 -6.58 -25.47
N VAL B 140 17.38 -6.72 -26.64
CA VAL B 140 16.02 -6.22 -26.79
C VAL B 140 15.12 -7.06 -25.92
N VAL B 141 14.37 -6.40 -25.05
CA VAL B 141 13.44 -7.09 -24.18
C VAL B 141 11.99 -6.91 -24.61
N CYS B 142 11.66 -5.82 -25.29
CA CYS B 142 10.27 -5.64 -25.69
C CYS B 142 10.25 -4.70 -26.89
N GLU B 143 9.25 -4.85 -27.74
CA GLU B 143 9.07 -3.95 -28.86
C GLU B 143 7.59 -3.88 -29.17
N ALA B 144 7.10 -2.68 -29.47
CA ALA B 144 5.67 -2.49 -29.69
C ALA B 144 5.42 -1.28 -30.58
N THR B 145 4.25 -1.26 -31.20
CA THR B 145 3.73 -0.08 -31.87
C THR B 145 2.58 0.44 -31.05
N MET B 146 2.61 1.72 -30.70
CA MET B 146 1.59 2.27 -29.83
C MET B 146 0.89 3.40 -30.56
N MET B 147 -0.33 3.71 -30.15
CA MET B 147 -0.95 4.93 -30.62
C MET B 147 -1.62 5.62 -29.43
N CYS B 148 -1.29 6.89 -29.27
CA CYS B 148 -1.79 7.73 -28.20
C CYS B 148 -2.50 8.95 -28.80
N ALA B 149 -3.54 9.38 -28.12
CA ALA B 149 -4.37 10.49 -28.58
C ALA B 149 -4.50 11.55 -27.50
N ARG B 150 -4.65 12.80 -27.92
CA ARG B 150 -4.91 13.91 -27.01
C ARG B 150 -6.34 14.35 -27.28
N SER B 151 -7.15 14.49 -26.24
CA SER B 151 -8.58 14.75 -26.47
C SER B 151 -9.27 15.22 -25.20
N ARG B 152 -10.60 15.34 -25.31
CA ARG B 152 -11.51 15.91 -24.31
C ARG B 152 -11.02 17.22 -23.73
N THR C 8 1.17 -12.87 35.24
CA THR C 8 0.07 -12.03 34.78
C THR C 8 -0.39 -12.52 33.42
N HIS C 9 -1.68 -12.31 33.15
CA HIS C 9 -2.27 -12.71 31.88
C HIS C 9 -2.12 -11.61 30.82
N THR C 10 -0.90 -11.19 30.61
CA THR C 10 -0.68 -10.23 29.53
C THR C 10 -0.42 -11.02 28.25
N LEU C 11 -0.63 -10.36 27.12
CA LEU C 11 -0.35 -10.98 25.82
C LEU C 11 0.36 -9.96 24.96
N GLN C 12 1.56 -10.31 24.48
CA GLN C 12 2.33 -9.51 23.56
C GLN C 12 1.86 -9.76 22.13
N ILE C 13 2.49 -9.11 21.16
CA ILE C 13 1.94 -9.16 19.81
C ILE C 13 2.10 -10.55 19.19
N GLU C 14 3.11 -11.34 19.63
CA GLU C 14 3.28 -12.66 19.04
C GLU C 14 2.14 -13.60 19.42
N GLU C 15 1.73 -13.60 20.71
CA GLU C 15 0.59 -14.42 21.08
C GLU C 15 -0.68 -13.95 20.37
N ILE C 16 -0.83 -12.64 20.18
CA ILE C 16 -1.99 -12.11 19.47
C ILE C 16 -2.02 -12.61 18.03
N LEU C 17 -0.88 -12.60 17.34
CA LEU C 17 -0.83 -13.16 15.99
C LEU C 17 -1.18 -14.64 15.99
N GLU C 18 -0.82 -15.36 17.04
CA GLU C 18 -1.18 -16.77 17.14
C GLU C 18 -2.69 -16.96 17.35
N LEU C 19 -3.35 -15.98 17.97
CA LEU C 19 -4.78 -16.08 18.27
C LEU C 19 -5.69 -15.52 17.18
N LEU C 20 -5.36 -14.38 16.63
CA LEU C 20 -6.16 -13.74 15.60
C LEU C 20 -5.60 -14.04 14.21
N PRO C 21 -6.42 -14.21 13.17
CA PRO C 21 -5.89 -14.30 11.81
C PRO C 21 -5.66 -12.95 11.14
N HIS C 22 -6.16 -11.86 11.75
CA HIS C 22 -6.07 -10.56 11.13
C HIS C 22 -4.62 -10.14 10.96
N ARG C 23 -4.33 -9.51 9.82
CA ARG C 23 -2.97 -9.06 9.49
C ARG C 23 -3.04 -7.66 8.93
N PHE C 24 -1.89 -7.12 8.54
CA PHE C 24 -1.84 -5.76 8.00
C PHE C 24 -2.66 -5.69 6.71
N PRO C 25 -3.50 -4.65 6.54
CA PRO C 25 -3.61 -3.51 7.45
C PRO C 25 -4.83 -3.51 8.35
N PHE C 26 -5.32 -4.66 8.82
CA PHE C 26 -6.58 -4.68 9.55
C PHE C 26 -6.50 -5.34 10.92
N LEU C 27 -5.31 -5.61 11.42
CA LEU C 27 -5.12 -6.05 12.80
C LEU C 27 -4.94 -4.82 13.68
N LEU C 28 -5.83 -4.64 14.68
CA LEU C 28 -5.89 -3.40 15.43
C LEU C 28 -5.75 -3.60 16.94
N VAL C 29 -5.12 -4.69 17.35
CA VAL C 29 -4.83 -4.93 18.76
C VAL C 29 -3.33 -5.09 18.89
N ASP C 30 -2.69 -4.18 19.60
CA ASP C 30 -1.24 -4.21 19.74
C ASP C 30 -0.80 -4.93 21.00
N ARG C 31 -1.60 -4.93 22.06
CA ARG C 31 -1.20 -5.59 23.30
C ARG C 31 -2.43 -5.92 24.13
N VAL C 32 -2.32 -6.96 24.98
CA VAL C 32 -3.39 -7.29 25.93
C VAL C 32 -2.82 -7.14 27.33
N LEU C 33 -3.39 -6.22 28.10
CA LEU C 33 -2.89 -5.92 29.43
C LEU C 33 -3.41 -6.91 30.45
N ASP C 34 -4.68 -7.31 30.33
CA ASP C 34 -5.19 -8.24 31.32
C ASP C 34 -6.45 -8.90 30.80
N PHE C 35 -6.81 -10.03 31.39
CA PHE C 35 -8.09 -10.62 31.07
C PHE C 35 -8.42 -11.68 32.12
N GLU C 36 -9.70 -11.89 32.34
CA GLU C 36 -10.23 -12.97 33.17
C GLU C 36 -11.14 -13.76 32.27
N GLU C 37 -10.83 -15.05 32.10
CA GLU C 37 -11.48 -15.86 31.09
C GLU C 37 -12.98 -15.92 31.35
N GLY C 38 -13.75 -15.65 30.30
CA GLY C 38 -15.19 -15.64 30.40
C GLY C 38 -15.77 -14.43 31.09
N ARG C 39 -14.94 -13.46 31.46
CA ARG C 39 -15.43 -12.28 32.17
C ARG C 39 -15.04 -11.03 31.42
N PHE C 40 -13.76 -10.70 31.35
CA PHE C 40 -13.42 -9.44 30.71
C PHE C 40 -12.02 -9.51 30.15
N LEU C 41 -11.70 -8.55 29.30
CA LEU C 41 -10.38 -8.39 28.71
C LEU C 41 -10.08 -6.91 28.49
N ARG C 42 -8.86 -6.51 28.83
CA ARG C 42 -8.34 -5.17 28.65
C ARG C 42 -7.16 -5.22 27.68
N ALA C 43 -7.26 -4.46 26.59
CA ALA C 43 -6.26 -4.43 25.52
C ALA C 43 -5.87 -2.99 25.21
N VAL C 44 -4.82 -2.83 24.39
CA VAL C 44 -4.25 -1.54 24.01
C VAL C 44 -4.17 -1.43 22.50
N LYS C 45 -4.64 -0.32 21.95
CA LYS C 45 -4.37 0.09 20.58
C LYS C 45 -3.57 1.39 20.60
N ASN C 46 -2.36 1.35 20.06
CA ASN C 46 -1.56 2.57 19.91
C ASN C 46 -1.92 3.29 18.62
N VAL C 47 -2.30 4.56 18.73
CA VAL C 47 -2.67 5.38 17.58
C VAL C 47 -1.49 6.23 17.15
N SER C 48 -0.94 5.92 15.99
CA SER C 48 0.17 6.61 15.36
C SER C 48 -0.28 7.28 14.06
N VAL C 49 0.42 8.34 13.67
CA VAL C 49 0.11 8.98 12.39
C VAL C 49 0.59 8.15 11.20
N ASN C 50 1.48 7.19 11.44
CA ASN C 50 2.05 6.36 10.40
C ASN C 50 1.17 5.16 10.04
N GLU C 51 -0.09 5.27 10.20
CA GLU C 51 -1.01 4.22 9.81
C GLU C 51 -1.70 4.57 8.51
N PRO C 52 -2.02 3.57 7.68
CA PRO C 52 -2.44 3.90 6.30
C PRO C 52 -3.75 4.65 6.20
N PHE C 53 -4.76 4.32 7.01
CA PHE C 53 -6.04 5.02 6.85
C PHE C 53 -5.91 6.53 7.07
N PHE C 54 -4.91 6.99 7.82
CA PHE C 54 -4.77 8.42 8.05
C PHE C 54 -4.46 9.19 6.78
N GLN C 55 -3.98 8.53 5.72
CA GLN C 55 -3.77 9.34 4.53
C GLN C 55 -5.06 9.58 3.74
N GLY C 56 -6.16 8.92 4.12
CA GLY C 56 -7.43 8.99 3.40
C GLY C 56 -8.58 9.64 4.13
N HIS C 57 -8.75 9.36 5.42
CA HIS C 57 -9.87 9.92 6.18
C HIS C 57 -9.47 11.31 6.62
N PHE C 58 -10.18 12.32 6.08
CA PHE C 58 -9.88 13.73 6.27
C PHE C 58 -8.38 13.95 6.19
N PRO C 59 -7.79 13.91 4.99
CA PRO C 59 -6.36 14.22 4.88
C PRO C 59 -6.14 15.65 5.34
N GLY C 60 -5.23 15.82 6.31
CA GLY C 60 -4.96 17.11 6.91
C GLY C 60 -5.50 17.24 8.32
N LYS C 61 -6.59 16.51 8.62
CA LYS C 61 -7.22 16.47 9.93
C LYS C 61 -7.21 15.02 10.42
N PRO C 62 -6.07 14.55 10.94
CA PRO C 62 -5.96 13.14 11.36
C PRO C 62 -6.82 12.86 12.58
N ILE C 63 -7.85 12.02 12.42
CA ILE C 63 -8.72 11.57 13.51
C ILE C 63 -9.04 10.10 13.31
N PHE C 64 -8.89 9.30 14.36
CA PHE C 64 -9.13 7.87 14.26
C PHE C 64 -10.60 7.58 13.96
N PRO C 65 -10.91 6.85 12.88
CA PRO C 65 -12.31 6.57 12.54
C PRO C 65 -13.02 5.71 13.58
N GLY C 66 -14.28 6.06 13.83
CA GLY C 66 -15.03 5.37 14.87
C GLY C 66 -15.29 3.92 14.54
N VAL C 67 -15.54 3.64 13.25
CA VAL C 67 -15.77 2.26 12.83
C VAL C 67 -14.54 1.41 13.09
N LEU C 68 -13.36 2.03 13.10
CA LEU C 68 -12.17 1.27 13.46
C LEU C 68 -12.06 1.08 14.96
N ILE C 69 -12.62 1.99 15.76
CA ILE C 69 -12.72 1.70 17.18
C ILE C 69 -13.60 0.49 17.42
N LEU C 70 -14.72 0.42 16.71
CA LEU C 70 -15.59 -0.74 16.84
C LEU C 70 -14.89 -2.02 16.39
N GLU C 71 -14.19 -1.98 15.25
CA GLU C 71 -13.47 -3.18 14.82
C GLU C 71 -12.41 -3.57 15.82
N ALA C 72 -11.74 -2.59 16.44
CA ALA C 72 -10.71 -2.90 17.42
C ALA C 72 -11.30 -3.60 18.64
N MET C 73 -12.42 -3.10 19.13
CA MET C 73 -13.08 -3.76 20.25
C MET C 73 -13.55 -5.15 19.85
N ALA C 74 -14.06 -5.31 18.63
CA ALA C 74 -14.49 -6.61 18.17
C ALA C 74 -13.33 -7.59 18.13
N GLN C 75 -12.15 -7.12 17.74
CA GLN C 75 -10.99 -8.02 17.75
C GLN C 75 -10.60 -8.40 19.18
N ALA C 76 -10.70 -7.46 20.12
CA ALA C 76 -10.43 -7.81 21.52
C ALA C 76 -11.41 -8.87 22.01
N THR C 77 -12.69 -8.74 21.63
CA THR C 77 -13.65 -9.78 22.00
C THR C 77 -13.28 -11.11 21.37
N GLY C 78 -12.73 -11.07 20.16
CA GLY C 78 -12.24 -12.30 19.57
C GLY C 78 -11.16 -12.94 20.42
N ILE C 79 -10.22 -12.13 20.90
CA ILE C 79 -9.15 -12.65 21.76
C ILE C 79 -9.73 -13.28 23.01
N LEU C 80 -10.64 -12.55 23.67
CA LEU C 80 -11.23 -13.03 24.91
C LEU C 80 -11.97 -14.33 24.67
N ALA C 81 -12.72 -14.43 23.56
CA ALA C 81 -13.48 -15.64 23.28
C ALA C 81 -12.57 -16.83 23.01
N PHE C 82 -11.50 -16.61 22.22
CA PHE C 82 -10.58 -17.71 21.94
C PHE C 82 -9.86 -18.16 23.19
N LYS C 83 -9.68 -17.25 24.15
CA LYS C 83 -9.05 -17.63 25.42
C LYS C 83 -10.03 -18.32 26.37
N SER C 84 -11.32 -18.01 26.26
CA SER C 84 -12.31 -18.56 27.18
C SER C 84 -12.97 -19.84 26.67
N VAL C 85 -13.25 -19.94 25.37
CA VAL C 85 -13.98 -21.07 24.81
C VAL C 85 -13.11 -22.01 23.99
N GLY C 86 -12.01 -21.53 23.42
CA GLY C 86 -11.11 -22.38 22.65
C GLY C 86 -10.69 -21.65 21.40
N LYS C 87 -9.50 -22.00 20.90
CA LYS C 87 -8.99 -21.32 19.73
C LYS C 87 -9.81 -21.69 18.49
N LEU C 88 -9.60 -20.91 17.44
CA LEU C 88 -10.31 -21.05 16.19
C LEU C 88 -9.88 -22.31 15.46
N GLU C 89 -10.81 -23.24 15.23
CA GLU C 89 -10.55 -24.39 14.37
C GLU C 89 -10.54 -23.97 12.90
N PRO C 90 -9.94 -24.79 12.01
CA PRO C 90 -9.89 -24.39 10.58
C PRO C 90 -11.24 -24.02 9.97
N GLY C 91 -12.22 -24.92 10.05
CA GLY C 91 -13.52 -24.60 9.49
C GLY C 91 -14.34 -23.78 10.46
N GLU C 92 -13.88 -22.55 10.73
CA GLU C 92 -14.54 -21.71 11.73
C GLU C 92 -14.26 -20.26 11.41
N LEU C 93 -15.30 -19.44 11.42
CA LEU C 93 -15.17 -17.99 11.27
C LEU C 93 -15.68 -17.30 12.52
N TYR C 94 -15.19 -16.11 12.75
CA TYR C 94 -15.67 -15.27 13.83
C TYR C 94 -16.26 -14.03 13.17
N TYR C 95 -17.58 -13.91 13.27
CA TYR C 95 -18.35 -12.90 12.56
C TYR C 95 -18.79 -11.80 13.51
N PHE C 96 -18.81 -10.59 12.98
CA PHE C 96 -19.47 -9.45 13.60
C PHE C 96 -20.95 -9.56 13.22
N ALA C 97 -21.84 -9.77 14.19
CA ALA C 97 -23.25 -9.87 13.88
C ALA C 97 -24.00 -8.56 14.06
N GLY C 98 -23.66 -7.75 15.07
CA GLY C 98 -24.45 -6.56 15.29
C GLY C 98 -23.85 -5.58 16.28
N ILE C 99 -24.43 -4.37 16.27
CA ILE C 99 -24.05 -3.27 17.14
C ILE C 99 -25.32 -2.68 17.75
N ASP C 100 -25.25 -2.35 19.04
CA ASP C 100 -26.32 -1.66 19.75
C ASP C 100 -25.73 -0.51 20.55
N GLU C 101 -26.45 0.61 20.56
CA GLU C 101 -26.15 1.76 21.40
C GLU C 101 -24.66 2.09 21.43
N ALA C 102 -24.12 2.39 20.26
CA ALA C 102 -22.73 2.78 20.14
C ALA C 102 -22.64 4.30 20.14
N ARG C 103 -21.80 4.84 21.03
CA ARG C 103 -21.63 6.27 21.18
C ARG C 103 -20.16 6.63 21.07
N PHE C 104 -19.88 7.65 20.26
CA PHE C 104 -18.54 8.20 20.12
C PHE C 104 -18.53 9.52 20.86
N LYS C 105 -17.77 9.59 21.95
CA LYS C 105 -17.87 10.72 22.86
C LYS C 105 -16.73 11.72 22.71
N ARG C 106 -15.54 11.28 22.31
CA ARG C 106 -14.39 12.15 22.22
C ARG C 106 -13.55 11.66 21.05
N PRO C 107 -13.01 12.55 20.23
CA PRO C 107 -12.20 12.11 19.09
C PRO C 107 -10.84 11.55 19.51
N VAL C 108 -10.38 10.54 18.79
CA VAL C 108 -9.10 9.90 19.05
C VAL C 108 -8.11 10.35 17.97
N VAL C 109 -6.95 10.83 18.41
CA VAL C 109 -5.98 11.49 17.54
C VAL C 109 -4.68 10.74 17.62
N PRO C 110 -3.77 10.96 16.68
CA PRO C 110 -2.43 10.38 16.81
C PRO C 110 -1.76 10.83 18.10
N GLY C 111 -0.98 9.94 18.68
CA GLY C 111 -0.41 10.14 20.00
C GLY C 111 -1.18 9.47 21.11
N ASP C 112 -2.44 9.13 20.87
CA ASP C 112 -3.30 8.51 21.88
C ASP C 112 -3.01 7.04 22.06
N GLN C 113 -3.10 6.58 23.30
CA GLN C 113 -3.00 5.17 23.64
C GLN C 113 -4.39 4.75 24.09
N MET C 114 -5.13 4.07 23.22
CA MET C 114 -6.53 3.74 23.47
C MET C 114 -6.63 2.42 24.23
N ILE C 115 -7.24 2.47 25.39
CA ILE C 115 -7.45 1.30 26.24
C ILE C 115 -8.84 0.77 25.95
N MET C 116 -8.95 -0.48 25.53
CA MET C 116 -10.25 -1.08 25.29
C MET C 116 -10.53 -2.09 26.37
N GLU C 117 -11.72 -2.05 26.94
CA GLU C 117 -12.14 -3.07 27.89
C GLU C 117 -13.46 -3.66 27.41
N VAL C 118 -13.45 -4.97 27.15
CA VAL C 118 -14.63 -5.72 26.72
C VAL C 118 -15.03 -6.70 27.83
N THR C 119 -16.34 -6.78 28.11
CA THR C 119 -16.88 -7.60 29.18
C THR C 119 -17.97 -8.50 28.62
N PHE C 120 -17.89 -9.79 28.95
CA PHE C 120 -18.85 -10.78 28.47
C PHE C 120 -20.18 -10.62 29.20
N GLU C 121 -21.27 -10.62 28.44
CA GLU C 121 -22.61 -10.48 29.00
C GLU C 121 -23.42 -11.77 28.93
N LYS C 122 -23.74 -12.22 27.72
CA LYS C 122 -24.65 -13.34 27.50
C LYS C 122 -24.21 -14.09 26.25
N THR C 123 -24.58 -15.37 26.21
CA THR C 123 -24.31 -16.28 25.10
C THR C 123 -25.50 -17.18 24.86
N ARG C 124 -25.79 -17.45 23.60
CA ARG C 124 -26.83 -18.38 23.20
C ARG C 124 -26.45 -18.84 21.82
N ARG C 125 -26.54 -20.12 21.60
CA ARG C 125 -26.15 -20.74 20.35
C ARG C 125 -24.74 -20.35 20.07
N GLY C 126 -24.46 -19.83 18.90
CA GLY C 126 -23.09 -19.39 18.65
C GLY C 126 -22.86 -17.92 18.92
N LEU C 127 -23.90 -17.19 19.24
CA LEU C 127 -23.85 -15.77 19.47
C LEU C 127 -23.42 -15.37 20.82
N THR C 128 -22.61 -14.33 20.90
CA THR C 128 -22.11 -13.85 22.18
C THR C 128 -22.21 -12.34 22.18
N ARG C 129 -22.80 -11.78 23.23
CA ARG C 129 -22.95 -10.33 23.38
C ARG C 129 -21.89 -9.80 24.33
N PHE C 130 -21.21 -8.74 23.93
CA PHE C 130 -20.19 -8.11 24.74
C PHE C 130 -20.54 -6.63 24.93
N LYS C 131 -20.04 -6.06 26.01
CA LYS C 131 -20.08 -4.62 26.20
C LYS C 131 -18.67 -4.08 26.19
N GLY C 132 -18.42 -3.08 25.36
CA GLY C 132 -17.10 -2.51 25.20
C GLY C 132 -17.06 -1.04 25.58
N VAL C 133 -15.93 -0.62 26.18
CA VAL C 133 -15.65 0.80 26.41
C VAL C 133 -14.21 1.07 26.00
N ALA C 134 -14.00 2.19 25.31
CA ALA C 134 -12.66 2.62 24.94
C ALA C 134 -12.33 3.91 25.68
N LEU C 135 -11.12 3.98 26.24
CA LEU C 135 -10.67 5.12 27.02
C LEU C 135 -9.36 5.66 26.48
N VAL C 136 -9.20 6.99 26.59
CA VAL C 136 -7.96 7.68 26.31
C VAL C 136 -7.68 8.64 27.47
N ASP C 137 -6.54 8.45 28.13
CA ASP C 137 -6.15 9.23 29.30
C ASP C 137 -7.23 9.17 30.37
N GLY C 138 -7.82 8.00 30.56
CA GLY C 138 -8.86 7.84 31.56
C GLY C 138 -10.21 8.40 31.18
N LYS C 139 -10.36 9.05 30.02
CA LYS C 139 -11.64 9.55 29.59
C LYS C 139 -12.27 8.62 28.56
N VAL C 140 -13.56 8.36 28.70
CA VAL C 140 -14.23 7.48 27.76
C VAL C 140 -14.34 8.20 26.43
N VAL C 141 -13.84 7.56 25.36
CA VAL C 141 -13.95 8.13 24.03
C VAL C 141 -15.06 7.44 23.27
N CYS C 142 -15.37 6.20 23.64
CA CYS C 142 -16.37 5.43 22.91
C CYS C 142 -16.93 4.32 23.79
N GLU C 143 -18.16 3.94 23.51
CA GLU C 143 -18.74 2.77 24.16
C GLU C 143 -19.79 2.15 23.24
N ALA C 144 -19.83 0.81 23.22
CA ALA C 144 -20.74 0.11 22.35
C ALA C 144 -21.05 -1.26 22.94
N THR C 145 -22.18 -1.82 22.50
CA THR C 145 -22.56 -3.20 22.77
C THR C 145 -22.48 -3.99 21.47
N MET C 146 -21.79 -5.13 21.50
CA MET C 146 -21.54 -5.89 20.29
C MET C 146 -21.99 -7.32 20.43
N MET C 147 -22.23 -7.92 19.28
CA MET C 147 -22.63 -9.31 19.18
C MET C 147 -21.77 -9.98 18.14
N CYS C 148 -21.11 -11.05 18.53
CA CYS C 148 -20.22 -11.77 17.65
C CYS C 148 -20.69 -13.21 17.60
N ALA C 149 -20.54 -13.84 16.44
CA ALA C 149 -20.99 -15.20 16.22
C ALA C 149 -19.81 -16.06 15.81
N ARG C 150 -19.84 -17.35 16.15
CA ARG C 150 -18.72 -18.23 15.83
C ARG C 150 -19.09 -19.26 14.78
N SER C 151 -18.23 -19.38 13.77
CA SER C 151 -18.41 -20.23 12.60
C SER C 151 -19.80 -20.11 12.01
N ASN D 7 -36.35 11.67 -14.69
CA ASN D 7 -35.93 10.29 -14.86
C ASN D 7 -35.07 9.82 -13.67
N THR D 8 -33.82 10.26 -13.63
CA THR D 8 -32.89 9.83 -12.59
C THR D 8 -31.84 10.89 -12.36
N HIS D 9 -31.24 10.88 -11.17
CA HIS D 9 -30.31 11.92 -10.73
C HIS D 9 -29.05 11.23 -10.22
N THR D 10 -28.11 10.97 -11.12
CA THR D 10 -26.87 10.31 -10.75
C THR D 10 -25.77 11.29 -10.38
N LEU D 11 -24.76 10.79 -9.69
CA LEU D 11 -23.54 11.53 -9.39
C LEU D 11 -22.36 10.61 -9.72
N GLN D 12 -21.45 11.09 -10.56
CA GLN D 12 -20.25 10.36 -10.93
C GLN D 12 -19.16 10.57 -9.88
N ILE D 13 -18.01 9.94 -10.12
CA ILE D 13 -16.95 9.95 -9.12
C ILE D 13 -16.33 11.35 -8.97
N GLU D 14 -16.41 12.19 -10.00
CA GLU D 14 -15.85 13.54 -9.89
C GLU D 14 -16.69 14.39 -8.94
N GLU D 15 -18.00 14.32 -9.06
CA GLU D 15 -18.85 15.06 -8.12
C GLU D 15 -18.67 14.53 -6.71
N ILE D 16 -18.54 13.21 -6.56
CA ILE D 16 -18.31 12.65 -5.24
C ILE D 16 -17.00 13.18 -4.66
N LEU D 17 -15.96 13.27 -5.48
CA LEU D 17 -14.69 13.83 -5.00
C LEU D 17 -14.85 15.29 -4.57
N GLU D 18 -15.71 16.05 -5.27
CA GLU D 18 -15.94 17.45 -4.85
C GLU D 18 -16.79 17.56 -3.60
N LEU D 19 -17.64 16.57 -3.33
CA LEU D 19 -18.51 16.61 -2.16
C LEU D 19 -17.85 15.98 -0.94
N LEU D 20 -17.29 14.79 -1.08
CA LEU D 20 -16.71 14.16 0.11
C LEU D 20 -15.22 14.49 0.20
N PRO D 21 -14.65 14.69 1.39
CA PRO D 21 -13.20 14.91 1.48
C PRO D 21 -12.38 13.63 1.57
N HIS D 22 -13.02 12.48 1.76
CA HIS D 22 -12.26 11.25 1.93
C HIS D 22 -11.53 10.88 0.64
N ARG D 23 -10.34 10.32 0.81
CA ARG D 23 -9.50 9.89 -0.30
C ARG D 23 -8.98 8.49 -0.01
N PHE D 24 -8.17 7.94 -0.92
CA PHE D 24 -7.68 6.56 -0.74
C PHE D 24 -6.89 6.45 0.56
N PRO D 25 -7.09 5.37 1.35
CA PRO D 25 -7.95 4.23 1.10
C PRO D 25 -9.26 4.24 1.88
N PHE D 26 -9.86 5.40 2.12
CA PHE D 26 -11.04 5.42 2.97
C PHE D 26 -12.21 6.08 2.27
N LEU D 27 -12.12 6.30 0.97
CA LEU D 27 -13.26 6.72 0.17
C LEU D 27 -13.95 5.46 -0.33
N LEU D 28 -15.24 5.30 0.05
CA LEU D 28 -15.97 4.05 -0.11
C LEU D 28 -17.28 4.20 -0.85
N VAL D 29 -17.47 5.27 -1.61
CA VAL D 29 -18.66 5.40 -2.45
C VAL D 29 -18.21 5.62 -3.88
N ASP D 30 -18.56 4.68 -4.75
CA ASP D 30 -18.15 4.73 -6.14
C ASP D 30 -19.16 5.45 -7.01
N ARG D 31 -20.45 5.37 -6.71
CA ARG D 31 -21.37 6.07 -7.59
C ARG D 31 -22.67 6.36 -6.86
N VAL D 32 -23.40 7.36 -7.35
CA VAL D 32 -24.72 7.69 -6.83
C VAL D 32 -25.73 7.46 -7.95
N LEU D 33 -26.68 6.54 -7.72
CA LEU D 33 -27.68 6.21 -8.73
C LEU D 33 -28.86 7.17 -8.72
N ASP D 34 -29.33 7.58 -7.54
CA ASP D 34 -30.46 8.47 -7.45
C ASP D 34 -30.49 9.12 -6.07
N PHE D 35 -31.25 10.17 -5.98
CA PHE D 35 -31.43 10.88 -4.74
C PHE D 35 -32.41 12.02 -4.87
N GLU D 36 -33.09 12.31 -3.79
CA GLU D 36 -34.03 13.40 -3.73
C GLU D 36 -33.65 14.17 -2.48
N GLU D 37 -33.12 15.36 -2.67
CA GLU D 37 -32.63 16.26 -1.64
C GLU D 37 -33.36 16.27 -0.34
N GLY D 38 -32.65 16.04 0.74
CA GLY D 38 -33.28 15.98 2.05
C GLY D 38 -34.19 14.78 2.29
N ARG D 39 -34.20 13.80 1.38
CA ARG D 39 -35.13 12.69 1.49
C ARG D 39 -34.40 11.35 1.51
N PHE D 40 -33.75 10.95 0.41
CA PHE D 40 -33.09 9.66 0.38
C PHE D 40 -31.97 9.75 -0.64
N LEU D 41 -31.06 8.78 -0.59
CA LEU D 41 -29.97 8.68 -1.56
C LEU D 41 -29.64 7.20 -1.77
N ARG D 42 -29.48 6.79 -3.02
CA ARG D 42 -29.08 5.42 -3.35
C ARG D 42 -27.70 5.45 -3.99
N ALA D 43 -26.76 4.71 -3.43
CA ALA D 43 -25.36 4.71 -3.82
C ALA D 43 -24.87 3.30 -4.12
N VAL D 44 -23.69 3.21 -4.72
CA VAL D 44 -23.09 1.94 -5.13
C VAL D 44 -21.65 1.88 -4.67
N LYS D 45 -21.31 0.78 -3.97
CA LYS D 45 -19.95 0.39 -3.64
C LYS D 45 -19.64 -0.91 -4.38
N ASN D 46 -18.66 -0.88 -5.26
CA ASN D 46 -18.17 -2.09 -5.93
C ASN D 46 -17.18 -2.81 -5.02
N VAL D 47 -17.40 -4.10 -4.78
CA VAL D 47 -16.48 -4.87 -3.95
C VAL D 47 -15.54 -5.62 -4.88
N SER D 48 -14.26 -5.23 -4.88
CA SER D 48 -13.22 -5.86 -5.66
C SER D 48 -12.18 -6.47 -4.74
N VAL D 49 -11.51 -7.52 -5.23
CA VAL D 49 -10.45 -8.15 -4.44
C VAL D 49 -9.21 -7.27 -4.41
N ASN D 50 -9.11 -6.30 -5.32
CA ASN D 50 -7.96 -5.41 -5.37
C ASN D 50 -8.09 -4.25 -4.39
N GLU D 51 -8.83 -4.46 -3.27
CA GLU D 51 -8.89 -3.40 -2.28
C GLU D 51 -7.99 -3.73 -1.10
N PRO D 52 -7.36 -2.72 -0.48
CA PRO D 52 -6.22 -2.99 0.42
C PRO D 52 -6.56 -3.80 1.66
N PHE D 53 -7.74 -3.56 2.27
CA PHE D 53 -8.10 -4.31 3.48
C PHE D 53 -8.19 -5.82 3.24
N PHE D 54 -8.45 -6.26 2.01
CA PHE D 54 -8.54 -7.69 1.77
C PHE D 54 -7.20 -8.39 1.97
N GLN D 55 -6.08 -7.67 1.93
CA GLN D 55 -4.90 -8.46 2.24
C GLN D 55 -4.71 -8.68 3.73
N GLY D 56 -5.49 -8.02 4.58
CA GLY D 56 -5.28 -8.14 6.01
C GLY D 56 -6.36 -8.82 6.83
N HIS D 57 -7.64 -8.52 6.58
CA HIS D 57 -8.70 -9.15 7.35
C HIS D 57 -8.98 -10.54 6.78
N PHE D 58 -8.74 -11.57 7.61
CA PHE D 58 -8.79 -12.99 7.26
C PHE D 58 -8.16 -13.26 5.90
N PRO D 59 -6.83 -13.24 5.80
CA PRO D 59 -6.19 -13.57 4.52
C PRO D 59 -6.50 -15.00 4.10
N GLY D 60 -7.01 -15.15 2.88
CA GLY D 60 -7.41 -16.42 2.33
C GLY D 60 -8.92 -16.57 2.19
N LYS D 61 -9.71 -15.92 3.05
CA LYS D 61 -11.16 -15.89 2.99
C LYS D 61 -11.62 -14.45 2.94
N PRO D 62 -11.56 -13.80 1.77
CA PRO D 62 -11.92 -12.38 1.67
C PRO D 62 -13.40 -12.13 1.90
N ILE D 63 -13.69 -11.32 2.93
CA ILE D 63 -15.06 -10.91 3.24
C ILE D 63 -15.04 -9.43 3.63
N PHE D 64 -15.90 -8.66 3.00
CA PHE D 64 -15.93 -7.23 3.25
C PHE D 64 -16.31 -6.95 4.70
N PRO D 65 -15.46 -6.23 5.45
CA PRO D 65 -15.77 -5.98 6.87
C PRO D 65 -17.06 -5.18 7.07
N GLY D 66 -17.82 -5.58 8.10
CA GLY D 66 -19.11 -4.95 8.33
C GLY D 66 -18.98 -3.50 8.73
N VAL D 67 -17.94 -3.18 9.50
CA VAL D 67 -17.73 -1.79 9.92
C VAL D 67 -17.50 -0.90 8.70
N LEU D 68 -16.94 -1.48 7.62
CA LEU D 68 -16.76 -0.71 6.38
C LEU D 68 -18.07 -0.55 5.62
N ILE D 69 -19.02 -1.47 5.78
CA ILE D 69 -20.36 -1.20 5.27
C ILE D 69 -20.97 0.01 5.98
N LEU D 70 -20.81 0.05 7.31
CA LEU D 70 -21.31 1.21 8.06
C LEU D 70 -20.63 2.51 7.63
N GLU D 71 -19.32 2.47 7.42
CA GLU D 71 -18.63 3.67 6.93
C GLU D 71 -19.15 4.08 5.56
N ALA D 72 -19.43 3.09 4.69
CA ALA D 72 -19.93 3.39 3.35
C ALA D 72 -21.28 4.07 3.41
N MET D 73 -22.17 3.58 4.29
CA MET D 73 -23.47 4.22 4.49
C MET D 73 -23.31 5.64 5.04
N ALA D 74 -22.36 5.83 5.95
CA ALA D 74 -22.12 7.16 6.50
C ALA D 74 -21.67 8.12 5.40
N GLN D 75 -20.81 7.66 4.50
CA GLN D 75 -20.38 8.55 3.41
C GLN D 75 -21.52 8.82 2.43
N ALA D 76 -22.39 7.83 2.18
CA ALA D 76 -23.55 8.12 1.34
C ALA D 76 -24.43 9.19 1.99
N THR D 77 -24.62 9.10 3.29
CA THR D 77 -25.36 10.12 4.03
C THR D 77 -24.66 11.47 4.01
N GLY D 78 -23.33 11.46 4.04
CA GLY D 78 -22.58 12.70 3.92
C GLY D 78 -22.85 13.39 2.60
N ILE D 79 -22.86 12.62 1.51
CA ILE D 79 -23.19 13.17 0.20
C ILE D 79 -24.60 13.76 0.21
N LEU D 80 -25.56 12.99 0.73
CA LEU D 80 -26.93 13.48 0.76
C LEU D 80 -27.02 14.78 1.54
N ALA D 81 -26.34 14.86 2.69
CA ALA D 81 -26.38 16.03 3.54
C ALA D 81 -25.73 17.24 2.87
N PHE D 82 -24.57 17.03 2.24
CA PHE D 82 -23.89 18.12 1.56
C PHE D 82 -24.70 18.61 0.37
N LYS D 83 -25.49 17.73 -0.27
CA LYS D 83 -26.32 18.17 -1.38
C LYS D 83 -27.58 18.85 -0.90
N SER D 84 -28.07 18.51 0.29
CA SER D 84 -29.33 19.08 0.72
C SER D 84 -29.10 20.40 1.46
N VAL D 85 -28.08 20.46 2.30
CA VAL D 85 -27.68 21.65 3.03
C VAL D 85 -26.37 22.05 2.36
N GLY D 86 -25.72 23.10 2.83
CA GLY D 86 -24.47 23.52 2.23
C GLY D 86 -23.41 22.43 2.26
N LYS D 87 -22.45 22.57 1.34
CA LYS D 87 -21.28 21.71 1.27
C LYS D 87 -20.41 21.97 2.50
N LEU D 88 -19.37 21.16 2.71
CA LEU D 88 -18.52 21.40 3.88
C LEU D 88 -17.72 22.68 3.71
N GLU D 89 -17.99 23.67 4.55
CA GLU D 89 -17.18 24.87 4.61
C GLU D 89 -15.89 24.63 5.40
N PRO D 90 -14.88 25.47 5.18
CA PRO D 90 -13.64 25.36 5.97
C PRO D 90 -13.94 25.48 7.46
N GLY D 91 -13.47 24.49 8.22
CA GLY D 91 -13.69 24.42 9.65
C GLY D 91 -14.87 23.58 10.05
N GLU D 92 -15.50 22.90 9.11
CA GLU D 92 -16.61 22.03 9.39
C GLU D 92 -16.09 20.61 9.31
N LEU D 93 -16.50 19.80 10.26
CA LEU D 93 -16.22 18.37 10.24
C LEU D 93 -17.53 17.63 10.14
N TYR D 94 -17.45 16.44 9.57
CA TYR D 94 -18.60 15.55 9.47
C TYR D 94 -18.27 14.30 10.27
N TYR D 95 -18.96 14.14 11.39
CA TYR D 95 -18.63 13.14 12.39
C TYR D 95 -19.65 12.02 12.38
N PHE D 96 -19.20 10.83 12.67
CA PHE D 96 -20.09 9.74 13.03
C PHE D 96 -20.43 9.96 14.50
N ALA D 97 -21.70 10.22 14.81
CA ALA D 97 -21.98 10.48 16.22
C ALA D 97 -22.41 9.22 16.95
N GLY D 98 -23.19 8.36 16.30
CA GLY D 98 -23.62 7.17 17.00
C GLY D 98 -24.27 6.18 16.06
N ILE D 99 -24.39 4.96 16.56
CA ILE D 99 -25.04 3.88 15.83
C ILE D 99 -26.01 3.18 16.77
N ASP D 100 -27.17 2.83 16.24
CA ASP D 100 -28.22 2.06 16.91
C ASP D 100 -28.69 0.96 15.95
N GLU D 101 -29.01 -0.18 16.53
CA GLU D 101 -29.66 -1.28 15.82
C GLU D 101 -29.01 -1.58 14.46
N ALA D 102 -27.71 -1.90 14.49
CA ALA D 102 -27.01 -2.34 13.28
C ALA D 102 -26.93 -3.86 13.28
N ARG D 103 -27.37 -4.46 12.18
CA ARG D 103 -27.39 -5.91 11.99
C ARG D 103 -26.74 -6.28 10.67
N PHE D 104 -25.80 -7.22 10.73
CA PHE D 104 -25.14 -7.73 9.53
C PHE D 104 -25.77 -9.08 9.21
N LYS D 105 -26.48 -9.15 8.09
CA LYS D 105 -27.31 -10.30 7.80
C LYS D 105 -26.69 -11.25 6.81
N ARG D 106 -25.83 -10.78 5.91
CA ARG D 106 -25.26 -11.62 4.88
C ARG D 106 -23.84 -11.16 4.60
N PRO D 107 -22.90 -12.08 4.41
CA PRO D 107 -21.52 -11.66 4.10
C PRO D 107 -21.41 -11.10 2.70
N VAL D 108 -20.58 -10.08 2.55
CA VAL D 108 -20.32 -9.44 1.28
C VAL D 108 -18.93 -9.86 0.80
N VAL D 109 -18.86 -10.31 -0.44
CA VAL D 109 -17.63 -10.91 -0.97
C VAL D 109 -17.23 -10.17 -2.24
N PRO D 110 -15.97 -10.32 -2.67
CA PRO D 110 -15.55 -9.74 -3.95
C PRO D 110 -16.43 -10.18 -5.11
N GLY D 111 -16.62 -9.27 -6.05
CA GLY D 111 -17.54 -9.45 -7.14
C GLY D 111 -18.92 -8.89 -6.90
N ASP D 112 -19.28 -8.68 -5.63
CA ASP D 112 -20.59 -8.16 -5.28
C ASP D 112 -20.63 -6.67 -5.53
N GLN D 113 -21.79 -6.19 -5.94
CA GLN D 113 -22.03 -4.78 -6.09
C GLN D 113 -23.04 -4.41 -5.01
N MET D 114 -22.58 -3.72 -3.99
CA MET D 114 -23.41 -3.40 -2.85
C MET D 114 -24.15 -2.09 -3.13
N ILE D 115 -25.47 -2.15 -3.14
CA ILE D 115 -26.34 -1.01 -3.35
C ILE D 115 -26.77 -0.51 -1.97
N MET D 116 -26.47 0.72 -1.62
CA MET D 116 -26.84 1.28 -0.33
C MET D 116 -27.93 2.31 -0.52
N GLU D 117 -28.95 2.28 0.32
CA GLU D 117 -29.95 3.33 0.31
C GLU D 117 -30.06 3.91 1.71
N VAL D 118 -29.80 5.20 1.82
CA VAL D 118 -29.94 5.92 3.09
C VAL D 118 -31.17 6.83 3.02
N THR D 119 -31.97 6.81 4.08
CA THR D 119 -33.17 7.63 4.14
C THR D 119 -33.12 8.44 5.42
N PHE D 120 -33.24 9.77 5.26
CA PHE D 120 -33.21 10.68 6.41
C PHE D 120 -34.50 10.59 7.19
N GLU D 121 -34.37 10.51 8.51
CA GLU D 121 -35.53 10.48 9.39
C GLU D 121 -35.74 11.87 9.97
N LYS D 122 -34.76 12.37 10.71
CA LYS D 122 -34.98 13.63 11.38
C LYS D 122 -33.65 14.36 11.53
N THR D 123 -33.70 15.69 11.46
CA THR D 123 -32.49 16.49 11.61
C THR D 123 -32.83 17.77 12.34
N ARG D 124 -31.99 18.15 13.30
CA ARG D 124 -32.16 19.34 14.12
C ARG D 124 -30.80 19.72 14.67
N ARG D 125 -30.40 20.99 14.47
CA ARG D 125 -29.14 21.54 14.97
C ARG D 125 -27.92 20.90 14.31
N GLY D 126 -28.04 20.52 13.04
CA GLY D 126 -26.92 19.94 12.33
C GLY D 126 -26.69 18.46 12.59
N LEU D 127 -27.40 17.87 13.53
CA LEU D 127 -27.35 16.44 13.80
C LEU D 127 -28.47 15.71 13.05
N THR D 128 -28.13 14.60 12.36
CA THR D 128 -29.07 13.93 11.47
C THR D 128 -29.12 12.42 11.73
N ARG D 129 -30.33 11.91 11.93
CA ARG D 129 -30.59 10.48 12.07
C ARG D 129 -31.13 9.94 10.74
N PHE D 130 -30.52 8.86 10.27
CA PHE D 130 -30.94 8.20 9.04
C PHE D 130 -30.99 6.70 9.25
N LYS D 131 -31.78 6.04 8.41
CA LYS D 131 -31.78 4.58 8.34
C LYS D 131 -31.12 4.17 7.04
N GLY D 132 -30.17 3.25 7.14
CA GLY D 132 -29.44 2.76 5.99
C GLY D 132 -29.73 1.29 5.76
N VAL D 133 -29.84 0.91 4.49
CA VAL D 133 -29.99 -0.48 4.09
C VAL D 133 -29.02 -0.79 2.95
N ALA D 134 -28.29 -1.89 3.05
CA ALA D 134 -27.36 -2.35 2.02
C ALA D 134 -27.82 -3.68 1.46
N LEU D 135 -27.90 -3.75 0.13
CA LEU D 135 -28.40 -4.91 -0.59
C LEU D 135 -27.41 -5.40 -1.63
N VAL D 136 -27.40 -6.70 -1.84
CA VAL D 136 -26.63 -7.35 -2.90
C VAL D 136 -27.58 -8.29 -3.65
N ASP D 137 -27.76 -8.04 -4.95
CA ASP D 137 -28.69 -8.81 -5.79
C ASP D 137 -30.10 -8.79 -5.21
N GLY D 138 -30.53 -7.61 -4.75
CA GLY D 138 -31.85 -7.46 -4.20
C GLY D 138 -32.04 -8.05 -2.83
N LYS D 139 -31.05 -8.74 -2.28
CA LYS D 139 -31.12 -9.28 -0.93
C LYS D 139 -30.37 -8.39 0.05
N VAL D 140 -31.01 -8.11 1.18
CA VAL D 140 -30.46 -7.23 2.19
C VAL D 140 -29.28 -7.90 2.90
N VAL D 141 -28.14 -7.22 2.90
CA VAL D 141 -26.95 -7.68 3.63
C VAL D 141 -26.70 -6.88 4.89
N CYS D 142 -27.22 -5.65 4.99
CA CYS D 142 -26.96 -4.91 6.22
C CYS D 142 -28.03 -3.84 6.41
N GLU D 143 -28.29 -3.52 7.67
CA GLU D 143 -29.22 -2.42 7.95
C GLU D 143 -28.80 -1.79 9.27
N ALA D 144 -28.92 -0.47 9.35
CA ALA D 144 -28.49 0.23 10.54
C ALA D 144 -29.30 1.52 10.71
N THR D 145 -29.37 2.00 11.95
CA THR D 145 -29.85 3.35 12.20
C THR D 145 -28.67 4.16 12.75
N MET D 146 -28.29 5.23 12.06
CA MET D 146 -27.10 5.95 12.46
C MET D 146 -27.40 7.44 12.63
N MET D 147 -26.52 8.10 13.37
CA MET D 147 -26.57 9.52 13.64
C MET D 147 -25.23 10.12 13.26
N CYS D 148 -25.25 11.12 12.37
CA CYS D 148 -24.05 11.85 11.98
C CYS D 148 -24.27 13.33 12.24
N ALA D 149 -23.24 14.03 12.71
CA ALA D 149 -23.35 15.46 13.02
C ALA D 149 -22.26 16.24 12.31
N ARG D 150 -22.57 17.47 11.92
CA ARG D 150 -21.57 18.38 11.37
C ARG D 150 -21.39 19.52 12.35
N SER D 151 -20.14 19.82 12.69
CA SER D 151 -19.81 20.80 13.71
C SER D 151 -18.39 21.29 13.47
N ARG D 152 -17.92 22.16 14.37
CA ARG D 152 -16.62 22.81 14.21
C ARG D 152 -15.77 22.68 15.47
N THR E 8 1.42 23.01 28.61
CA THR E 8 2.80 23.41 28.39
C THR E 8 3.02 23.80 26.93
N HIS E 9 4.16 23.37 26.42
CA HIS E 9 4.62 23.58 25.11
C HIS E 9 4.33 22.31 24.36
N THR E 10 3.17 21.71 24.53
CA THR E 10 2.90 20.48 23.81
C THR E 10 2.50 20.84 22.39
N LEU E 11 2.69 19.88 21.48
CA LEU E 11 2.29 20.07 20.10
C LEU E 11 1.54 18.83 19.65
N GLN E 12 0.32 19.04 19.16
CA GLN E 12 -0.46 17.99 18.54
C GLN E 12 -0.02 17.79 17.09
N ILE E 13 -0.67 16.86 16.40
CA ILE E 13 -0.22 16.45 15.08
C ILE E 13 -0.46 17.54 14.02
N GLU E 14 -1.43 18.44 14.22
CA GLU E 14 -1.71 19.43 13.19
C GLU E 14 -0.56 20.42 13.04
N GLU E 15 -0.03 20.91 14.17
CA GLU E 15 1.12 21.79 14.12
C GLU E 15 2.36 21.05 13.64
N ILE E 16 2.51 19.78 14.01
CA ILE E 16 3.63 19.00 13.48
C ILE E 16 3.54 18.94 11.96
N LEU E 17 2.34 18.72 11.41
CA LEU E 17 2.19 18.70 9.96
C LEU E 17 2.54 20.03 9.33
N GLU E 18 2.21 21.13 10.01
CA GLU E 18 2.56 22.44 9.45
C GLU E 18 4.07 22.69 9.51
N LEU E 19 4.77 22.06 10.45
CA LEU E 19 6.21 22.26 10.58
C LEU E 19 7.02 21.31 9.72
N LEU E 20 6.68 20.02 9.75
CA LEU E 20 7.48 19.06 9.01
C LEU E 20 6.88 18.85 7.63
N PRO E 21 7.71 18.68 6.60
CA PRO E 21 7.17 18.32 5.28
C PRO E 21 6.93 16.82 5.10
N HIS E 22 7.39 15.97 6.01
CA HIS E 22 7.24 14.52 5.87
C HIS E 22 5.78 14.11 5.96
N ARG E 23 5.44 13.07 5.19
CA ARG E 23 4.09 12.52 5.14
C ARG E 23 4.16 10.99 5.13
N PHE E 24 3.00 10.36 5.02
CA PHE E 24 2.93 8.91 5.04
C PHE E 24 3.70 8.33 3.84
N PRO E 25 4.50 7.29 4.03
CA PRO E 25 4.65 6.53 5.26
C PRO E 25 5.91 6.90 6.02
N PHE E 26 6.34 8.15 5.95
CA PHE E 26 7.64 8.51 6.50
C PHE E 26 7.59 9.62 7.55
N LEU E 27 6.42 9.94 8.08
CA LEU E 27 6.31 10.84 9.23
C LEU E 27 6.34 10.03 10.53
N LEU E 28 7.33 10.28 11.38
CA LEU E 28 7.59 9.39 12.49
C LEU E 28 7.59 10.11 13.84
N VAL E 29 6.88 11.23 13.93
CA VAL E 29 6.67 11.92 15.20
C VAL E 29 5.17 12.04 15.39
N ASP E 30 4.64 11.46 16.46
CA ASP E 30 3.21 11.51 16.71
C ASP E 30 2.79 12.67 17.61
N ARG E 31 3.63 13.10 18.56
CA ARG E 31 3.28 14.20 19.47
C ARG E 31 4.54 14.81 20.08
N VAL E 32 4.46 16.07 20.51
CA VAL E 32 5.53 16.75 21.22
C VAL E 32 5.05 17.04 22.63
N LEU E 33 5.69 16.44 23.63
CA LEU E 33 5.25 16.63 25.01
C LEU E 33 5.77 17.95 25.59
N ASP E 34 7.02 18.31 25.29
CA ASP E 34 7.61 19.55 25.78
C ASP E 34 8.85 19.88 24.96
N PHE E 35 9.27 21.14 25.06
CA PHE E 35 10.52 21.62 24.46
C PHE E 35 10.89 22.98 25.04
N GLU E 36 12.19 23.26 25.00
CA GLU E 36 12.72 24.57 25.29
C GLU E 36 13.57 25.01 24.13
N GLU E 37 13.25 26.19 23.60
CA GLU E 37 13.86 26.68 22.38
C GLU E 37 15.38 26.77 22.50
N GLY E 38 16.06 26.25 21.50
CA GLY E 38 17.50 26.21 21.45
C GLY E 38 18.16 25.19 22.35
N ARG E 39 17.42 24.35 23.08
CA ARG E 39 18.04 23.43 24.02
C ARG E 39 17.64 21.98 23.81
N PHE E 40 16.38 21.60 24.02
CA PHE E 40 15.99 20.20 23.94
C PHE E 40 14.51 20.10 23.57
N LEU E 41 14.09 18.90 23.13
CA LEU E 41 12.69 18.64 22.79
C LEU E 41 12.33 17.20 23.12
N ARG E 42 11.16 17.00 23.68
CA ARG E 42 10.66 15.68 24.05
C ARG E 42 9.45 15.33 23.20
N ALA E 43 9.54 14.23 22.45
CA ALA E 43 8.50 13.82 21.52
C ALA E 43 8.15 12.36 21.76
N VAL E 44 7.02 11.95 21.22
CA VAL E 44 6.55 10.59 21.39
C VAL E 44 6.19 10.03 20.01
N LYS E 45 6.73 8.85 19.73
CA LYS E 45 6.37 7.99 18.60
C LYS E 45 5.63 6.76 19.14
N ASN E 46 4.36 6.62 18.77
CA ASN E 46 3.55 5.47 19.13
C ASN E 46 3.79 4.34 18.14
N VAL E 47 4.18 3.19 18.64
CA VAL E 47 4.52 2.04 17.80
C VAL E 47 3.29 1.15 17.71
N SER E 48 2.71 1.06 16.53
CA SER E 48 1.57 0.20 16.28
C SER E 48 1.94 -0.91 15.31
N VAL E 49 1.23 -2.04 15.43
CA VAL E 49 1.42 -3.12 14.45
C VAL E 49 0.78 -2.76 13.11
N ASN E 50 -0.10 -1.76 13.08
CA ASN E 50 -0.73 -1.32 11.84
C ASN E 50 0.14 -0.33 11.05
N GLU E 51 1.43 -0.41 11.15
CA GLU E 51 2.33 0.38 10.34
C GLU E 51 2.92 -0.48 9.21
N PRO E 52 3.20 0.12 8.04
CA PRO E 52 3.46 -0.70 6.86
C PRO E 52 4.74 -1.52 6.92
N PHE E 53 5.83 -0.97 7.47
CA PHE E 53 7.10 -1.69 7.44
C PHE E 53 7.03 -3.03 8.17
N PHE E 54 6.14 -3.17 9.14
CA PHE E 54 6.07 -4.43 9.87
C PHE E 54 5.66 -5.59 8.99
N GLN E 55 5.08 -5.34 7.81
CA GLN E 55 4.82 -6.49 6.99
C GLN E 55 6.05 -6.95 6.21
N GLY E 56 7.12 -6.16 6.22
CA GLY E 56 8.30 -6.49 5.42
C GLY E 56 9.54 -6.86 6.19
N HIS E 57 9.83 -6.15 7.28
CA HIS E 57 11.00 -6.41 8.10
C HIS E 57 10.68 -7.48 9.13
N PHE E 58 11.31 -8.64 8.97
CA PHE E 58 11.11 -9.86 9.73
C PHE E 58 9.61 -10.08 9.94
N PRO E 59 8.90 -10.47 8.88
CA PRO E 59 7.46 -10.76 9.02
C PRO E 59 7.27 -11.93 9.99
N GLY E 60 6.39 -11.73 10.97
CA GLY E 60 6.11 -12.72 11.99
C GLY E 60 6.67 -12.34 13.35
N LYS E 61 7.74 -11.55 13.37
CA LYS E 61 8.35 -11.03 14.58
C LYS E 61 8.40 -9.50 14.50
N PRO E 62 7.30 -8.83 14.84
CA PRO E 62 7.28 -7.35 14.69
C PRO E 62 8.25 -6.70 15.66
N ILE E 63 9.26 -6.01 15.10
CA ILE E 63 10.21 -5.21 15.87
C ILE E 63 10.51 -3.96 15.08
N PHE E 64 10.41 -2.80 15.74
CA PHE E 64 10.62 -1.50 15.10
C PHE E 64 12.05 -1.36 14.62
N PRO E 65 12.28 -1.10 13.33
CA PRO E 65 13.65 -1.01 12.81
C PRO E 65 14.44 0.14 13.44
N GLY E 66 15.69 -0.14 13.78
CA GLY E 66 16.49 0.86 14.49
C GLY E 66 16.79 2.09 13.65
N VAL E 67 17.03 1.90 12.36
CA VAL E 67 17.30 3.04 11.50
C VAL E 67 16.10 3.98 11.46
N LEU E 68 14.89 3.44 11.71
CA LEU E 68 13.73 4.31 11.81
C LEU E 68 13.69 5.03 13.15
N ILE E 69 14.28 4.46 14.20
CA ILE E 69 14.46 5.23 15.42
C ILE E 69 15.33 6.44 15.13
N LEU E 70 16.38 6.23 14.34
CA LEU E 70 17.25 7.35 13.96
C LEU E 70 16.47 8.39 13.14
N GLU E 71 15.66 7.96 12.19
CA GLU E 71 14.88 8.92 11.42
C GLU E 71 13.91 9.69 12.30
N ALA E 72 13.31 9.03 13.29
CA ALA E 72 12.39 9.70 14.21
C ALA E 72 13.11 10.78 15.03
N MET E 73 14.30 10.46 15.55
CA MET E 73 15.07 11.46 16.27
C MET E 73 15.43 12.63 15.36
N ALA E 74 15.77 12.34 14.11
CA ALA E 74 16.10 13.42 13.18
C ALA E 74 14.89 14.33 12.94
N GLN E 75 13.70 13.75 12.83
CA GLN E 75 12.51 14.56 12.63
C GLN E 75 12.21 15.40 13.87
N ALA E 76 12.46 14.83 15.06
CA ALA E 76 12.28 15.59 16.28
C ALA E 76 13.23 16.80 16.35
N THR E 77 14.49 16.61 15.95
CA THR E 77 15.37 17.77 15.91
C THR E 77 14.92 18.77 14.87
N GLY E 78 14.36 18.29 13.76
CA GLY E 78 13.81 19.23 12.79
C GLY E 78 12.75 20.13 13.42
N ILE E 79 11.85 19.53 14.21
CA ILE E 79 10.83 20.33 14.89
C ILE E 79 11.51 21.35 15.82
N LEU E 80 12.46 20.90 16.63
CA LEU E 80 13.12 21.81 17.56
C LEU E 80 13.83 22.95 16.83
N ALA E 81 14.51 22.62 15.72
CA ALA E 81 15.22 23.64 14.96
C ALA E 81 14.25 24.63 14.31
N PHE E 82 13.17 24.16 13.72
CA PHE E 82 12.23 25.06 13.08
C PHE E 82 11.58 25.97 14.11
N LYS E 83 11.42 25.49 15.34
CA LYS E 83 10.87 26.33 16.39
C LYS E 83 11.92 27.27 16.97
N SER E 84 13.20 26.94 16.85
CA SER E 84 14.26 27.75 17.43
C SER E 84 14.84 28.80 16.48
N VAL E 85 15.07 28.45 15.22
CA VAL E 85 15.70 29.39 14.28
C VAL E 85 14.71 29.93 13.24
N GLY E 86 13.61 29.25 12.99
CA GLY E 86 12.61 29.69 12.04
C GLY E 86 12.16 28.52 11.21
N LYS E 87 10.94 28.59 10.70
CA LYS E 87 10.42 27.49 9.91
C LYS E 87 11.19 27.35 8.60
N LEU E 88 10.96 26.21 7.95
CA LEU E 88 11.60 25.90 6.67
C LEU E 88 11.04 26.81 5.58
N GLU E 89 11.87 27.68 5.03
CA GLU E 89 11.39 28.54 3.95
C GLU E 89 11.31 27.82 2.61
N PRO E 90 10.52 28.34 1.66
CA PRO E 90 10.41 27.72 0.33
C PRO E 90 11.76 27.55 -0.34
N GLY E 91 12.03 26.31 -0.76
CA GLY E 91 13.29 25.95 -1.38
C GLY E 91 14.35 25.53 -0.39
N GLU E 92 14.01 25.44 0.88
CA GLU E 92 14.97 25.10 1.91
C GLU E 92 14.74 23.65 2.26
N LEU E 93 15.82 22.90 2.37
CA LEU E 93 15.74 21.50 2.73
C LEU E 93 16.48 21.29 4.04
N TYR E 94 16.11 20.20 4.72
CA TYR E 94 16.72 19.78 5.97
C TYR E 94 17.36 18.42 5.73
N TYR E 95 18.68 18.35 5.84
CA TYR E 95 19.44 17.16 5.44
C TYR E 95 19.99 16.43 6.67
N PHE E 96 20.04 15.10 6.56
CA PHE E 96 20.76 14.23 7.48
C PHE E 96 22.22 14.28 7.06
N ALA E 97 23.06 14.84 7.91
CA ALA E 97 24.47 14.96 7.53
C ALA E 97 25.33 13.86 8.09
N GLY E 98 25.08 13.40 9.31
CA GLY E 98 25.96 12.38 9.87
C GLY E 98 25.42 11.77 11.13
N ILE E 99 26.00 10.61 11.47
CA ILE E 99 25.69 9.86 12.68
C ILE E 99 27.01 9.52 13.32
N ASP E 100 27.05 9.51 14.64
CA ASP E 100 28.39 9.20 15.14
C ASP E 100 28.45 8.05 16.12
N GLU E 101 27.51 7.93 17.05
CA GLU E 101 27.63 6.78 17.95
C GLU E 101 26.23 6.30 18.34
N ALA E 102 25.56 5.68 17.39
CA ALA E 102 24.23 5.12 17.62
C ALA E 102 24.35 3.73 18.19
N ARG E 103 23.68 3.49 19.30
CA ARG E 103 23.68 2.20 19.95
C ARG E 103 22.26 1.76 20.19
N PHE E 104 21.94 0.54 19.77
CA PHE E 104 20.64 -0.06 19.93
C PHE E 104 20.70 -1.03 21.10
N LYS E 105 20.02 -0.67 22.18
CA LYS E 105 20.14 -1.37 23.45
C LYS E 105 18.97 -2.29 23.74
N ARG E 106 17.78 -1.99 23.25
CA ARG E 106 16.60 -2.79 23.52
C ARG E 106 15.66 -2.77 22.33
N PRO E 107 15.05 -3.90 21.97
CA PRO E 107 14.14 -3.92 20.83
C PRO E 107 12.84 -3.21 21.17
N VAL E 108 12.31 -2.49 20.18
CA VAL E 108 11.05 -1.77 20.34
C VAL E 108 9.97 -2.56 19.61
N VAL E 109 8.87 -2.83 20.32
CA VAL E 109 7.85 -3.80 19.89
C VAL E 109 6.52 -3.06 19.81
N PRO E 110 5.55 -3.58 19.06
CA PRO E 110 4.21 -2.96 19.07
C PRO E 110 3.63 -2.91 20.47
N GLY E 111 2.88 -1.84 20.73
CA GLY E 111 2.40 -1.57 22.06
C GLY E 111 3.30 -0.64 22.85
N ASP E 112 4.54 -0.47 22.41
CA ASP E 112 5.49 0.43 23.08
C ASP E 112 5.22 1.88 22.68
N GLN E 113 5.41 2.77 23.63
CA GLN E 113 5.32 4.19 23.39
C GLN E 113 6.74 4.73 23.53
N MET E 114 7.36 5.06 22.42
CA MET E 114 8.76 5.47 22.41
C MET E 114 8.87 6.98 22.65
N ILE E 115 9.52 7.35 23.75
CA ILE E 115 9.75 8.75 24.11
C ILE E 115 11.15 9.12 23.65
N MET E 116 11.25 10.13 22.78
CA MET E 116 12.53 10.61 22.27
C MET E 116 12.85 11.98 22.84
N GLU E 117 14.10 12.14 23.27
CA GLU E 117 14.60 13.41 23.78
C GLU E 117 15.83 13.81 22.97
N VAL E 118 15.73 14.96 22.28
CA VAL E 118 16.86 15.48 21.53
C VAL E 118 17.37 16.73 22.25
N THR E 119 18.70 16.82 22.39
CA THR E 119 19.35 17.91 23.09
C THR E 119 20.38 18.53 22.15
N PHE E 120 20.30 19.83 21.98
CA PHE E 120 21.24 20.51 21.10
C PHE E 120 22.60 20.62 21.75
N GLU E 121 23.64 20.39 20.97
CA GLU E 121 25.01 20.53 21.41
C GLU E 121 25.61 21.80 20.85
N LYS E 122 25.61 21.93 19.53
CA LYS E 122 26.24 23.05 18.86
C LYS E 122 25.48 23.29 17.57
N THR E 123 25.57 24.51 17.06
CA THR E 123 25.03 24.85 15.74
C THR E 123 26.02 25.78 15.07
N ARG E 124 26.28 25.57 13.79
CA ARG E 124 27.26 26.37 13.04
C ARG E 124 26.88 26.32 11.57
N ARG E 125 26.56 27.46 10.98
CA ARG E 125 26.22 27.54 9.55
C ARG E 125 25.10 26.59 9.18
N GLY E 126 24.04 26.60 9.99
CA GLY E 126 22.87 25.79 9.75
C GLY E 126 23.02 24.33 10.05
N LEU E 127 24.23 23.85 10.37
CA LEU E 127 24.44 22.47 10.76
C LEU E 127 24.38 22.36 12.29
N THR E 128 23.66 21.36 12.78
CA THR E 128 23.38 21.20 14.19
C THR E 128 23.75 19.80 14.62
N ARG E 129 24.55 19.70 15.69
CA ARG E 129 24.88 18.45 16.35
C ARG E 129 23.93 18.32 17.54
N PHE E 130 23.27 17.18 17.65
CA PHE E 130 22.39 16.91 18.76
C PHE E 130 22.66 15.52 19.29
N LYS E 131 22.25 15.30 20.54
CA LYS E 131 22.28 13.99 21.15
C LYS E 131 20.85 13.52 21.32
N GLY E 132 20.57 12.30 20.88
CA GLY E 132 19.23 11.73 20.95
C GLY E 132 19.21 10.52 21.89
N VAL E 133 18.12 10.42 22.66
CA VAL E 133 17.86 9.28 23.52
C VAL E 133 16.41 8.85 23.31
N ALA E 134 16.21 7.56 23.07
CA ALA E 134 14.88 7.01 22.96
C ALA E 134 14.70 6.04 24.11
N LEU E 135 13.57 6.19 24.81
CA LEU E 135 13.19 5.41 25.98
C LEU E 135 11.81 4.76 25.82
N VAL E 136 11.67 3.56 26.41
CA VAL E 136 10.39 2.87 26.49
C VAL E 136 10.24 2.44 27.94
N ASP E 137 9.18 2.92 28.59
CA ASP E 137 8.94 2.61 30.00
C ASP E 137 10.11 3.01 30.88
N GLY E 138 10.71 4.18 30.59
CA GLY E 138 11.84 4.66 31.37
C GLY E 138 13.16 3.97 31.12
N LYS E 139 13.22 2.96 30.26
CA LYS E 139 14.46 2.29 29.94
C LYS E 139 14.98 2.82 28.62
N VAL E 140 16.28 3.12 28.57
CA VAL E 140 16.89 3.61 27.34
C VAL E 140 16.88 2.51 26.29
N VAL E 141 16.27 2.76 25.15
CA VAL E 141 16.26 1.78 24.08
C VAL E 141 17.23 2.14 22.98
N CYS E 142 17.58 3.41 22.82
CA CYS E 142 18.51 3.77 21.75
C CYS E 142 19.16 5.10 22.13
N GLU E 143 20.39 5.30 21.68
CA GLU E 143 21.05 6.57 21.90
C GLU E 143 22.02 6.83 20.75
N ALA E 144 22.07 8.08 20.29
CA ALA E 144 22.94 8.40 19.16
C ALA E 144 23.34 9.86 19.24
N THR E 145 24.43 10.18 18.56
CA THR E 145 24.82 11.56 18.29
C THR E 145 24.73 11.81 16.80
N MET E 146 23.93 12.79 16.41
CA MET E 146 23.69 13.05 15.00
C MET E 146 23.87 14.52 14.64
N MET E 147 24.03 14.74 13.34
CA MET E 147 24.17 16.09 12.79
C MET E 147 23.26 16.25 11.60
N CYS E 148 22.45 17.31 11.64
CA CYS E 148 21.50 17.66 10.59
C CYS E 148 21.79 19.06 10.06
N ALA E 149 21.58 19.27 8.77
CA ALA E 149 21.91 20.56 8.16
C ALA E 149 20.70 21.16 7.48
N ARG E 150 20.68 22.48 7.42
CA ARG E 150 19.69 23.25 6.68
C ARG E 150 20.39 23.90 5.51
N SER E 151 19.84 23.75 4.32
CA SER E 151 20.49 24.24 3.11
C SER E 151 19.45 24.58 2.07
N ARG E 152 19.82 25.49 1.16
CA ARG E 152 18.88 25.88 0.11
C ARG E 152 19.02 25.04 -1.14
N GLU E 153 20.21 24.55 -1.46
CA GLU E 153 20.37 23.59 -2.55
C GLU E 153 21.47 22.58 -2.22
N THR F 8 33.26 -13.94 -11.05
CA THR F 8 32.39 -13.42 -10.00
C THR F 8 31.41 -14.47 -9.48
N HIS F 9 30.90 -14.24 -8.27
CA HIS F 9 29.86 -15.06 -7.64
C HIS F 9 28.65 -14.14 -7.52
N THR F 10 27.81 -14.09 -8.56
CA THR F 10 26.64 -13.23 -8.51
C THR F 10 25.45 -13.94 -7.86
N LEU F 11 24.52 -13.15 -7.33
CA LEU F 11 23.28 -13.69 -6.77
C LEU F 11 22.12 -12.85 -7.26
N GLN F 12 21.17 -13.50 -7.93
CA GLN F 12 19.96 -12.81 -8.38
C GLN F 12 18.95 -12.72 -7.24
N ILE F 13 17.78 -12.17 -7.57
CA ILE F 13 16.80 -11.81 -6.56
C ILE F 13 16.19 -13.04 -5.87
N GLU F 14 16.10 -14.18 -6.58
CA GLU F 14 15.52 -15.37 -5.98
C GLU F 14 16.41 -15.90 -4.87
N GLU F 15 17.72 -15.96 -5.13
CA GLU F 15 18.67 -16.41 -4.13
C GLU F 15 18.71 -15.46 -2.95
N ILE F 16 18.63 -14.17 -3.20
CA ILE F 16 18.60 -13.20 -2.10
C ILE F 16 17.38 -13.42 -1.23
N LEU F 17 16.22 -13.62 -1.86
CA LEU F 17 14.99 -13.89 -1.12
C LEU F 17 15.13 -15.13 -0.26
N GLU F 18 15.86 -16.13 -0.75
CA GLU F 18 16.05 -17.33 0.04
C GLU F 18 17.05 -17.11 1.18
N LEU F 19 17.95 -16.14 1.05
CA LEU F 19 18.89 -15.82 2.13
C LEU F 19 18.30 -14.78 3.10
N LEU F 20 17.65 -13.72 2.59
CA LEU F 20 17.15 -12.73 3.54
C LEU F 20 15.68 -12.96 3.90
N PRO F 21 15.26 -12.73 5.15
CA PRO F 21 13.83 -12.81 5.45
C PRO F 21 13.06 -11.54 5.14
N HIS F 22 13.73 -10.42 4.81
CA HIS F 22 13.03 -9.17 4.55
C HIS F 22 12.20 -9.26 3.28
N ARG F 23 11.02 -8.62 3.31
CA ARG F 23 10.09 -8.58 2.20
C ARG F 23 9.58 -7.14 2.05
N PHE F 24 8.69 -6.93 1.09
CA PHE F 24 8.18 -5.58 0.83
C PHE F 24 7.47 -5.02 2.06
N PRO F 25 7.72 -3.74 2.42
CA PRO F 25 8.50 -2.75 1.69
C PRO F 25 9.87 -2.45 2.27
N PHE F 26 10.52 -3.45 2.84
CA PHE F 26 11.79 -3.22 3.54
C PHE F 26 12.91 -4.11 3.03
N LEU F 27 12.75 -4.79 1.88
CA LEU F 27 13.85 -5.51 1.22
C LEU F 27 14.56 -4.56 0.27
N LEU F 28 15.86 -4.31 0.51
CA LEU F 28 16.53 -3.21 -0.17
C LEU F 28 17.81 -3.62 -0.89
N VAL F 29 17.94 -4.88 -1.25
CA VAL F 29 19.06 -5.34 -2.07
C VAL F 29 18.46 -5.99 -3.31
N ASP F 30 18.77 -5.43 -4.48
CA ASP F 30 18.20 -5.96 -5.71
C ASP F 30 19.07 -7.04 -6.35
N ARG F 31 20.39 -6.93 -6.22
CA ARG F 31 21.24 -7.91 -6.88
C ARG F 31 22.57 -7.96 -6.16
N VAL F 32 23.27 -9.09 -6.30
CA VAL F 32 24.62 -9.27 -5.77
C VAL F 32 25.58 -9.49 -6.94
N LEU F 33 26.52 -8.56 -7.14
CA LEU F 33 27.45 -8.60 -8.26
C LEU F 33 28.68 -9.47 -7.99
N ASP F 34 29.24 -9.40 -6.80
CA ASP F 34 30.40 -10.22 -6.50
C ASP F 34 30.58 -10.30 -5.00
N PHE F 35 31.31 -11.32 -4.58
CA PHE F 35 31.70 -11.47 -3.18
C PHE F 35 32.79 -12.52 -3.10
N GLU F 36 33.64 -12.37 -2.09
CA GLU F 36 34.64 -13.36 -1.74
C GLU F 36 34.39 -13.70 -0.27
N GLU F 37 34.19 -14.98 0.03
CA GLU F 37 33.69 -15.37 1.35
C GLU F 37 34.60 -14.87 2.46
N GLY F 38 33.99 -14.26 3.48
CA GLY F 38 34.71 -13.78 4.63
C GLY F 38 35.50 -12.51 4.45
N ARG F 39 35.38 -11.85 3.29
CA ARG F 39 36.14 -10.65 2.99
C ARG F 39 35.23 -9.50 2.62
N PHE F 40 34.51 -9.61 1.51
CA PHE F 40 33.72 -8.49 1.00
C PHE F 40 32.53 -9.01 0.22
N LEU F 41 31.60 -8.09 -0.03
CA LEU F 41 30.43 -8.33 -0.88
C LEU F 41 30.06 -7.02 -1.58
N ARG F 42 29.77 -7.11 -2.87
CA ARG F 42 29.30 -5.98 -3.68
C ARG F 42 27.89 -6.25 -4.18
N ALA F 43 26.96 -5.36 -3.84
CA ALA F 43 25.54 -5.50 -4.18
C ALA F 43 25.05 -4.21 -4.83
N VAL F 44 23.86 -4.30 -5.41
CA VAL F 44 23.23 -3.19 -6.12
C VAL F 44 21.81 -3.01 -5.62
N LYS F 45 21.49 -1.75 -5.27
CA LYS F 45 20.15 -1.24 -5.01
C LYS F 45 19.77 -0.30 -6.14
N ASN F 46 18.74 -0.67 -6.89
CA ASN F 46 18.19 0.20 -7.93
C ASN F 46 17.22 1.20 -7.31
N VAL F 47 17.44 2.47 -7.55
CA VAL F 47 16.58 3.51 -6.99
C VAL F 47 15.59 3.95 -8.06
N SER F 48 14.32 3.61 -7.87
CA SER F 48 13.24 4.00 -8.76
C SER F 48 12.29 4.94 -8.04
N VAL F 49 11.59 5.78 -8.82
CA VAL F 49 10.59 6.68 -8.25
C VAL F 49 9.34 5.94 -7.79
N ASN F 50 9.18 4.69 -8.23
CA ASN F 50 8.03 3.86 -7.89
C ASN F 50 8.23 3.15 -6.56
N GLU F 51 9.01 3.73 -5.67
CA GLU F 51 9.10 3.11 -4.37
C GLU F 51 8.27 3.89 -3.35
N PRO F 52 7.68 3.19 -2.38
CA PRO F 52 6.62 3.81 -1.56
C PRO F 52 7.09 4.98 -0.71
N PHE F 53 8.29 4.92 -0.12
CA PHE F 53 8.75 6.02 0.72
C PHE F 53 8.86 7.34 -0.04
N PHE F 54 9.01 7.30 -1.36
CA PHE F 54 9.10 8.56 -2.10
C PHE F 54 7.82 9.38 -2.04
N GLN F 55 6.68 8.77 -1.69
CA GLN F 55 5.50 9.61 -1.52
C GLN F 55 5.43 10.30 -0.16
N GLY F 56 6.31 9.95 0.77
CA GLY F 56 6.24 10.51 2.10
C GLY F 56 7.41 11.39 2.47
N HIS F 57 8.64 10.99 2.12
CA HIS F 57 9.81 11.78 2.47
C HIS F 57 9.98 12.88 1.43
N PHE F 58 9.81 14.12 1.88
CA PHE F 58 9.81 15.32 1.06
C PHE F 58 9.03 15.09 -0.23
N PRO F 59 7.70 15.12 -0.15
CA PRO F 59 6.89 14.97 -1.36
C PRO F 59 7.20 16.08 -2.35
N GLY F 60 7.58 15.71 -3.58
CA GLY F 60 7.90 16.66 -4.62
C GLY F 60 9.38 16.76 -4.93
N LYS F 61 10.24 16.47 -3.95
CA LYS F 61 11.70 16.43 -4.09
C LYS F 61 12.18 15.03 -3.73
N PRO F 62 12.07 14.07 -4.65
CA PRO F 62 12.44 12.68 -4.33
C PRO F 62 13.94 12.54 -4.13
N ILE F 63 14.33 12.15 -2.92
CA ILE F 63 15.72 11.89 -2.56
C ILE F 63 15.70 10.67 -1.64
N PHE F 64 16.52 9.69 -1.93
CA PHE F 64 16.55 8.46 -1.16
C PHE F 64 17.03 8.74 0.27
N PRO F 65 16.24 8.40 1.29
CA PRO F 65 16.63 8.70 2.68
C PRO F 65 17.91 7.97 3.10
N GLY F 66 18.75 8.67 3.86
CA GLY F 66 20.04 8.11 4.22
C GLY F 66 19.94 6.90 5.12
N VAL F 67 18.96 6.91 6.04
CA VAL F 67 18.79 5.76 6.92
C VAL F 67 18.45 4.51 6.12
N LEU F 68 17.81 4.67 4.94
CA LEU F 68 17.54 3.52 4.10
C LEU F 68 18.79 3.06 3.35
N ILE F 69 19.73 3.97 3.05
CA ILE F 69 21.04 3.54 2.56
C ILE F 69 21.74 2.70 3.61
N LEU F 70 21.64 3.12 4.88
CA LEU F 70 22.24 2.32 5.94
C LEU F 70 21.61 0.95 6.01
N GLU F 71 20.28 0.88 5.95
CA GLU F 71 19.61 -0.42 6.05
C GLU F 71 20.00 -1.32 4.88
N ALA F 72 20.14 -0.75 3.68
CA ALA F 72 20.55 -1.51 2.51
C ALA F 72 21.94 -2.11 2.70
N MET F 73 22.86 -1.31 3.24
CA MET F 73 24.19 -1.83 3.55
C MET F 73 24.11 -2.93 4.61
N ALA F 74 23.24 -2.76 5.60
CA ALA F 74 23.11 -3.77 6.64
C ALA F 74 22.61 -5.09 6.07
N GLN F 75 21.66 -5.03 5.15
CA GLN F 75 21.17 -6.24 4.52
C GLN F 75 22.25 -6.89 3.67
N ALA F 76 23.08 -6.07 3.00
CA ALA F 76 24.20 -6.64 2.25
C ALA F 76 25.17 -7.37 3.17
N THR F 77 25.44 -6.79 4.35
CA THR F 77 26.28 -7.49 5.32
C THR F 77 25.62 -8.78 5.75
N GLY F 78 24.28 -8.78 5.79
CA GLY F 78 23.57 -10.00 6.12
C GLY F 78 23.82 -11.11 5.10
N ILE F 79 23.77 -10.78 3.83
CA ILE F 79 24.07 -11.80 2.81
C ILE F 79 25.51 -12.27 2.97
N LEU F 80 26.44 -11.34 3.13
CA LEU F 80 27.84 -11.74 3.28
C LEU F 80 28.02 -12.68 4.45
N ALA F 81 27.39 -12.36 5.58
CA ALA F 81 27.52 -13.18 6.78
C ALA F 81 26.89 -14.54 6.58
N PHE F 82 25.73 -14.61 5.94
CA PHE F 82 25.08 -15.90 5.72
C PHE F 82 25.91 -16.78 4.81
N LYS F 83 26.60 -16.18 3.86
CA LYS F 83 27.44 -16.96 2.95
C LYS F 83 28.79 -17.33 3.59
N SER F 84 29.22 -16.58 4.61
CA SER F 84 30.52 -16.82 5.24
C SER F 84 30.47 -17.74 6.46
N VAL F 85 29.46 -17.62 7.30
CA VAL F 85 29.42 -18.33 8.56
C VAL F 85 28.36 -19.42 8.58
N GLY F 86 27.24 -19.20 7.93
CA GLY F 86 26.13 -20.14 7.85
C GLY F 86 24.84 -19.35 7.70
N LYS F 87 23.87 -19.96 7.02
CA LYS F 87 22.59 -19.34 6.78
C LYS F 87 21.81 -19.18 8.10
N LEU F 88 20.70 -18.42 8.01
CA LEU F 88 19.84 -18.19 9.16
C LEU F 88 19.05 -19.44 9.53
N GLU F 89 19.22 -19.91 10.76
CA GLU F 89 18.36 -20.93 11.33
C GLU F 89 16.99 -20.32 11.59
N PRO F 90 15.96 -21.16 11.73
CA PRO F 90 14.59 -20.63 11.88
C PRO F 90 14.38 -19.60 13.00
N GLY F 91 14.73 -19.96 14.22
CA GLY F 91 14.54 -19.09 15.38
C GLY F 91 15.57 -17.98 15.50
N GLU F 92 16.32 -17.73 14.43
CA GLU F 92 17.46 -16.81 14.46
C GLU F 92 17.14 -15.45 13.83
N LEU F 93 17.65 -14.40 14.47
CA LEU F 93 17.52 -13.03 13.99
C LEU F 93 18.88 -12.46 13.66
N TYR F 94 18.92 -11.56 12.69
CA TYR F 94 20.11 -10.80 12.31
C TYR F 94 19.79 -9.31 12.50
N TYR F 95 20.43 -8.65 13.47
CA TYR F 95 20.02 -7.29 13.86
C TYR F 95 21.18 -6.30 14.02
N PHE F 96 20.82 -5.04 13.80
CA PHE F 96 21.70 -3.91 14.01
C PHE F 96 21.99 -3.70 15.49
N ALA F 97 23.26 -3.83 15.88
CA ALA F 97 23.71 -3.61 17.24
C ALA F 97 24.24 -2.20 17.42
N GLY F 98 24.88 -1.64 16.41
CA GLY F 98 25.40 -0.30 16.52
C GLY F 98 25.81 0.25 15.17
N ILE F 99 25.95 1.56 15.13
CA ILE F 99 26.42 2.29 13.95
C ILE F 99 27.45 3.29 14.45
N ASP F 100 28.55 3.42 13.71
CA ASP F 100 29.58 4.41 13.96
C ASP F 100 29.99 5.07 12.65
N GLU F 101 30.55 6.27 12.77
CA GLU F 101 31.14 7.02 11.66
C GLU F 101 30.28 6.94 10.38
N ALA F 102 29.03 7.38 10.46
CA ALA F 102 28.17 7.41 9.28
C ALA F 102 28.21 8.79 8.66
N ARG F 103 28.54 8.87 7.38
CA ARG F 103 28.69 10.13 6.66
C ARG F 103 27.87 10.06 5.39
N PHE F 104 27.02 11.07 5.18
CA PHE F 104 26.23 11.20 3.96
C PHE F 104 26.81 12.30 3.08
N LYS F 105 27.35 11.92 1.93
CA LYS F 105 28.12 12.84 1.12
C LYS F 105 27.37 13.39 -0.09
N ARG F 106 26.47 12.61 -0.69
CA ARG F 106 25.81 13.04 -1.91
C ARG F 106 24.38 12.51 -1.91
N PRO F 107 23.40 13.32 -2.30
CA PRO F 107 22.03 12.81 -2.35
C PRO F 107 21.86 11.79 -3.46
N VAL F 108 21.07 10.77 -3.18
CA VAL F 108 20.75 9.72 -4.15
C VAL F 108 19.32 9.93 -4.62
N VAL F 109 19.13 9.93 -5.94
CA VAL F 109 17.87 10.36 -6.55
C VAL F 109 17.34 9.21 -7.40
N PRO F 110 16.06 9.25 -7.78
CA PRO F 110 15.54 8.24 -8.72
C PRO F 110 16.33 8.24 -10.03
N GLY F 111 16.51 7.04 -10.58
CA GLY F 111 17.39 6.83 -11.71
C GLY F 111 18.79 6.40 -11.34
N ASP F 112 19.20 6.59 -10.09
CA ASP F 112 20.54 6.21 -9.65
C ASP F 112 20.60 4.71 -9.40
N GLN F 113 21.74 4.13 -9.71
CA GLN F 113 22.02 2.72 -9.43
C GLN F 113 23.09 2.70 -8.35
N MET F 114 22.67 2.42 -7.12
CA MET F 114 23.54 2.54 -5.97
C MET F 114 24.25 1.21 -5.75
N ILE F 115 25.57 1.24 -5.89
CA ILE F 115 26.40 0.07 -5.64
C ILE F 115 26.96 0.17 -4.24
N MET F 116 26.70 -0.84 -3.43
CA MET F 116 27.18 -0.93 -2.06
C MET F 116 28.28 -1.98 -2.00
N GLU F 117 29.36 -1.65 -1.30
CA GLU F 117 30.42 -2.61 -1.02
C GLU F 117 30.63 -2.68 0.48
N VAL F 118 30.41 -3.86 1.05
CA VAL F 118 30.62 -4.10 2.48
C VAL F 118 31.83 -5.01 2.67
N THR F 119 32.64 -4.68 3.66
CA THR F 119 33.89 -5.35 3.95
C THR F 119 33.94 -5.78 5.42
N PHE F 120 34.28 -7.04 5.65
CA PHE F 120 34.37 -7.58 7.00
C PHE F 120 35.63 -7.06 7.70
N GLU F 121 35.50 -6.66 8.96
CA GLU F 121 36.64 -6.22 9.74
C GLU F 121 36.96 -7.17 10.90
N LYS F 122 36.05 -7.30 11.87
CA LYS F 122 36.30 -8.07 13.09
C LYS F 122 35.00 -8.70 13.55
N THR F 123 35.13 -9.80 14.30
CA THR F 123 33.98 -10.50 14.88
C THR F 123 34.35 -11.05 16.25
N ARG F 124 33.40 -11.00 17.17
CA ARG F 124 33.60 -11.43 18.56
C ARG F 124 32.27 -11.72 19.21
N ARG F 125 32.06 -12.94 19.73
CA ARG F 125 30.84 -13.24 20.47
C ARG F 125 29.59 -13.09 19.62
N GLY F 126 29.69 -13.29 18.31
CA GLY F 126 28.55 -13.14 17.45
C GLY F 126 28.30 -11.72 16.96
N LEU F 127 29.04 -10.75 17.50
CA LEU F 127 29.00 -9.37 17.04
C LEU F 127 30.06 -9.19 15.97
N THR F 128 29.70 -8.53 14.89
CA THR F 128 30.61 -8.40 13.76
C THR F 128 30.63 -6.98 13.23
N ARG F 129 31.82 -6.46 12.99
CA ARG F 129 32.02 -5.13 12.46
C ARG F 129 32.23 -5.18 10.94
N PHE F 130 31.49 -4.34 10.23
CA PHE F 130 31.63 -4.18 8.79
C PHE F 130 31.85 -2.72 8.47
N LYS F 131 32.54 -2.46 7.36
CA LYS F 131 32.63 -1.13 6.80
C LYS F 131 31.94 -1.09 5.45
N GLY F 132 31.07 -0.11 5.27
CA GLY F 132 30.27 0.00 4.06
C GLY F 132 30.56 1.27 3.30
N VAL F 133 30.55 1.16 1.97
CA VAL F 133 30.64 2.30 1.06
C VAL F 133 29.55 2.18 0.01
N ALA F 134 28.82 3.26 -0.22
CA ALA F 134 27.79 3.33 -1.24
C ALA F 134 28.21 4.36 -2.27
N LEU F 135 28.23 3.93 -3.54
CA LEU F 135 28.69 4.73 -4.66
C LEU F 135 27.62 4.79 -5.74
N VAL F 136 27.60 5.92 -6.45
CA VAL F 136 26.76 6.10 -7.63
C VAL F 136 27.68 6.69 -8.70
N ASP F 137 27.82 5.98 -9.82
CA ASP F 137 28.70 6.40 -10.92
C ASP F 137 30.12 6.63 -10.44
N GLY F 138 30.59 5.74 -9.57
CA GLY F 138 31.95 5.83 -9.08
C GLY F 138 32.21 6.91 -8.06
N LYS F 139 31.24 7.75 -7.73
CA LYS F 139 31.41 8.73 -6.68
C LYS F 139 30.72 8.27 -5.41
N VAL F 140 31.43 8.40 -4.29
CA VAL F 140 30.93 7.95 -2.99
C VAL F 140 29.78 8.84 -2.52
N VAL F 141 28.65 8.23 -2.23
CA VAL F 141 27.50 8.92 -1.65
C VAL F 141 27.32 8.60 -0.16
N CYS F 142 27.82 7.47 0.32
CA CYS F 142 27.63 7.18 1.74
C CYS F 142 28.72 6.24 2.21
N GLU F 143 29.06 6.33 3.49
CA GLU F 143 30.02 5.41 4.07
C GLU F 143 29.72 5.28 5.55
N ALA F 144 29.85 4.07 6.09
CA ALA F 144 29.49 3.85 7.48
C ALA F 144 30.27 2.66 8.06
N THR F 145 30.34 2.63 9.38
CA THR F 145 30.82 1.47 10.11
C THR F 145 29.65 0.88 10.87
N MET F 146 29.41 -0.42 10.71
CA MET F 146 28.26 -1.03 11.37
C MET F 146 28.70 -2.18 12.24
N MET F 147 27.86 -2.48 13.22
CA MET F 147 28.07 -3.60 14.10
C MET F 147 26.75 -4.35 14.10
N CYS F 148 26.79 -5.61 13.65
CA CYS F 148 25.61 -6.43 13.49
C CYS F 148 25.76 -7.70 14.32
N ALA F 149 24.65 -8.16 14.87
CA ALA F 149 24.66 -9.34 15.71
C ALA F 149 23.62 -10.34 15.21
N ARG F 150 23.90 -11.62 15.39
CA ARG F 150 22.91 -12.66 15.18
C ARG F 150 22.69 -13.45 16.47
N SER F 151 21.44 -13.72 16.79
CA SER F 151 21.16 -14.54 17.96
C SER F 151 19.82 -15.22 17.75
N ARG F 152 19.60 -16.33 18.43
CA ARG F 152 18.35 -17.04 18.31
C ARG F 152 17.38 -16.59 19.35
N GLU F 153 16.22 -16.19 18.91
CA GLU F 153 15.20 -15.74 19.83
C GLU F 153 15.80 -14.69 20.78
N THR G 5 55.02 3.03 28.63
CA THR G 5 53.88 3.86 28.25
C THR G 5 52.71 2.96 27.84
N ILE G 6 52.56 1.84 28.56
CA ILE G 6 51.48 0.89 28.29
C ILE G 6 50.18 1.32 28.96
N GLU G 7 50.19 1.46 30.30
CA GLU G 7 48.91 1.71 30.98
C GLU G 7 48.35 3.08 30.65
N GLU G 8 49.19 4.05 30.28
CA GLU G 8 48.65 5.32 29.82
C GLU G 8 47.73 5.10 28.62
N ARG G 9 48.18 4.30 27.65
CA ARG G 9 47.36 4.04 26.47
C ARG G 9 46.16 3.17 26.81
N VAL G 10 46.33 2.18 27.68
CA VAL G 10 45.22 1.29 28.02
C VAL G 10 44.11 2.10 28.70
N LYS G 11 44.47 2.93 29.68
CA LYS G 11 43.46 3.76 30.34
C LYS G 11 42.89 4.79 29.38
N LYS G 12 43.72 5.32 28.46
CA LYS G 12 43.21 6.22 27.44
C LYS G 12 42.11 5.55 26.62
N ILE G 13 42.36 4.30 26.20
CA ILE G 13 41.39 3.55 25.42
C ILE G 13 40.11 3.34 26.22
N ILE G 14 40.25 2.94 27.49
CA ILE G 14 39.06 2.67 28.32
C ILE G 14 38.25 3.95 28.52
N GLY G 15 38.92 5.07 28.78
CA GLY G 15 38.20 6.32 28.91
C GLY G 15 37.49 6.72 27.64
N GLU G 16 38.14 6.51 26.49
CA GLU G 16 37.50 6.87 25.22
C GLU G 16 36.29 5.98 24.93
N GLN G 17 36.42 4.68 25.17
CA GLN G 17 35.38 3.73 24.82
C GLN G 17 34.19 3.79 25.78
N LEU G 18 34.44 3.97 27.07
CA LEU G 18 33.37 3.88 28.06
C LEU G 18 32.92 5.25 28.59
N GLY G 19 33.16 6.32 27.84
CA GLY G 19 32.80 7.67 28.23
C GLY G 19 32.91 8.02 29.70
N VAL G 20 34.07 7.72 30.31
CA VAL G 20 34.31 8.02 31.71
C VAL G 20 35.62 8.79 31.82
N LYS G 21 35.70 9.67 32.82
CA LYS G 21 36.89 10.47 33.03
C LYS G 21 38.05 9.60 33.51
N GLN G 22 39.27 9.97 33.07
CA GLN G 22 40.47 9.20 33.40
C GLN G 22 40.69 9.06 34.90
N GLU G 23 40.13 9.97 35.70
CA GLU G 23 40.26 9.85 37.15
C GLU G 23 39.40 8.71 37.68
N GLU G 24 38.32 8.38 36.98
CA GLU G 24 37.43 7.33 37.45
C GLU G 24 37.92 5.94 37.02
N VAL G 25 38.91 5.87 36.13
CA VAL G 25 39.43 4.59 35.64
C VAL G 25 40.63 4.24 36.52
N THR G 26 40.38 3.51 37.60
CA THR G 26 41.43 3.07 38.50
C THR G 26 41.86 1.65 38.14
N ASN G 27 42.99 1.22 38.71
CA ASN G 27 43.54 -0.09 38.35
C ASN G 27 42.59 -1.21 38.73
N ASN G 28 41.79 -1.01 39.77
CA ASN G 28 40.95 -2.07 40.32
C ASN G 28 39.47 -1.89 39.99
N ALA G 29 39.15 -1.16 38.92
CA ALA G 29 37.75 -0.93 38.52
C ALA G 29 37.27 -1.99 37.54
N SER G 30 36.12 -2.61 37.85
CA SER G 30 35.47 -3.55 36.94
C SER G 30 34.61 -2.80 35.94
N PHE G 31 34.57 -3.31 34.70
CA PHE G 31 33.81 -2.66 33.64
C PHE G 31 32.31 -2.69 33.92
N VAL G 32 31.77 -3.85 34.28
CA VAL G 32 30.32 -3.99 34.46
C VAL G 32 29.87 -3.31 35.74
N GLU G 33 30.40 -3.74 36.90
CA GLU G 33 29.89 -3.26 38.16
C GLU G 33 30.25 -1.79 38.40
N ASP G 34 31.54 -1.48 38.47
CA ASP G 34 31.94 -0.13 38.85
C ASP G 34 31.65 0.87 37.75
N LEU G 35 32.15 0.59 36.56
CA LEU G 35 31.89 1.43 35.41
C LEU G 35 30.61 1.01 34.75
N GLY G 36 30.15 1.76 33.77
CA GLY G 36 28.92 1.38 33.14
C GLY G 36 29.24 0.74 31.84
N ALA G 37 28.93 -0.52 31.70
CA ALA G 37 29.30 -1.20 30.51
C ALA G 37 28.21 -1.94 29.90
N ASP G 38 28.01 -1.70 28.64
CA ASP G 38 27.05 -2.45 27.90
C ASP G 38 27.69 -3.75 27.52
N SER G 39 26.86 -4.72 27.27
CA SER G 39 27.34 -6.01 26.80
C SER G 39 28.13 -5.82 25.51
N LEU G 40 27.94 -4.67 24.86
CA LEU G 40 28.55 -4.27 23.61
C LEU G 40 29.74 -3.35 23.82
N ASP G 41 29.80 -2.72 24.98
CA ASP G 41 30.97 -1.93 25.33
C ASP G 41 32.18 -2.82 25.61
N THR G 42 31.95 -3.97 26.24
CA THR G 42 33.06 -4.89 26.47
C THR G 42 33.66 -5.36 25.15
N VAL G 43 32.80 -5.70 24.19
CA VAL G 43 33.26 -6.18 22.89
C VAL G 43 33.97 -5.06 22.13
N GLU G 44 33.37 -3.87 22.08
CA GLU G 44 34.03 -2.75 21.44
C GLU G 44 35.38 -2.44 22.08
N LEU G 45 35.45 -2.59 23.41
CA LEU G 45 36.68 -2.26 24.11
C LEU G 45 37.76 -3.26 23.83
N VAL G 46 37.40 -4.55 23.76
CA VAL G 46 38.38 -5.56 23.37
C VAL G 46 38.87 -5.30 21.96
N MET G 47 37.95 -5.00 21.04
CA MET G 47 38.34 -4.72 19.66
C MET G 47 39.24 -3.48 19.59
N ALA G 48 38.95 -2.47 20.41
CA ALA G 48 39.77 -1.26 20.42
C ALA G 48 41.17 -1.53 20.95
N LEU G 49 41.28 -2.31 22.03
CA LEU G 49 42.59 -2.71 22.52
C LEU G 49 43.38 -3.43 21.45
N GLU G 50 42.74 -4.38 20.76
CA GLU G 50 43.43 -5.09 19.69
C GLU G 50 43.87 -4.13 18.58
N GLU G 51 42.98 -3.20 18.20
CA GLU G 51 43.31 -2.28 17.11
C GLU G 51 44.45 -1.35 17.49
N GLU G 52 44.51 -0.94 18.75
CA GLU G 52 45.60 -0.08 19.19
C GLU G 52 46.91 -0.86 19.29
N PHE G 53 46.87 -2.06 19.86
CA PHE G 53 48.08 -2.84 20.11
C PHE G 53 48.36 -3.93 19.08
N ASP G 54 47.54 -4.07 18.04
CA ASP G 54 47.65 -5.12 17.03
C ASP G 54 48.05 -6.48 17.59
N THR G 55 47.21 -6.99 18.50
CA THR G 55 47.39 -8.31 19.09
C THR G 55 46.09 -9.09 18.96
N GLU G 56 46.18 -10.41 19.16
CA GLU G 56 45.03 -11.30 19.07
C GLU G 56 44.61 -11.77 20.46
N ILE G 57 43.33 -11.62 20.76
CA ILE G 57 42.76 -11.98 22.06
C ILE G 57 41.75 -13.10 21.86
N PRO G 58 42.04 -14.32 22.32
CA PRO G 58 41.05 -15.40 22.22
C PRO G 58 39.78 -15.09 23.00
N ASP G 59 38.69 -15.78 22.61
CA ASP G 59 37.39 -15.52 23.25
C ASP G 59 37.41 -15.90 24.72
N GLU G 60 37.94 -17.08 25.03
CA GLU G 60 38.04 -17.49 26.43
C GLU G 60 38.97 -16.55 27.19
N GLU G 61 40.03 -16.08 26.53
CA GLU G 61 40.93 -15.12 27.15
C GLU G 61 40.27 -13.76 27.30
N ALA G 62 39.53 -13.32 26.27
CA ALA G 62 38.86 -12.02 26.33
C ALA G 62 37.76 -11.98 27.39
N GLU G 63 37.10 -13.10 27.64
CA GLU G 63 36.06 -13.08 28.67
C GLU G 63 36.65 -12.81 30.04
N LYS G 64 37.95 -13.09 30.25
CA LYS G 64 38.59 -12.87 31.54
C LYS G 64 38.93 -11.39 31.77
N ILE G 65 39.04 -10.59 30.71
CA ILE G 65 39.31 -9.17 30.87
C ILE G 65 38.00 -8.49 31.30
N THR G 66 37.82 -8.36 32.61
CA THR G 66 36.65 -7.72 33.20
C THR G 66 37.02 -6.51 34.05
N THR G 67 38.30 -6.28 34.27
CA THR G 67 38.78 -5.15 35.05
C THR G 67 39.89 -4.48 34.27
N VAL G 68 40.23 -3.25 34.66
CA VAL G 68 41.35 -2.54 34.03
C VAL G 68 42.65 -3.31 34.25
N GLN G 69 42.86 -3.81 35.48
CA GLN G 69 44.08 -4.53 35.80
C GLN G 69 44.25 -5.76 34.92
N ALA G 70 43.16 -6.50 34.68
CA ALA G 70 43.22 -7.69 33.83
C ALA G 70 43.66 -7.33 32.41
N ALA G 71 43.15 -6.22 31.88
CA ALA G 71 43.56 -5.80 30.56
C ALA G 71 45.05 -5.47 30.53
N ILE G 72 45.52 -4.66 31.48
CA ILE G 72 46.93 -4.29 31.50
C ILE G 72 47.82 -5.52 31.66
N ASP G 73 47.40 -6.47 32.49
CA ASP G 73 48.19 -7.67 32.71
C ASP G 73 48.26 -8.53 31.45
N TYR G 74 47.13 -8.68 30.73
CA TYR G 74 47.16 -9.42 29.48
C TYR G 74 48.10 -8.75 28.47
N ILE G 75 48.12 -7.41 28.47
CA ILE G 75 49.00 -6.71 27.53
C ILE G 75 50.46 -6.99 27.86
N ASN G 76 50.83 -6.96 29.12
CA ASN G 76 52.22 -7.19 29.55
C ASN G 76 52.60 -8.67 29.49
N THR H 5 -50.17 -10.11 31.86
CA THR H 5 -49.99 -11.56 31.89
C THR H 5 -48.77 -11.93 31.05
N ILE H 6 -48.63 -13.22 30.75
CA ILE H 6 -47.44 -13.71 30.06
C ILE H 6 -47.55 -13.49 28.55
N GLU H 7 -48.77 -13.45 28.01
CA GLU H 7 -48.90 -13.29 26.57
C GLU H 7 -48.64 -11.86 26.11
N GLU H 8 -49.01 -10.86 26.92
CA GLU H 8 -48.68 -9.49 26.54
C GLU H 8 -47.19 -9.31 26.40
N ARG H 9 -46.42 -9.82 27.37
CA ARG H 9 -44.98 -9.60 27.37
C ARG H 9 -44.31 -10.36 26.24
N VAL H 10 -44.73 -11.60 26.00
CA VAL H 10 -44.14 -12.36 24.90
C VAL H 10 -44.44 -11.67 23.58
N LYS H 11 -45.69 -11.27 23.38
CA LYS H 11 -46.08 -10.59 22.15
C LYS H 11 -45.37 -9.25 22.01
N LYS H 12 -45.18 -8.50 23.10
CA LYS H 12 -44.42 -7.26 22.99
C LYS H 12 -43.00 -7.53 22.53
N ILE H 13 -42.34 -8.52 23.12
CA ILE H 13 -40.97 -8.82 22.71
C ILE H 13 -40.93 -9.18 21.23
N ILE H 14 -41.81 -10.07 20.78
CA ILE H 14 -41.75 -10.50 19.38
C ILE H 14 -42.06 -9.34 18.44
N GLY H 15 -43.07 -8.53 18.77
CA GLY H 15 -43.42 -7.41 17.93
C GLY H 15 -42.28 -6.41 17.82
N GLU H 16 -41.59 -6.15 18.93
CA GLU H 16 -40.46 -5.23 18.91
C GLU H 16 -39.29 -5.83 18.13
N GLN H 17 -39.05 -7.14 18.26
CA GLN H 17 -37.90 -7.73 17.61
C GLN H 17 -38.06 -7.73 16.10
N LEU H 18 -39.25 -8.06 15.60
CA LEU H 18 -39.50 -8.12 14.16
C LEU H 18 -40.30 -6.94 13.66
N GLY H 19 -40.18 -5.79 14.34
CA GLY H 19 -40.89 -4.59 13.98
C GLY H 19 -42.31 -4.77 13.49
N VAL H 20 -43.17 -5.44 14.26
CA VAL H 20 -44.54 -5.62 13.84
C VAL H 20 -45.48 -5.14 14.94
N LYS H 21 -46.65 -4.67 14.53
CA LYS H 21 -47.69 -4.26 15.45
C LYS H 21 -48.22 -5.48 16.21
N GLN H 22 -48.62 -5.24 17.46
CA GLN H 22 -49.14 -6.32 18.29
C GLN H 22 -50.34 -7.00 17.65
N GLU H 23 -51.02 -6.32 16.71
CA GLU H 23 -52.18 -6.91 16.06
C GLU H 23 -51.78 -8.01 15.10
N GLU H 24 -50.60 -7.92 14.48
CA GLU H 24 -50.23 -8.89 13.46
C GLU H 24 -49.62 -10.15 14.05
N VAL H 25 -49.27 -10.12 15.34
CA VAL H 25 -48.63 -11.25 16.01
C VAL H 25 -49.71 -12.09 16.67
N THR H 26 -50.10 -13.19 16.02
CA THR H 26 -51.01 -14.15 16.63
C THR H 26 -50.19 -15.22 17.34
N ASN H 27 -50.86 -16.03 18.15
CA ASN H 27 -50.17 -16.98 19.02
C ASN H 27 -49.45 -18.07 18.26
N ASN H 28 -50.01 -18.55 17.15
CA ASN H 28 -49.41 -19.67 16.42
C ASN H 28 -48.87 -19.29 15.06
N ALA H 29 -48.51 -18.02 14.86
CA ALA H 29 -47.84 -17.57 13.66
C ALA H 29 -46.37 -17.84 13.89
N SER H 30 -45.70 -18.48 12.93
CA SER H 30 -44.28 -18.78 13.10
C SER H 30 -43.42 -17.58 12.78
N PHE H 31 -42.33 -17.43 13.54
CA PHE H 31 -41.48 -16.25 13.38
C PHE H 31 -40.88 -16.20 11.98
N VAL H 32 -40.32 -17.31 11.50
CA VAL H 32 -39.61 -17.32 10.23
C VAL H 32 -40.58 -17.17 9.06
N GLU H 33 -41.54 -18.09 8.93
CA GLU H 33 -42.42 -18.05 7.77
C GLU H 33 -43.38 -16.87 7.82
N ASP H 34 -44.18 -16.80 8.89
CA ASP H 34 -45.26 -15.83 8.95
C ASP H 34 -44.76 -14.39 9.16
N LEU H 35 -43.93 -14.19 10.16
CA LEU H 35 -43.44 -12.87 10.51
C LEU H 35 -42.12 -12.39 9.93
N GLY H 36 -41.43 -13.21 9.18
CA GLY H 36 -40.19 -12.80 8.60
C GLY H 36 -38.90 -12.75 9.34
N ALA H 37 -38.75 -13.44 10.45
CA ALA H 37 -37.49 -13.41 11.17
C ALA H 37 -36.36 -14.10 10.50
N ASP H 38 -35.16 -13.62 10.72
CA ASP H 38 -33.97 -14.16 10.13
C ASP H 38 -33.16 -14.87 11.18
N SER H 39 -32.26 -15.72 10.73
CA SER H 39 -31.50 -16.59 11.61
C SER H 39 -30.97 -15.88 12.84
N LEU H 40 -30.90 -14.56 12.82
CA LEU H 40 -30.35 -13.82 13.94
C LEU H 40 -31.44 -13.19 14.79
N ASP H 41 -32.63 -13.01 14.22
CA ASP H 41 -33.75 -12.51 15.00
C ASP H 41 -34.23 -13.56 15.97
N THR H 42 -34.21 -14.84 15.57
CA THR H 42 -34.65 -15.90 16.47
C THR H 42 -33.76 -15.96 17.71
N VAL H 43 -32.45 -15.85 17.53
CA VAL H 43 -31.53 -15.88 18.65
C VAL H 43 -31.71 -14.65 19.53
N GLU H 44 -31.76 -13.45 18.93
CA GLU H 44 -31.94 -12.26 19.73
C GLU H 44 -33.24 -12.32 20.52
N LEU H 45 -34.29 -12.87 19.93
CA LEU H 45 -35.56 -12.88 20.63
C LEU H 45 -35.53 -13.89 21.77
N VAL H 46 -34.85 -15.03 21.60
CA VAL H 46 -34.70 -15.95 22.72
C VAL H 46 -33.94 -15.28 23.86
N MET H 47 -32.86 -14.57 23.54
CA MET H 47 -32.16 -13.86 24.60
C MET H 47 -33.08 -12.84 25.26
N ALA H 48 -33.94 -12.20 24.47
CA ALA H 48 -34.85 -11.20 25.02
C ALA H 48 -35.86 -11.84 25.96
N LEU H 49 -36.43 -12.97 25.57
CA LEU H 49 -37.32 -13.71 26.47
C LEU H 49 -36.61 -14.04 27.77
N GLU H 50 -35.37 -14.54 27.67
CA GLU H 50 -34.63 -14.86 28.87
C GLU H 50 -34.46 -13.63 29.75
N GLU H 51 -34.18 -12.49 29.13
CA GLU H 51 -33.98 -11.26 29.90
C GLU H 51 -35.28 -10.81 30.58
N GLU H 52 -36.41 -10.94 29.89
CA GLU H 52 -37.69 -10.53 30.47
C GLU H 52 -38.20 -11.52 31.50
N PHE H 53 -38.23 -12.80 31.15
CA PHE H 53 -38.68 -13.86 32.03
C PHE H 53 -37.40 -14.47 32.58
N ASP H 54 -37.05 -14.17 33.82
CA ASP H 54 -35.75 -14.61 34.31
C ASP H 54 -35.60 -16.13 34.33
N THR H 55 -35.67 -16.74 33.15
CA THR H 55 -35.48 -18.19 32.98
C THR H 55 -34.41 -18.40 31.92
N GLU H 56 -33.81 -19.59 31.93
CA GLU H 56 -32.80 -19.96 30.95
C GLU H 56 -33.32 -21.04 30.02
N ILE H 57 -33.04 -20.86 28.74
CA ILE H 57 -33.49 -21.72 27.65
C ILE H 57 -32.27 -22.41 27.04
N PRO H 58 -32.14 -23.73 27.20
CA PRO H 58 -31.06 -24.46 26.52
C PRO H 58 -31.13 -24.31 25.00
N ASP H 59 -30.02 -24.67 24.33
CA ASP H 59 -29.90 -24.45 22.89
C ASP H 59 -30.96 -25.23 22.12
N GLU H 60 -31.14 -26.51 22.43
CA GLU H 60 -32.20 -27.30 21.80
C GLU H 60 -33.59 -26.77 22.17
N GLU H 61 -33.74 -26.33 23.42
CA GLU H 61 -35.02 -25.76 23.83
C GLU H 61 -35.29 -24.47 23.07
N ALA H 62 -34.25 -23.68 22.82
CA ALA H 62 -34.41 -22.48 21.98
C ALA H 62 -34.73 -22.87 20.55
N GLU H 63 -34.22 -24.02 20.10
CA GLU H 63 -34.54 -24.51 18.76
C GLU H 63 -36.03 -24.78 18.61
N LYS H 64 -36.71 -25.20 19.68
CA LYS H 64 -38.14 -25.50 19.53
C LYS H 64 -39.05 -24.28 19.59
N ILE H 65 -38.61 -23.16 20.18
CA ILE H 65 -39.45 -21.96 20.28
C ILE H 65 -39.55 -21.22 18.95
N THR H 66 -40.59 -21.51 18.18
CA THR H 66 -40.83 -20.87 16.89
C THR H 66 -42.13 -20.09 16.82
N THR H 67 -42.98 -20.15 17.85
CA THR H 67 -44.21 -19.36 17.89
C THR H 67 -44.34 -18.73 19.27
N VAL H 68 -45.24 -17.76 19.36
CA VAL H 68 -45.56 -17.16 20.66
C VAL H 68 -46.05 -18.22 21.62
N GLN H 69 -46.94 -19.10 21.15
CA GLN H 69 -47.49 -20.13 22.02
C GLN H 69 -46.39 -21.05 22.55
N ALA H 70 -45.40 -21.39 21.71
CA ALA H 70 -44.31 -22.24 22.15
C ALA H 70 -43.52 -21.59 23.29
N ALA H 71 -43.26 -20.28 23.18
CA ALA H 71 -42.59 -19.57 24.24
C ALA H 71 -43.41 -19.55 25.52
N ILE H 72 -44.71 -19.25 25.41
CA ILE H 72 -45.56 -19.24 26.60
C ILE H 72 -45.58 -20.62 27.25
N ASP H 73 -45.63 -21.67 26.44
CA ASP H 73 -45.64 -23.02 26.99
C ASP H 73 -44.33 -23.33 27.69
N TYR H 74 -43.19 -22.93 27.11
CA TYR H 74 -41.93 -23.14 27.80
C TYR H 74 -41.87 -22.37 29.12
N ILE H 75 -42.33 -21.11 29.11
CA ILE H 75 -42.25 -20.28 30.30
C ILE H 75 -43.13 -20.85 31.41
N ASN H 76 -44.35 -21.24 31.09
CA ASN H 76 -45.20 -21.82 32.12
C ASN H 76 -44.64 -23.15 32.63
N GLY H 77 -43.98 -23.92 31.76
CA GLY H 77 -43.42 -25.19 32.20
C GLY H 77 -42.28 -25.03 33.20
N HIS H 78 -41.29 -24.24 32.83
CA HIS H 78 -40.08 -24.11 33.65
C HIS H 78 -40.18 -22.84 34.51
N GLN H 79 -41.05 -22.92 35.51
CA GLN H 79 -41.34 -21.80 36.41
C GLN H 79 -40.22 -21.56 37.41
N ALA I 3 -24.02 -12.93 -55.73
CA ALA I 3 -22.88 -12.10 -55.36
C ALA I 3 -23.28 -10.95 -54.43
N SER I 4 -22.34 -10.48 -53.59
CA SER I 4 -22.57 -9.32 -52.74
C SER I 4 -21.71 -8.17 -53.25
N THR I 5 -22.39 -7.10 -53.67
CA THR I 5 -21.71 -5.93 -54.21
C THR I 5 -20.73 -5.35 -53.20
N ILE I 6 -19.59 -4.86 -53.70
CA ILE I 6 -18.61 -4.12 -52.90
C ILE I 6 -19.27 -3.06 -52.04
N GLU I 7 -20.34 -2.45 -52.54
CA GLU I 7 -21.00 -1.42 -51.75
C GLU I 7 -21.79 -2.04 -50.60
N GLU I 8 -22.39 -3.20 -50.83
CA GLU I 8 -23.07 -3.92 -49.76
C GLU I 8 -22.11 -4.22 -48.63
N ARG I 9 -20.94 -4.71 -49.00
CA ARG I 9 -19.95 -5.16 -48.03
C ARG I 9 -19.41 -3.98 -47.24
N VAL I 10 -19.10 -2.88 -47.94
CA VAL I 10 -18.52 -1.72 -47.30
C VAL I 10 -19.51 -1.08 -46.34
N LYS I 11 -20.77 -0.89 -46.78
CA LYS I 11 -21.77 -0.29 -45.91
C LYS I 11 -22.07 -1.20 -44.71
N LYS I 12 -22.06 -2.52 -44.92
CA LYS I 12 -22.21 -3.45 -43.82
C LYS I 12 -21.13 -3.24 -42.75
N ILE I 13 -19.88 -3.18 -43.19
CA ILE I 13 -18.78 -2.98 -42.25
C ILE I 13 -18.88 -1.64 -41.53
N ILE I 14 -19.18 -0.58 -42.27
CA ILE I 14 -19.21 0.74 -41.64
C ILE I 14 -20.31 0.82 -40.59
N GLY I 15 -21.47 0.25 -40.90
CA GLY I 15 -22.54 0.22 -39.91
C GLY I 15 -22.17 -0.59 -38.68
N GLU I 16 -21.51 -1.74 -38.87
CA GLU I 16 -21.16 -2.53 -37.70
C GLU I 16 -20.10 -1.82 -36.87
N GLN I 17 -19.12 -1.20 -37.51
CA GLN I 17 -18.00 -0.60 -36.78
C GLN I 17 -18.43 0.66 -36.05
N LEU I 18 -19.30 1.48 -36.66
CA LEU I 18 -19.66 2.77 -36.10
C LEU I 18 -21.02 2.77 -35.44
N GLY I 19 -21.61 1.58 -35.20
CA GLY I 19 -22.94 1.47 -34.65
C GLY I 19 -23.97 2.45 -35.19
N VAL I 20 -24.15 2.45 -36.51
CA VAL I 20 -25.10 3.31 -37.22
C VAL I 20 -26.03 2.41 -38.02
N LYS I 21 -27.27 2.85 -38.22
CA LYS I 21 -28.20 2.04 -38.99
C LYS I 21 -27.76 1.96 -40.45
N GLN I 22 -27.90 0.78 -41.03
CA GLN I 22 -27.44 0.58 -42.40
C GLN I 22 -28.17 1.48 -43.38
N GLU I 23 -29.34 2.00 -42.99
CA GLU I 23 -30.10 2.89 -43.85
C GLU I 23 -29.46 4.27 -43.94
N GLU I 24 -28.76 4.69 -42.89
CA GLU I 24 -28.20 6.01 -42.78
C GLU I 24 -26.80 6.15 -43.41
N VAL I 25 -26.17 5.06 -43.81
CA VAL I 25 -24.80 5.13 -44.35
C VAL I 25 -24.91 5.35 -45.86
N THR I 26 -24.81 6.61 -46.26
CA THR I 26 -24.90 6.98 -47.66
C THR I 26 -23.51 7.09 -48.31
N ASN I 27 -23.53 7.17 -49.64
CA ASN I 27 -22.29 7.11 -50.40
C ASN I 27 -21.40 8.30 -50.13
N ASN I 28 -21.97 9.47 -49.85
CA ASN I 28 -21.15 10.66 -49.63
C ASN I 28 -21.08 11.01 -48.16
N ALA I 29 -21.32 10.04 -47.29
CA ALA I 29 -21.31 10.32 -45.86
C ALA I 29 -19.89 10.33 -45.36
N SER I 30 -19.53 11.40 -44.67
CA SER I 30 -18.22 11.48 -44.06
C SER I 30 -18.25 10.69 -42.76
N PHE I 31 -17.16 9.98 -42.48
CA PHE I 31 -17.14 9.20 -41.26
C PHE I 31 -17.22 10.12 -40.05
N VAL I 32 -16.42 11.19 -40.06
CA VAL I 32 -16.30 12.06 -38.89
C VAL I 32 -17.58 12.88 -38.67
N GLU I 33 -17.96 13.67 -39.67
CA GLU I 33 -19.11 14.56 -39.50
C GLU I 33 -20.41 13.79 -39.52
N ASP I 34 -20.73 13.18 -40.64
CA ASP I 34 -21.98 12.50 -40.73
C ASP I 34 -22.22 11.34 -39.83
N LEU I 35 -21.25 10.49 -39.63
CA LEU I 35 -21.48 9.36 -38.79
C LEU I 35 -20.87 9.46 -37.43
N GLY I 36 -20.28 10.59 -37.13
CA GLY I 36 -19.68 10.78 -35.83
C GLY I 36 -18.65 9.81 -35.33
N ALA I 37 -17.62 9.55 -36.11
CA ALA I 37 -16.58 8.65 -35.70
C ALA I 37 -15.40 9.39 -35.12
N ASP I 38 -14.79 8.83 -34.08
CA ASP I 38 -13.59 9.41 -33.50
C ASP I 38 -12.33 8.94 -34.24
N SER I 39 -11.17 9.43 -33.78
CA SER I 39 -9.89 9.14 -34.41
C SER I 39 -9.55 7.66 -34.48
N LEU I 40 -10.10 6.84 -33.60
CA LEU I 40 -9.67 5.46 -33.60
C LEU I 40 -10.66 4.57 -34.31
N ASP I 41 -11.86 5.12 -34.52
CA ASP I 41 -12.85 4.44 -35.34
C ASP I 41 -12.41 4.41 -36.79
N THR I 42 -11.73 5.47 -37.25
CA THR I 42 -11.18 5.46 -38.61
C THR I 42 -10.15 4.34 -38.78
N VAL I 43 -9.26 4.18 -37.81
CA VAL I 43 -8.23 3.15 -37.90
C VAL I 43 -8.85 1.76 -37.88
N GLU I 44 -9.75 1.52 -36.92
CA GLU I 44 -10.44 0.23 -36.92
C GLU I 44 -11.20 0.00 -38.19
N LEU I 45 -11.75 1.08 -38.78
CA LEU I 45 -12.59 0.94 -39.96
C LEU I 45 -11.78 0.55 -41.19
N VAL I 46 -10.60 1.17 -41.34
CA VAL I 46 -9.68 0.77 -42.41
C VAL I 46 -9.20 -0.66 -42.20
N MET I 47 -8.85 -1.04 -40.96
CA MET I 47 -8.45 -2.42 -40.75
C MET I 47 -9.57 -3.40 -41.04
N ALA I 48 -10.81 -3.01 -40.76
CA ALA I 48 -11.93 -3.89 -41.08
C ALA I 48 -12.07 -4.08 -42.58
N LEU I 49 -11.94 -3.00 -43.34
CA LEU I 49 -11.90 -3.13 -44.80
C LEU I 49 -10.78 -4.06 -45.24
N GLU I 50 -9.58 -3.92 -44.65
CA GLU I 50 -8.45 -4.75 -45.01
C GLU I 50 -8.74 -6.23 -44.78
N GLU I 51 -9.34 -6.57 -43.65
CA GLU I 51 -9.69 -7.97 -43.41
C GLU I 51 -10.78 -8.45 -44.35
N GLU I 52 -11.71 -7.57 -44.72
CA GLU I 52 -12.84 -7.98 -45.54
C GLU I 52 -12.44 -8.34 -46.95
N PHE I 53 -11.59 -7.55 -47.58
CA PHE I 53 -11.25 -7.80 -48.95
C PHE I 53 -9.88 -8.36 -49.10
N ASP I 54 -9.40 -8.96 -48.03
CA ASP I 54 -8.10 -9.57 -47.98
C ASP I 54 -6.98 -8.71 -48.51
N THR I 55 -6.92 -7.43 -48.18
CA THR I 55 -5.85 -6.65 -48.70
C THR I 55 -5.20 -5.87 -47.64
N GLU I 56 -4.21 -5.16 -48.09
CA GLU I 56 -3.46 -4.24 -47.25
C GLU I 56 -3.58 -2.86 -47.89
N ILE I 57 -3.93 -1.87 -47.09
CA ILE I 57 -4.12 -0.50 -47.59
C ILE I 57 -2.97 0.33 -47.05
N PRO I 58 -2.04 0.78 -47.90
CA PRO I 58 -0.95 1.62 -47.43
C PRO I 58 -1.44 2.91 -46.79
N ASP I 59 -0.56 3.52 -45.99
CA ASP I 59 -0.93 4.71 -45.24
C ASP I 59 -1.30 5.87 -46.16
N GLU I 60 -0.54 6.06 -47.25
CA GLU I 60 -0.83 7.15 -48.17
C GLU I 60 -2.24 7.04 -48.76
N GLU I 61 -2.65 5.84 -49.16
CA GLU I 61 -4.03 5.64 -49.61
C GLU I 61 -5.03 5.68 -48.47
N ALA I 62 -4.66 5.16 -47.30
CA ALA I 62 -5.59 5.11 -46.18
C ALA I 62 -6.01 6.50 -45.75
N GLU I 63 -5.10 7.48 -45.85
CA GLU I 63 -5.45 8.84 -45.47
C GLU I 63 -6.58 9.38 -46.35
N LYS I 64 -6.72 8.85 -47.55
CA LYS I 64 -7.74 9.32 -48.48
C LYS I 64 -9.11 8.71 -48.21
N ILE I 65 -9.18 7.57 -47.53
CA ILE I 65 -10.49 6.99 -47.29
C ILE I 65 -11.16 7.71 -46.13
N THR I 66 -11.96 8.73 -46.45
CA THR I 66 -12.70 9.44 -45.42
C THR I 66 -14.20 9.43 -45.64
N THR I 67 -14.67 8.88 -46.77
CA THR I 67 -16.09 8.73 -47.06
C THR I 67 -16.37 7.32 -47.56
N VAL I 68 -17.64 6.96 -47.55
CA VAL I 68 -18.05 5.64 -48.04
C VAL I 68 -17.65 5.45 -49.50
N GLN I 69 -17.89 6.50 -50.30
CA GLN I 69 -17.56 6.45 -51.72
C GLN I 69 -16.07 6.22 -51.92
N ALA I 70 -15.24 6.87 -51.11
CA ALA I 70 -13.79 6.67 -51.23
C ALA I 70 -13.40 5.21 -50.99
N ALA I 71 -14.02 4.54 -50.00
CA ALA I 71 -13.70 3.15 -49.74
C ALA I 71 -14.14 2.26 -50.91
N ILE I 72 -15.36 2.46 -51.40
CA ILE I 72 -15.81 1.66 -52.54
C ILE I 72 -14.90 1.88 -53.74
N ASP I 73 -14.51 3.14 -53.97
CA ASP I 73 -13.67 3.47 -55.12
C ASP I 73 -12.32 2.81 -55.00
N TYR I 74 -11.78 2.81 -53.82
CA TYR I 74 -10.52 2.20 -53.62
C TYR I 74 -10.58 0.74 -53.87
N ILE I 75 -11.67 0.10 -53.50
CA ILE I 75 -11.76 -1.32 -53.67
C ILE I 75 -12.01 -1.71 -55.08
N ASN I 76 -12.58 -0.85 -55.88
CA ASN I 76 -12.84 -1.24 -57.22
C ASN I 76 -12.12 -0.51 -58.33
N GLY I 77 -10.96 0.08 -58.13
CA GLY I 77 -10.33 0.78 -59.22
C GLY I 77 -10.82 2.18 -59.52
N HIS I 78 -9.92 3.12 -59.53
CA HIS I 78 -10.23 4.52 -59.74
C HIS I 78 -11.41 4.92 -60.58
N THR J 5 51.18 10.09 17.92
CA THR J 5 51.10 11.41 18.54
C THR J 5 49.93 12.21 17.96
N ILE J 6 49.99 13.54 18.07
CA ILE J 6 48.81 14.36 17.77
C ILE J 6 48.62 14.55 16.27
N GLU J 7 49.71 14.73 15.52
CA GLU J 7 49.53 14.98 14.10
C GLU J 7 49.09 13.73 13.35
N GLU J 8 49.51 12.57 13.82
CA GLU J 8 49.01 11.33 13.25
C GLU J 8 47.49 11.27 13.35
N ARG J 9 46.96 11.57 14.54
CA ARG J 9 45.53 11.48 14.78
C ARG J 9 44.77 12.56 14.00
N VAL J 10 45.32 13.78 13.95
CA VAL J 10 44.64 14.86 13.23
C VAL J 10 44.58 14.57 11.74
N LYS J 11 45.70 14.16 11.15
CA LYS J 11 45.69 13.86 9.73
C LYS J 11 44.80 12.66 9.44
N LYS J 12 44.78 11.67 10.34
CA LYS J 12 43.85 10.54 10.18
C LYS J 12 42.42 11.02 10.14
N ILE J 13 42.04 11.90 11.06
CA ILE J 13 40.67 12.42 11.10
C ILE J 13 40.35 13.18 9.83
N ILE J 14 41.25 14.06 9.41
CA ILE J 14 40.99 14.90 8.24
C ILE J 14 40.83 14.03 6.99
N GLY J 15 41.67 13.00 6.88
CA GLY J 15 41.56 12.08 5.75
C GLY J 15 40.28 11.27 5.76
N GLU J 16 39.86 10.79 6.93
CA GLU J 16 38.64 9.98 6.96
C GLU J 16 37.41 10.85 6.69
N GLN J 17 37.33 12.00 7.29
CA GLN J 17 36.19 12.85 7.15
C GLN J 17 35.97 13.38 5.75
N LEU J 18 37.06 13.75 5.10
CA LEU J 18 37.03 14.26 3.73
C LEU J 18 37.55 13.13 2.95
N GLY J 19 36.99 12.84 1.79
CA GLY J 19 37.44 11.67 1.08
C GLY J 19 38.69 11.86 0.27
N VAL J 20 39.79 11.92 0.99
CA VAL J 20 41.06 12.14 0.44
C VAL J 20 41.98 11.11 0.99
N LYS J 21 42.97 10.85 0.19
CA LYS J 21 44.04 9.94 0.56
C LYS J 21 44.93 10.59 1.61
N GLN J 22 45.44 9.78 2.52
CA GLN J 22 46.29 10.34 3.57
C GLN J 22 47.52 11.03 2.98
N GLU J 23 47.88 10.68 1.74
CA GLU J 23 49.05 11.26 1.06
C GLU J 23 48.84 12.72 0.71
N GLU J 24 47.60 13.11 0.43
CA GLU J 24 47.27 14.45 -0.03
C GLU J 24 47.10 15.43 1.11
N VAL J 25 47.04 14.94 2.35
CA VAL J 25 46.80 15.80 3.51
C VAL J 25 48.17 16.25 4.01
N THR J 26 48.61 17.40 3.52
CA THR J 26 49.85 18.02 3.96
C THR J 26 49.53 19.04 5.03
N ASN J 27 50.56 19.58 5.69
CA ASN J 27 50.32 20.40 6.89
C ASN J 27 49.53 21.66 6.59
N ASN J 28 49.71 22.20 5.41
CA ASN J 28 49.13 23.42 4.89
C ASN J 28 48.09 23.21 3.79
N ALA J 29 47.41 22.06 3.79
CA ALA J 29 46.36 21.91 2.80
C ALA J 29 45.14 22.65 3.33
N SER J 30 44.61 23.53 2.49
CA SER J 30 43.41 24.24 2.89
C SER J 30 42.24 23.30 2.66
N PHE J 31 41.29 23.32 3.59
CA PHE J 31 40.16 22.40 3.49
C PHE J 31 39.32 22.74 2.27
N VAL J 32 39.00 24.02 2.12
CA VAL J 32 38.13 24.45 1.04
C VAL J 32 38.88 24.38 -0.30
N GLU J 33 40.05 25.02 -0.36
CA GLU J 33 40.81 25.14 -1.61
C GLU J 33 41.47 23.82 -2.01
N ASP J 34 42.43 23.32 -1.20
CA ASP J 34 43.24 22.17 -1.60
C ASP J 34 42.43 20.88 -1.61
N LEU J 35 41.69 20.63 -0.53
CA LEU J 35 40.90 19.41 -0.36
C LEU J 35 39.44 19.66 -0.74
N GLY J 36 38.71 18.57 -0.93
CA GLY J 36 37.33 18.67 -1.35
C GLY J 36 36.37 19.09 -0.25
N ALA J 37 35.90 20.33 -0.27
CA ALA J 37 34.99 20.83 0.75
C ALA J 37 33.60 21.03 0.18
N ASP J 38 32.61 20.43 0.83
CA ASP J 38 31.23 20.71 0.48
C ASP J 38 30.87 21.99 1.22
N SER J 39 29.63 22.43 1.11
CA SER J 39 29.28 23.65 1.83
C SER J 39 29.53 23.52 3.34
N LEU J 40 29.56 22.30 3.90
CA LEU J 40 29.70 22.17 5.35
C LEU J 40 30.71 21.12 5.82
N ASP J 41 31.67 20.70 4.98
CA ASP J 41 32.67 19.73 5.41
C ASP J 41 33.61 20.30 6.46
N THR J 42 33.88 21.60 6.42
CA THR J 42 34.69 22.23 7.46
C THR J 42 34.03 22.10 8.84
N VAL J 43 32.73 22.36 8.92
CA VAL J 43 32.03 22.23 10.19
C VAL J 43 32.04 20.77 10.64
N GLU J 44 31.74 19.85 9.70
CA GLU J 44 31.80 18.42 9.99
C GLU J 44 33.18 18.01 10.49
N LEU J 45 34.22 18.60 9.91
CA LEU J 45 35.57 18.19 10.27
C LEU J 45 35.96 18.73 11.64
N VAL J 46 35.60 19.97 11.94
CA VAL J 46 35.89 20.51 13.28
C VAL J 46 35.16 19.69 14.33
N MET J 47 33.90 19.36 14.08
CA MET J 47 33.16 18.54 15.03
C MET J 47 33.81 17.17 15.18
N ALA J 48 34.35 16.62 14.09
CA ALA J 48 35.00 15.31 14.15
C ALA J 48 36.25 15.37 15.02
N LEU J 49 37.07 16.39 14.79
CA LEU J 49 38.25 16.60 15.63
C LEU J 49 37.83 16.69 17.09
N GLU J 50 36.78 17.47 17.34
CA GLU J 50 36.33 17.67 18.71
C GLU J 50 35.90 16.37 19.39
N GLU J 51 35.16 15.53 18.68
CA GLU J 51 34.72 14.26 19.26
C GLU J 51 35.86 13.28 19.50
N GLU J 52 36.90 13.30 18.63
CA GLU J 52 38.01 12.38 18.82
C GLU J 52 38.92 12.78 19.98
N PHE J 53 39.29 14.06 20.09
CA PHE J 53 40.25 14.45 21.12
C PHE J 53 39.60 15.04 22.35
N ASP J 54 38.31 14.77 22.56
CA ASP J 54 37.55 15.29 23.69
C ASP J 54 37.98 16.69 24.14
N THR J 55 37.86 17.68 23.26
CA THR J 55 38.16 19.07 23.54
C THR J 55 36.90 19.84 23.20
N GLU J 56 36.79 21.07 23.68
CA GLU J 56 35.69 21.94 23.27
C GLU J 56 36.25 23.17 22.57
N ILE J 57 35.74 23.46 21.38
CA ILE J 57 36.24 24.57 20.57
C ILE J 57 35.15 25.63 20.42
N PRO J 58 35.33 26.82 21.01
CA PRO J 58 34.34 27.90 20.84
C PRO J 58 34.14 28.27 19.37
N ASP J 59 33.01 28.95 19.11
CA ASP J 59 32.66 29.28 17.72
C ASP J 59 33.69 30.16 17.06
N GLU J 60 34.15 31.21 17.73
CA GLU J 60 35.20 32.04 17.13
C GLU J 60 36.49 31.24 16.94
N GLU J 61 36.79 30.34 17.88
CA GLU J 61 37.96 29.48 17.72
C GLU J 61 37.75 28.49 16.59
N ALA J 62 36.54 27.94 16.45
CA ALA J 62 36.26 27.00 15.38
C ALA J 62 36.33 27.66 14.00
N GLU J 63 35.92 28.93 13.91
CA GLU J 63 35.95 29.65 12.64
C GLU J 63 37.37 29.81 12.10
N LYS J 64 38.37 29.71 12.97
CA LYS J 64 39.77 29.92 12.59
C LYS J 64 40.40 28.71 11.92
N ILE J 65 39.87 27.50 12.15
CA ILE J 65 40.46 26.29 11.59
C ILE J 65 40.08 26.18 10.11
N THR J 66 40.98 26.59 9.22
CA THR J 66 40.78 26.42 7.79
C THR J 66 41.85 25.59 7.10
N THR J 67 42.95 25.27 7.79
CA THR J 67 44.05 24.48 7.24
C THR J 67 44.43 23.36 8.21
N VAL J 68 45.21 22.40 7.69
CA VAL J 68 45.72 21.32 8.54
C VAL J 68 46.61 21.88 9.64
N GLN J 69 47.48 22.83 9.30
CA GLN J 69 48.38 23.40 10.29
C GLN J 69 47.61 24.10 11.40
N ALA J 70 46.53 24.81 11.05
CA ALA J 70 45.73 25.48 12.07
C ALA J 70 45.11 24.47 13.03
N ALA J 71 44.65 23.33 12.51
CA ALA J 71 44.11 22.27 13.36
C ALA J 71 45.17 21.69 14.29
N ILE J 72 46.35 21.37 13.73
CA ILE J 72 47.43 20.83 14.56
C ILE J 72 47.83 21.84 15.63
N ASP J 73 47.84 23.13 15.29
CA ASP J 73 48.19 24.17 16.26
C ASP J 73 47.16 24.29 17.37
N TYR J 74 45.86 24.23 17.04
CA TYR J 74 44.84 24.30 18.07
C TYR J 74 44.91 23.12 19.03
N ILE J 75 45.19 21.90 18.52
CA ILE J 75 45.18 20.75 19.40
C ILE J 75 46.26 20.85 20.49
N ASN J 76 47.27 21.70 20.29
CA ASN J 76 48.28 21.90 21.33
C ASN J 76 47.76 22.74 22.50
N GLY J 77 46.67 23.47 22.32
CA GLY J 77 46.10 24.28 23.39
C GLY J 77 44.82 23.71 23.98
N ALA K 3 -3.36 -21.02 -62.96
CA ALA K 3 -2.01 -21.04 -62.43
C ALA K 3 -2.00 -21.46 -60.96
N SER K 4 -0.82 -21.88 -60.50
CA SER K 4 -0.65 -22.58 -59.24
C SER K 4 0.80 -22.39 -58.77
N THR K 5 1.04 -22.69 -57.49
CA THR K 5 2.34 -22.52 -56.85
C THR K 5 2.49 -23.56 -55.75
N ILE K 6 3.73 -23.98 -55.45
CA ILE K 6 3.85 -25.07 -54.48
C ILE K 6 4.66 -24.74 -53.22
N GLU K 7 6.00 -24.79 -53.29
CA GLU K 7 6.79 -24.40 -52.11
C GLU K 7 6.89 -22.90 -52.01
N GLU K 8 6.53 -22.22 -53.11
CA GLU K 8 6.53 -20.78 -53.15
C GLU K 8 5.75 -20.22 -51.99
N ARG K 9 4.63 -20.86 -51.63
CA ARG K 9 3.80 -20.33 -50.55
C ARG K 9 4.51 -20.42 -49.21
N VAL K 10 5.23 -21.53 -48.97
CA VAL K 10 5.98 -21.69 -47.72
C VAL K 10 7.05 -20.63 -47.63
N LYS K 11 7.79 -20.42 -48.72
CA LYS K 11 8.83 -19.41 -48.70
C LYS K 11 8.24 -18.01 -48.51
N LYS K 12 7.07 -17.76 -49.12
CA LYS K 12 6.39 -16.47 -48.96
C LYS K 12 6.03 -16.23 -47.50
N ILE K 13 5.45 -17.23 -46.84
CA ILE K 13 5.07 -17.10 -45.43
C ILE K 13 6.29 -16.88 -44.55
N ILE K 14 7.38 -17.63 -44.79
CA ILE K 14 8.55 -17.45 -43.94
C ILE K 14 9.10 -16.04 -44.10
N GLY K 15 9.14 -15.54 -45.34
CA GLY K 15 9.62 -14.18 -45.57
C GLY K 15 8.76 -13.13 -44.90
N GLU K 16 7.43 -13.33 -44.93
CA GLU K 16 6.53 -12.38 -44.27
C GLU K 16 6.69 -12.43 -42.75
N GLN K 17 6.83 -13.63 -42.19
CA GLN K 17 6.90 -13.75 -40.73
C GLN K 17 8.20 -13.20 -40.17
N LEU K 18 9.33 -13.43 -40.84
CA LEU K 18 10.59 -13.00 -40.25
C LEU K 18 11.14 -11.73 -40.88
N GLY K 19 10.28 -10.92 -41.49
CA GLY K 19 10.67 -9.70 -42.17
C GLY K 19 11.96 -9.73 -42.98
N VAL K 20 12.11 -10.67 -43.91
CA VAL K 20 13.30 -10.77 -44.75
C VAL K 20 12.87 -10.76 -46.22
N LYS K 21 13.72 -10.21 -47.07
CA LYS K 21 13.43 -10.28 -48.51
C LYS K 21 13.54 -11.72 -48.98
N GLN K 22 12.63 -12.11 -49.90
CA GLN K 22 12.49 -13.50 -50.32
C GLN K 22 13.77 -14.08 -50.86
N GLU K 23 14.74 -13.23 -51.25
CA GLU K 23 15.99 -13.78 -51.73
C GLU K 23 16.80 -14.44 -50.61
N GLU K 24 16.56 -14.01 -49.39
CA GLU K 24 17.29 -14.51 -48.26
C GLU K 24 16.78 -15.86 -47.81
N VAL K 25 15.55 -16.19 -48.18
CA VAL K 25 14.93 -17.45 -47.82
C VAL K 25 15.46 -18.54 -48.70
N THR K 26 16.33 -19.38 -48.19
CA THR K 26 16.84 -20.42 -49.00
C THR K 26 16.40 -21.73 -48.46
N ASN K 27 16.38 -22.73 -49.29
CA ASN K 27 15.93 -24.03 -48.78
C ASN K 27 16.74 -24.47 -47.56
N ASN K 28 18.01 -24.06 -47.48
CA ASN K 28 18.91 -24.50 -46.42
C ASN K 28 19.11 -23.44 -45.35
N ALA K 29 18.15 -22.53 -45.20
CA ALA K 29 18.22 -21.50 -44.18
C ALA K 29 17.59 -22.00 -42.89
N SER K 30 18.32 -21.87 -41.79
CA SER K 30 17.77 -22.15 -40.47
C SER K 30 17.07 -20.91 -39.93
N PHE K 31 15.98 -21.12 -39.21
CA PHE K 31 15.21 -19.98 -38.70
C PHE K 31 16.02 -19.19 -37.69
N VAL K 32 16.65 -19.88 -36.74
CA VAL K 32 17.34 -19.21 -35.64
C VAL K 32 18.65 -18.57 -36.11
N GLU K 33 19.54 -19.39 -36.68
CA GLU K 33 20.90 -18.95 -37.00
C GLU K 33 20.90 -18.01 -38.20
N ASP K 34 20.45 -18.51 -39.36
CA ASP K 34 20.55 -17.74 -40.60
C ASP K 34 19.57 -16.58 -40.62
N LEU K 35 18.33 -16.85 -40.22
CA LEU K 35 17.25 -15.86 -40.23
C LEU K 35 17.14 -15.24 -38.85
N GLY K 36 16.75 -13.97 -38.80
CA GLY K 36 16.68 -13.37 -37.48
C GLY K 36 15.42 -13.78 -36.74
N ALA K 37 15.40 -15.02 -36.26
CA ALA K 37 14.25 -15.59 -35.56
C ALA K 37 14.60 -15.93 -34.13
N ASP K 38 13.77 -15.47 -33.19
CA ASP K 38 13.86 -15.91 -31.81
C ASP K 38 12.98 -17.15 -31.58
N SER K 39 13.02 -17.65 -30.35
CA SER K 39 12.24 -18.80 -29.91
C SER K 39 10.73 -18.64 -30.08
N LEU K 40 10.22 -17.41 -30.20
CA LEU K 40 8.79 -17.15 -30.25
C LEU K 40 8.28 -16.93 -31.66
N ASP K 41 9.15 -16.45 -32.54
CA ASP K 41 8.80 -16.30 -33.94
C ASP K 41 8.66 -17.66 -34.59
N THR K 42 9.43 -18.64 -34.11
CA THR K 42 9.31 -20.00 -34.64
C THR K 42 7.92 -20.56 -34.40
N VAL K 43 7.39 -20.39 -33.19
CA VAL K 43 6.06 -20.91 -32.91
C VAL K 43 5.02 -20.13 -33.70
N GLU K 44 5.15 -18.80 -33.74
CA GLU K 44 4.23 -18.01 -34.56
C GLU K 44 4.27 -18.47 -36.01
N LEU K 45 5.44 -18.87 -36.48
CA LEU K 45 5.62 -19.30 -37.87
C LEU K 45 4.98 -20.65 -38.13
N VAL K 46 5.14 -21.58 -37.19
CA VAL K 46 4.47 -22.87 -37.33
C VAL K 46 2.96 -22.67 -37.35
N MET K 47 2.45 -21.81 -36.47
CA MET K 47 1.01 -21.53 -36.49
C MET K 47 0.60 -20.86 -37.79
N ALA K 48 1.41 -19.95 -38.31
CA ALA K 48 1.06 -19.27 -39.55
C ALA K 48 0.96 -20.27 -40.70
N LEU K 49 1.95 -21.16 -40.79
CA LEU K 49 1.93 -22.27 -41.74
C LEU K 49 0.71 -23.14 -41.56
N GLU K 50 0.40 -23.49 -40.32
CA GLU K 50 -0.73 -24.35 -40.05
C GLU K 50 -2.04 -23.73 -40.53
N GLU K 51 -2.22 -22.44 -40.27
CA GLU K 51 -3.44 -21.79 -40.73
C GLU K 51 -3.48 -21.63 -42.24
N GLU K 52 -2.32 -21.42 -42.89
CA GLU K 52 -2.32 -21.23 -44.33
C GLU K 52 -2.67 -22.52 -45.08
N PHE K 53 -2.08 -23.65 -44.69
CA PHE K 53 -2.28 -24.90 -45.40
C PHE K 53 -3.33 -25.77 -44.74
N ASP K 54 -4.05 -25.23 -43.77
CA ASP K 54 -5.02 -25.92 -42.90
C ASP K 54 -4.58 -27.36 -42.68
N THR K 55 -3.42 -27.51 -42.06
CA THR K 55 -2.82 -28.80 -41.77
C THR K 55 -2.56 -28.82 -40.26
N GLU K 56 -2.42 -30.00 -39.68
CA GLU K 56 -2.14 -30.09 -38.26
C GLU K 56 -0.68 -30.47 -38.07
N ILE K 57 0.01 -29.69 -37.26
CA ILE K 57 1.40 -29.94 -36.92
C ILE K 57 1.46 -30.19 -35.43
N PRO K 58 1.58 -31.45 -35.01
CA PRO K 58 1.68 -31.75 -33.57
C PRO K 58 2.90 -31.11 -32.94
N ASP K 59 2.83 -30.96 -31.60
CA ASP K 59 3.91 -30.29 -30.87
C ASP K 59 5.24 -31.00 -31.08
N GLU K 60 5.24 -32.34 -31.02
CA GLU K 60 6.46 -33.09 -31.29
C GLU K 60 6.93 -32.90 -32.73
N GLU K 61 5.98 -32.83 -33.67
CA GLU K 61 6.34 -32.56 -35.07
C GLU K 61 6.86 -31.14 -35.25
N ALA K 62 6.23 -30.18 -34.57
CA ALA K 62 6.62 -28.78 -34.73
C ALA K 62 8.04 -28.54 -34.25
N GLU K 63 8.51 -29.29 -33.25
CA GLU K 63 9.87 -29.08 -32.75
C GLU K 63 10.91 -29.31 -33.83
N LYS K 64 10.61 -30.16 -34.81
CA LYS K 64 11.59 -30.49 -35.84
C LYS K 64 11.67 -29.45 -36.95
N ILE K 65 10.61 -28.66 -37.17
CA ILE K 65 10.67 -27.67 -38.23
C ILE K 65 11.56 -26.51 -37.78
N THR K 66 12.84 -26.59 -38.13
CA THR K 66 13.80 -25.54 -37.82
C THR K 66 14.46 -24.91 -39.04
N THR K 67 14.21 -25.45 -40.24
CA THR K 67 14.72 -24.88 -41.49
C THR K 67 13.59 -24.78 -42.49
N VAL K 68 13.83 -24.01 -43.55
CA VAL K 68 12.86 -23.85 -44.63
C VAL K 68 12.54 -25.21 -45.25
N GLN K 69 13.58 -26.02 -45.47
CA GLN K 69 13.36 -27.31 -46.10
C GLN K 69 12.44 -28.17 -45.25
N ALA K 70 12.65 -28.18 -43.93
CA ALA K 70 11.83 -29.00 -43.05
C ALA K 70 10.37 -28.59 -43.12
N ALA K 71 10.10 -27.29 -43.18
CA ALA K 71 8.71 -26.84 -43.31
C ALA K 71 8.12 -27.32 -44.62
N ILE K 72 8.83 -27.11 -45.73
CA ILE K 72 8.29 -27.54 -47.02
C ILE K 72 8.03 -29.04 -47.02
N ASP K 73 8.96 -29.81 -46.44
CA ASP K 73 8.84 -31.27 -46.42
C ASP K 73 7.66 -31.74 -45.57
N TYR K 74 7.47 -31.14 -44.39
CA TYR K 74 6.31 -31.54 -43.61
C TYR K 74 5.00 -31.21 -44.33
N ILE K 75 4.94 -30.04 -44.97
CA ILE K 75 3.69 -29.66 -45.64
C ILE K 75 3.38 -30.60 -46.78
N ASN K 76 4.40 -31.04 -47.52
CA ASN K 76 4.18 -32.05 -48.54
C ASN K 76 3.69 -33.33 -47.88
N GLY K 77 2.40 -33.60 -48.01
CA GLY K 77 1.82 -34.82 -47.46
C GLY K 77 1.31 -34.72 -46.04
N HIS K 78 1.20 -33.51 -45.48
CA HIS K 78 0.59 -33.26 -44.17
C HIS K 78 1.25 -34.06 -43.05
N GLN K 79 2.50 -34.50 -43.21
CA GLN K 79 3.13 -35.35 -42.21
C GLN K 79 4.65 -35.33 -42.33
N ILE L 6 -47.71 10.35 29.12
CA ILE L 6 -47.57 10.36 30.56
C ILE L 6 -46.06 10.32 30.86
N GLU L 7 -45.71 10.59 32.11
CA GLU L 7 -44.32 10.66 32.53
C GLU L 7 -43.65 9.30 32.67
N GLU L 8 -44.39 8.21 32.92
CA GLU L 8 -43.74 6.91 32.91
C GLU L 8 -43.02 6.69 31.57
N ARG L 9 -43.67 7.09 30.48
CA ARG L 9 -43.06 6.91 29.16
C ARG L 9 -41.87 7.84 29.00
N VAL L 10 -41.98 9.07 29.53
CA VAL L 10 -40.89 10.03 29.43
C VAL L 10 -39.66 9.54 30.17
N LYS L 11 -39.85 9.02 31.39
CA LYS L 11 -38.74 8.47 32.17
C LYS L 11 -38.16 7.23 31.49
N LYS L 12 -39.01 6.41 30.87
CA LYS L 12 -38.50 5.28 30.09
C LYS L 12 -37.57 5.78 28.98
N ILE L 13 -38.00 6.83 28.27
CA ILE L 13 -37.20 7.38 27.17
C ILE L 13 -35.87 7.91 27.70
N ILE L 14 -35.90 8.64 28.84
CA ILE L 14 -34.67 9.21 29.38
C ILE L 14 -33.70 8.10 29.79
N GLY L 15 -34.22 7.05 30.43
CA GLY L 15 -33.36 5.96 30.83
C GLY L 15 -32.73 5.25 29.64
N GLU L 16 -33.51 5.03 28.57
CA GLU L 16 -32.94 4.38 27.39
C GLU L 16 -31.92 5.28 26.69
N GLN L 17 -32.22 6.57 26.59
CA GLN L 17 -31.34 7.49 25.87
C GLN L 17 -30.05 7.74 26.62
N LEU L 18 -30.11 7.89 27.95
CA LEU L 18 -28.92 8.19 28.72
C LEU L 18 -28.42 7.00 29.54
N GLY L 19 -28.70 5.77 29.10
CA GLY L 19 -28.30 4.54 29.77
C GLY L 19 -28.29 4.53 31.29
N VAL L 20 -29.38 4.94 31.94
CA VAL L 20 -29.47 4.98 33.39
C VAL L 20 -30.71 4.21 33.84
N LYS L 21 -30.61 3.55 35.01
CA LYS L 21 -31.76 2.83 35.57
C LYS L 21 -32.86 3.79 35.98
N GLN L 22 -34.11 3.30 35.88
CA GLN L 22 -35.26 4.11 36.27
C GLN L 22 -35.16 4.57 37.72
N GLU L 23 -34.34 3.89 38.52
CA GLU L 23 -34.21 4.23 39.93
C GLU L 23 -33.47 5.55 40.12
N GLU L 24 -32.55 5.87 39.21
CA GLU L 24 -31.69 7.05 39.30
C GLU L 24 -32.23 8.28 38.57
N VAL L 25 -33.24 8.15 37.71
CA VAL L 25 -33.77 9.29 36.96
C VAL L 25 -34.93 9.89 37.76
N THR L 26 -34.62 10.92 38.53
CA THR L 26 -35.60 11.61 39.35
C THR L 26 -36.18 12.82 38.62
N ASN L 27 -37.25 13.38 39.21
CA ASN L 27 -37.98 14.45 38.53
C ASN L 27 -37.12 15.69 38.32
N ASN L 28 -36.23 15.99 39.26
CA ASN L 28 -35.45 17.23 39.23
C ASN L 28 -33.99 16.99 38.87
N ALA L 29 -33.70 15.91 38.14
CA ALA L 29 -32.35 15.61 37.69
C ALA L 29 -32.08 16.29 36.36
N SER L 30 -30.96 17.02 36.29
CA SER L 30 -30.57 17.69 35.05
C SER L 30 -29.86 16.72 34.10
N PHE L 31 -30.11 16.89 32.81
CA PHE L 31 -29.52 16.01 31.80
C PHE L 31 -28.01 16.15 31.69
N VAL L 32 -27.48 17.38 31.67
CA VAL L 32 -26.08 17.56 31.31
C VAL L 32 -25.16 17.00 32.39
N GLU L 33 -25.17 17.60 33.58
CA GLU L 33 -24.26 17.13 34.63
C GLU L 33 -24.72 15.82 35.25
N ASP L 34 -25.98 15.76 35.70
CA ASP L 34 -26.41 14.68 36.59
C ASP L 34 -26.31 13.32 35.92
N LEU L 35 -26.85 13.18 34.72
CA LEU L 35 -26.88 11.91 34.01
C LEU L 35 -25.74 11.78 32.99
N GLY L 36 -24.77 12.69 33.04
CA GLY L 36 -23.66 12.78 32.11
C GLY L 36 -24.04 12.65 30.65
N ALA L 37 -24.60 13.71 30.11
CA ALA L 37 -25.05 13.78 28.71
C ALA L 37 -24.23 14.82 27.97
N ASP L 38 -23.69 14.44 26.82
CA ASP L 38 -22.99 15.38 25.95
C ASP L 38 -24.02 16.05 25.03
N SER L 39 -23.53 16.94 24.16
CA SER L 39 -24.35 17.70 23.23
C SER L 39 -25.27 16.84 22.39
N LEU L 40 -25.05 15.54 22.35
CA LEU L 40 -25.86 14.71 21.48
C LEU L 40 -26.94 13.93 22.21
N ASP L 41 -26.81 13.72 23.52
CA ASP L 41 -27.90 13.06 24.25
C ASP L 41 -29.12 13.96 24.37
N THR L 42 -28.90 15.27 24.56
CA THR L 42 -30.03 16.19 24.63
C THR L 42 -30.81 16.22 23.32
N VAL L 43 -30.10 16.30 22.18
CA VAL L 43 -30.77 16.32 20.89
C VAL L 43 -31.43 14.97 20.60
N GLU L 44 -30.72 13.86 20.85
CA GLU L 44 -31.33 12.54 20.67
C GLU L 44 -32.59 12.40 21.51
N LEU L 45 -32.58 12.97 22.72
CA LEU L 45 -33.75 12.87 23.58
C LEU L 45 -34.85 13.81 23.12
N VAL L 46 -34.52 14.99 22.61
CA VAL L 46 -35.57 15.82 22.02
C VAL L 46 -36.22 15.05 20.88
N MET L 47 -35.41 14.39 20.06
CA MET L 47 -35.94 13.58 18.95
C MET L 47 -36.76 12.40 19.45
N ALA L 48 -36.30 11.71 20.50
CA ALA L 48 -37.02 10.55 21.02
C ALA L 48 -38.33 10.94 21.69
N LEU L 49 -38.32 11.98 22.52
CA LEU L 49 -39.56 12.50 23.09
C LEU L 49 -40.53 12.92 21.99
N GLU L 50 -40.04 13.70 21.03
CA GLU L 50 -40.92 14.17 19.95
C GLU L 50 -41.52 13.00 19.20
N GLU L 51 -40.71 12.00 18.87
CA GLU L 51 -41.22 10.86 18.13
C GLU L 51 -42.18 10.02 18.98
N GLU L 52 -41.97 9.97 20.29
CA GLU L 52 -42.86 9.20 21.15
C GLU L 52 -44.21 9.89 21.29
N PHE L 53 -44.21 11.19 21.57
CA PHE L 53 -45.46 11.93 21.74
C PHE L 53 -45.87 12.71 20.50
N ASP L 54 -45.38 12.29 19.33
CA ASP L 54 -45.67 12.87 18.01
C ASP L 54 -45.95 14.37 18.10
N THR L 55 -45.05 15.10 18.75
CA THR L 55 -45.18 16.53 19.01
C THR L 55 -44.00 17.23 18.37
N GLU L 56 -44.17 18.53 18.09
CA GLU L 56 -43.10 19.33 17.53
C GLU L 56 -42.66 20.34 18.58
N ILE L 57 -41.36 20.33 18.88
CA ILE L 57 -40.74 21.18 19.89
C ILE L 57 -39.73 22.10 19.22
N PRO L 58 -39.96 23.40 19.18
CA PRO L 58 -38.93 24.29 18.62
C PRO L 58 -37.64 24.16 19.42
N ASP L 59 -36.53 24.49 18.77
CA ASP L 59 -35.23 24.37 19.42
C ASP L 59 -35.11 25.30 20.61
N GLU L 60 -35.58 26.54 20.46
CA GLU L 60 -35.56 27.48 21.57
C GLU L 60 -36.41 26.95 22.73
N GLU L 61 -37.54 26.31 22.41
CA GLU L 61 -38.34 25.65 23.45
C GLU L 61 -37.63 24.41 23.98
N ALA L 62 -37.00 23.63 23.09
CA ALA L 62 -36.28 22.44 23.49
C ALA L 62 -35.04 22.76 24.32
N GLU L 63 -34.43 23.94 24.10
CA GLU L 63 -33.22 24.32 24.83
C GLU L 63 -33.46 24.44 26.32
N LYS L 64 -34.69 24.75 26.72
CA LYS L 64 -35.00 24.97 28.13
C LYS L 64 -35.24 23.68 28.89
N ILE L 65 -35.58 22.59 28.20
CA ILE L 65 -35.83 21.29 28.81
C ILE L 65 -34.51 20.62 29.19
N THR L 66 -34.08 20.78 30.44
CA THR L 66 -32.87 20.13 30.92
C THR L 66 -33.08 19.21 32.11
N THR L 67 -34.28 19.13 32.68
CA THR L 67 -34.56 18.22 33.77
C THR L 67 -35.80 17.40 33.41
N VAL L 68 -35.98 16.29 34.12
CA VAL L 68 -37.16 15.48 33.91
C VAL L 68 -38.41 16.29 34.20
N GLN L 69 -38.36 17.12 35.24
CA GLN L 69 -39.50 17.94 35.61
C GLN L 69 -39.93 18.85 34.47
N ALA L 70 -38.97 19.57 33.88
CA ALA L 70 -39.28 20.45 32.77
C ALA L 70 -39.78 19.67 31.57
N ALA L 71 -39.24 18.47 31.35
CA ALA L 71 -39.65 17.67 30.19
C ALA L 71 -41.13 17.30 30.27
N ILE L 72 -41.57 16.70 31.38
CA ILE L 72 -42.99 16.37 31.47
C ILE L 72 -43.84 17.65 31.48
N ASP L 73 -43.36 18.72 32.11
CA ASP L 73 -44.15 19.95 32.16
C ASP L 73 -44.42 20.49 30.77
N TYR L 74 -43.41 20.49 29.90
CA TYR L 74 -43.61 20.88 28.51
C TYR L 74 -44.58 19.89 27.83
N ILE L 75 -44.42 18.61 28.15
CA ILE L 75 -45.29 17.54 27.71
C ILE L 75 -46.68 17.67 28.32
CAA XLN M . -0.56 6.71 -20.32
CAA XLN M . -6.65 8.33 -19.08
CAB XLN M . -1.52 6.56 -19.18
CAB XLN M . -5.32 8.83 -18.57
CAC XLN M . -2.84 7.26 -19.48
CAC XLN M . -4.12 8.00 -19.06
CAD XLN M . -3.96 6.91 -18.52
CAD XLN M . -4.14 6.72 -18.27
CAE XLN M . -5.00 6.15 -18.87
CAE XLN M . -4.57 5.56 -18.78
CAI XLN M . -7.35 4.04 -20.64
CAI XLN M . -7.36 4.20 -20.38
CAJ XLN M . -7.60 3.66 -22.07
CAJ XLN M . -7.48 3.68 -21.80
CAL XLN M . -9.10 4.95 -23.33
CAL XLN M . -9.00 4.90 -23.22
CAM XLN M . -9.20 5.72 -24.59
CAM XLN M . -9.11 5.67 -24.50
CAN XLN M . -10.60 5.57 -25.15
CAN XLN M . -10.51 5.49 -25.05
CAQ XLN M . -10.87 6.99 -26.97
CAQ XLN M . -10.88 6.93 -26.93
CAR XLN M . -10.43 8.34 -27.38
CAR XLN M . -10.49 8.31 -27.35
CAS XLN M . -10.13 8.39 -28.85
CAS XLN M . -10.14 8.31 -28.83
CAT XLN M . -9.70 9.74 -29.32
CAT XLN M . -9.68 9.69 -29.27
CAW XLN M . -9.01 7.41 -29.03
CAW XLN M . -9.03 7.31 -29.04
CAX XLN M . -11.31 7.96 -29.67
CAX XLN M . -11.35 7.92 -29.66
CBD XLN M . -6.87 5.46 -20.55
CBD XLN M . -6.70 5.56 -20.36
NAK XLN M . -7.91 4.79 -22.88
NAK XLN M . -7.79 4.76 -22.71
NAP XLN M . -11.10 6.79 -25.72
NAP XLN M . -11.02 6.72 -25.63
OAG XLN M . -4.75 4.22 -20.21
OAG XLN M . -4.75 4.05 -20.65
OAH XLN M . -4.59 6.18 -21.25
OAH XLN M . -4.43 6.29 -21.12
OAO XLN M . -10.03 4.49 -22.79
OAO XLN M . -9.97 4.44 -22.69
OAU XLN M . -11.00 6.11 -27.75
OAU XLN M . -11.05 6.05 -27.74
OAV XLN M . -11.53 9.16 -27.11
OAV XLN M . -11.60 9.16 -27.12
OAY XLN M . -9.48 9.69 -30.73
OAY XLN M . -9.55 9.69 -30.68
OBA XLN M . -8.14 11.65 -30.92
OBA XLN M . -8.10 11.68 -30.91
OBB XLN M . -10.64 11.77 -30.92
OBB XLN M . -10.57 11.94 -30.96
PAZ XLN M . -9.41 11.05 -31.49
PAZ XLN M . -9.40 11.10 -31.43
SAF XLN M . -5.27 5.50 -20.26
SAF XLN M . -5.06 5.36 -20.25
CAA XLN N . 0.07 -13.01 -16.60
CAA XLN N . 5.50 -14.81 -14.61
CAB XLN N . 1.13 -12.10 -16.05
CAB XLN N . 4.08 -14.36 -14.40
CAC XLN N . 2.34 -12.89 -15.53
CAC XLN N . 3.59 -13.49 -15.55
CAD XLN N . 3.49 -12.02 -15.06
CAD XLN N . 3.59 -12.07 -15.06
CAE XLN N . 4.25 -11.28 -15.89
CAE XLN N . 3.81 -11.03 -15.87
CAI XLN N . 6.36 -10.43 -18.35
CAI XLN N . 6.43 -10.47 -18.15
CAJ XLN N . 6.75 -10.38 -19.80
CAJ XLN N . 6.57 -10.41 -19.66
CAL XLN N . 8.01 -12.11 -20.77
CAL XLN N . 7.96 -12.06 -20.71
CAM XLN N . 8.08 -13.13 -21.85
CAM XLN N . 8.01 -13.11 -21.79
CAN XLN N . 9.50 -13.34 -22.29
CAN XLN N . 9.44 -13.29 -22.25
CAQ XLN N . 10.12 -15.49 -22.86
CAQ XLN N . 10.16 -15.48 -22.85
CAR XLN N . 9.56 -16.78 -23.37
CAR XLN N . 9.58 -16.77 -23.35
CAS XLN N . 9.72 -16.88 -24.86
CAS XLN N . 9.70 -16.84 -24.86
CAT XLN N . 9.98 -18.32 -25.32
CAT XLN N . 9.87 -18.29 -25.33
CAW XLN N . 8.39 -16.42 -25.38
CAW XLN N . 8.41 -16.28 -25.44
CAX XLN N . 10.75 -15.90 -25.38
CAX XLN N . 10.86 -15.97 -25.35
CBD XLN N . 5.48 -11.61 -18.10
CBD XLN N . 5.58 -11.65 -17.73
NAK XLN N . 6.85 -11.69 -20.36
NAK XLN N . 6.78 -11.73 -20.24
NAP XLN N . 9.53 -14.41 -23.23
NAP XLN N . 9.52 -14.38 -23.19
OAG XLN N . 3.84 -9.77 -17.72
OAG XLN N . 3.90 -9.80 -17.92
OAH XLN N . 3.07 -11.86 -17.93
OAH XLN N . 3.11 -11.96 -18.01
OAO XLN N . 8.99 -11.68 -20.31
OAO XLN N . 8.98 -11.57 -20.32
OAU XLN N . 11.08 -15.44 -22.16
OAU XLN N . 11.15 -15.45 -22.19
OAV XLN N . 10.22 -17.86 -22.75
OAV XLN N . 10.28 -17.87 -22.76
OAY XLN N . 11.16 -18.53 -26.10
OAY XLN N . 11.10 -18.51 -26.02
OBA XLN N . 13.04 -20.00 -25.71
OBA XLN N . 12.94 -20.14 -25.64
OBB XLN N . 10.73 -20.94 -25.67
OBB XLN N . 10.60 -20.97 -25.75
PAZ XLN N . 11.69 -19.99 -26.35
PAZ XLN N . 11.60 -20.00 -26.33
SAF XLN N . 4.11 -11.11 -17.42
SAF XLN N . 4.07 -11.11 -17.40
CAA XLN O . -17.32 9.99 8.17
CAA XLN O . -13.53 14.21 10.15
CAB XLN O . -15.91 9.69 8.62
CAB XLN O . -13.28 12.85 10.77
CAC XLN O . -15.36 10.75 9.58
CAC XLN O . -14.47 11.94 10.52
CAD XLN O . -14.04 10.37 10.22
CAD XLN O . -13.97 10.53 10.34
CAE XLN O . -14.00 9.93 11.47
CAE XLN O . -14.33 9.54 11.16
CAI XLN O . -15.02 10.20 14.81
CAI XLN O . -14.61 9.22 14.84
CAJ XLN O . -15.83 9.59 15.92
CAJ XLN O . -15.86 9.92 15.33
CAL XLN O . -16.52 11.35 17.31
CAL XLN O . -16.54 11.28 17.14
CAM XLN O . -16.17 12.32 18.39
CAM XLN O . -16.10 12.18 18.26
CAN XLN O . -17.44 12.59 19.18
CAN XLN O . -17.29 12.45 19.14
CAQ XLN O . -18.86 14.39 19.65
CAQ XLN O . -18.75 14.28 19.58
CAR XLN O . -19.03 15.46 20.64
CAR XLN O . -18.93 15.44 20.49
CAS XLN O . -19.60 16.63 19.91
CAS XLN O . -19.79 16.45 19.76
CAT XLN O . -19.47 17.84 20.80
CAT XLN O . -19.64 17.78 20.47
CAW XLN O . -18.85 16.84 18.61
CAW XLN O . -19.34 16.55 18.31
CAX XLN O . -21.07 16.36 19.60
CAX XLN O . -21.24 15.99 19.81
CBD XLN O . -14.83 9.12 13.78
CBD XLN O . -14.88 8.56 13.51
NAK XLN O . -15.66 10.38 17.10
NAK XLN O . -15.66 10.43 16.66
NAP XLN O . -17.64 13.99 19.40
NAP XLN O . -17.53 13.86 19.36
OAG XLN O . -15.98 10.91 12.48
OAG XLN O . -15.11 10.99 12.96
OAH XLN O . -16.10 8.80 11.71
OAH XLN O . -16.61 9.51 12.00
OAO XLN O . -17.54 11.46 16.67
OAO XLN O . -17.65 11.36 16.70
OAU XLN O . -19.82 13.92 19.10
OAU XLN O . -19.72 13.76 19.06
OAV XLN O . -20.02 15.06 21.58
OAV XLN O . -19.67 15.03 21.63
OAY XLN O . -20.48 17.72 21.79
OAY XLN O . -20.43 17.72 21.65
OBA XLN O . -20.98 20.08 21.42
OBA XLN O . -20.93 20.11 21.21
OBB XLN O . -19.72 19.37 23.34
OBB XLN O . -19.88 19.44 23.30
PAZ XLN O . -20.91 19.05 22.50
PAZ XLN O . -20.93 19.09 22.30
SAF XLN O . -15.27 9.72 12.34
SAF XLN O . -15.27 9.70 12.39
CAA XLN P . -15.22 -13.45 8.69
CAA XLN P . -14.04 -10.12 13.22
CAB XLN P . -14.33 -12.25 8.54
CAB XLN P . -13.59 -9.72 11.83
CAC XLN P . -14.48 -11.36 9.76
CAC XLN P . -14.19 -10.63 10.76
CAD XLN P . -14.15 -9.96 9.35
CAD XLN P . -14.13 -9.95 9.42
CAE XLN P . -15.04 -8.97 9.34
CAE XLN P . -15.18 -9.28 8.96
CAI XLN P . -18.63 -9.87 8.50
CAI XLN P . -18.68 -9.75 8.40
CAJ XLN P . -19.85 -9.01 8.62
CAJ XLN P . -20.01 -9.07 8.54
CAL XLN P . -21.31 -10.86 8.52
CAL XLN P . -21.39 -10.96 8.52
CAM XLN P . -22.37 -11.70 9.15
CAM XLN P . -22.49 -11.75 9.16
CAN XLN P . -23.42 -11.98 8.11
CAN XLN P . -23.54 -12.06 8.12
CAQ XLN P . -24.68 -13.67 9.14
CAQ XLN P . -24.77 -13.76 9.18
CAR XLN P . -24.66 -15.10 9.53
CAR XLN P . -24.67 -15.16 9.63
CAS XLN P . -25.83 -15.37 10.45
CAS XLN P . -25.84 -15.46 10.56
CAT XLN P . -25.97 -16.86 10.75
CAT XLN P . -25.93 -16.93 10.93
CAW XLN P . -25.55 -14.63 11.74
CAW XLN P . -25.56 -14.63 11.80
CAX XLN P . -27.13 -14.90 9.83
CAX XLN P . -27.16 -15.07 9.94
CBD XLN P . -17.42 -8.98 8.37
CBD XLN P . -17.63 -8.69 8.55
NAK XLN P . -20.90 -9.80 9.17
NAK XLN P . -20.90 -9.97 9.19
NAP XLN P . -23.88 -13.34 8.17
NAP XLN P . -23.96 -13.43 8.20
OAG XLN P . -16.86 -10.25 10.42
OAG XLN P . -16.97 -10.29 10.32
OAH XLN P . -16.84 -7.98 10.58
OAH XLN P . -16.49 -8.09 10.65
OAO XLN P . -20.84 -11.17 7.46
OAO XLN P . -20.98 -11.26 7.44
OAU XLN P . -25.39 -12.86 9.68
OAU XLN P . -25.51 -12.97 9.68
OAV XLN P . -24.74 -15.83 8.33
OAV XLN P . -24.72 -15.94 8.44
OAY XLN P . -27.18 -17.09 11.47
OAY XLN P . -27.13 -17.19 11.62
OBA XLN P . -27.59 -19.56 11.63
OBA XLN P . -27.66 -19.61 11.33
OBB XLN P . -28.14 -18.26 9.56
OBB XLN P . -28.04 -17.89 9.58
PAZ XLN P . -28.15 -18.27 11.05
PAZ XLN P . -28.17 -18.21 11.02
SAF XLN P . -16.54 -9.07 9.74
SAF XLN P . -16.54 -9.12 9.70
CAA XLN Q . 18.45 -6.20 9.86
CAA XLN Q . 15.44 -8.32 14.41
CAB XLN Q . 17.29 -5.41 10.45
CAB XLN Q . 15.04 -6.93 13.96
CAC XLN Q . 16.62 -6.15 11.60
CAC XLN Q . 15.69 -6.55 12.65
CAD XLN Q . 15.40 -5.41 12.07
CAD XLN Q . 15.14 -5.29 12.12
CAE XLN Q . 15.46 -4.32 12.84
CAE XLN Q . 15.68 -4.09 12.41
CAI XLN Q . 17.08 -2.54 15.70
CAI XLN Q . 17.19 -2.77 15.61
CAJ XLN Q . 16.97 -2.72 17.20
CAJ XLN Q . 16.89 -3.02 17.05
CAL XLN Q . 18.10 -3.89 18.92
CAL XLN Q . 18.09 -3.85 18.89
CAM XLN Q . 19.43 -4.20 19.54
CAM XLN Q . 19.41 -4.14 19.48
CAN XLN Q . 19.19 -4.83 20.89
CAN XLN Q . 19.23 -4.82 20.80
CAQ XLN Q . 20.70 -6.24 22.11
CAQ XLN Q . 20.73 -6.12 22.01
CAR XLN Q . 22.08 -6.74 21.87
CAR XLN Q . 22.10 -6.68 21.89
CAS XLN Q . 23.03 -6.18 22.93
CAS XLN Q . 23.02 -6.14 22.96
CAT XLN Q . 23.28 -7.21 24.04
CAT XLN Q . 23.29 -7.11 24.09
CAW XLN Q . 24.30 -5.79 22.20
CAW XLN Q . 24.28 -5.82 22.20
CAX XLN Q . 22.45 -4.93 23.57
CAX XLN Q . 22.46 -4.86 23.54
CBD XLN Q . 16.80 -3.86 15.03
CBD XLN Q . 16.55 -3.87 14.83
NAK XLN Q . 18.13 -3.40 17.70
NAK XLN Q . 18.11 -3.37 17.69
NAP XLN Q . 20.43 -5.05 21.59
NAP XLN Q . 20.50 -5.04 21.38
OAG XLN Q . 16.71 -2.24 13.10
OAG XLN Q . 17.11 -2.30 13.01
OAH XLN Q . 17.95 -4.16 12.84
OAH XLN Q . 18.09 -4.27 12.98
OAO XLN Q . 17.06 -4.09 19.52
OAO XLN Q . 17.08 -4.06 19.46
OAU XLN Q . 19.89 -6.88 22.73
OAU XLN Q . 19.91 -6.65 22.67
OAV XLN Q . 22.09 -8.16 21.89
OAV XLN Q . 22.08 -8.07 21.98
OAY XLN Q . 24.67 -7.44 24.21
OAY XLN Q . 24.67 -7.23 24.38
OBA XLN Q . 24.22 -9.26 25.91
OBA XLN Q . 24.15 -9.06 26.03
OBB XLN Q . 25.82 -9.68 24.04
OBB XLN Q . 25.63 -9.56 24.03
PAZ XLN Q . 25.30 -8.67 25.03
PAZ XLN Q . 25.24 -8.53 25.11
SAF XLN Q . 16.76 -3.63 13.40
SAF XLN Q . 16.91 -3.65 13.28
CAA XLN R . 16.85 16.54 1.28
CAA XLN R . 15.20 14.18 7.66
CAB XLN R . 16.06 15.25 1.45
CAB XLN R . 15.35 13.28 6.44
CAC XLN R . 15.99 14.97 2.94
CAC XLN R . 14.99 14.03 5.15
CAD XLN R . 15.46 13.61 3.19
CAD XLN R . 15.21 13.23 3.89
CAE XLN R . 16.21 12.63 3.68
CAE XLN R . 16.40 12.74 3.56
CAI XLN R . 19.58 11.89 2.59
CAI XLN R . 19.60 11.89 2.98
CAJ XLN R . 20.96 11.94 3.21
CAJ XLN R . 21.07 11.94 3.34
CAL XLN R . 22.47 13.55 2.24
CAL XLN R . 22.39 13.65 2.33
CAM XLN R . 23.34 14.73 2.57
CAM XLN R . 23.24 14.85 2.61
CAN XLN R . 24.18 15.18 1.39
CAN XLN R . 24.11 15.21 1.43
CAQ XLN R . 25.00 17.40 0.91
CAQ XLN R . 24.90 17.42 0.91
CAR XLN R . 25.81 18.58 1.30
CAR XLN R . 25.75 18.59 1.27
CAS XLN R . 24.88 19.52 2.04
CAS XLN R . 24.87 19.55 2.06
CAT XLN R . 25.48 20.92 2.10
CAT XLN R . 25.49 20.93 2.09
CAW XLN R . 23.57 19.56 1.30
CAW XLN R . 23.52 19.60 1.39
CAX XLN R . 24.64 19.03 3.45
CAX XLN R . 24.69 19.04 3.47
CBD XLN R . 18.75 13.12 2.91
CBD XLN R . 18.95 13.20 3.31
NAK XLN R . 21.56 13.24 3.12
NAK XLN R . 21.59 13.27 3.28
NAP XLN R . 24.99 16.34 1.71
NAP XLN R . 24.93 16.37 1.70
OAG XLN R . 18.09 11.58 4.75
OAG XLN R . 18.00 11.72 5.06
OAH XLN R . 17.76 13.79 5.08
OAH XLN R . 17.69 13.95 5.27
OAO XLN R . 22.60 12.96 1.20
OAO XLN R . 22.45 13.07 1.28
OAU XLN R . 24.36 17.45 -0.10
OAU XLN R . 24.20 17.49 -0.06
OAV XLN R . 26.89 18.16 2.13
OAV XLN R . 26.87 18.16 2.03
OAY XLN R . 25.34 21.56 0.84
OAY XLN R . 25.33 21.56 0.84
OBA XLN R . 24.70 23.82 1.51
OBA XLN R . 24.92 23.87 1.52
OBB XLN R . 25.56 23.51 -0.73
OBB XLN R . 25.58 23.47 -0.77
PAZ XLN R . 25.72 23.10 0.70
PAZ XLN R . 25.81 23.06 0.65
SAF XLN R . 17.71 12.77 4.12
SAF XLN R . 17.73 12.90 4.36
#